data_1ALU
# 
_entry.id   1ALU 
# 
_audit_conform.dict_name       mmcif_pdbx.dic 
_audit_conform.dict_version    5.397 
_audit_conform.dict_location   http://mmcif.pdb.org/dictionaries/ascii/mmcif_pdbx.dic 
# 
loop_
_database_2.database_id 
_database_2.database_code 
_database_2.pdbx_database_accession 
_database_2.pdbx_DOI 
PDB   1ALU         pdb_00001alu 10.2210/pdb1alu/pdb 
WWPDB D_1000170977 ?            ?                   
# 
loop_
_pdbx_audit_revision_history.ordinal 
_pdbx_audit_revision_history.data_content_type 
_pdbx_audit_revision_history.major_revision 
_pdbx_audit_revision_history.minor_revision 
_pdbx_audit_revision_history.revision_date 
1 'Structure model' 1 0 1998-06-03 
2 'Structure model' 1 1 2008-03-24 
3 'Structure model' 1 2 2011-07-13 
4 'Structure model' 1 3 2024-10-23 
# 
_pdbx_audit_revision_details.ordinal             1 
_pdbx_audit_revision_details.revision_ordinal    1 
_pdbx_audit_revision_details.data_content_type   'Structure model' 
_pdbx_audit_revision_details.provider            repository 
_pdbx_audit_revision_details.type                'Initial release' 
_pdbx_audit_revision_details.description         ? 
_pdbx_audit_revision_details.details             ? 
# 
loop_
_pdbx_audit_revision_group.ordinal 
_pdbx_audit_revision_group.revision_ordinal 
_pdbx_audit_revision_group.data_content_type 
_pdbx_audit_revision_group.group 
1 2 'Structure model' 'Version format compliance' 
2 3 'Structure model' 'Derived calculations'      
3 3 'Structure model' 'Version format compliance' 
4 4 'Structure model' 'Data collection'           
5 4 'Structure model' 'Database references'       
6 4 'Structure model' 'Derived calculations'      
7 4 'Structure model' 'Refinement description'    
8 4 'Structure model' 'Structure summary'         
# 
loop_
_pdbx_audit_revision_category.ordinal 
_pdbx_audit_revision_category.revision_ordinal 
_pdbx_audit_revision_category.data_content_type 
_pdbx_audit_revision_category.category 
1 4 'Structure model' chem_comp_atom            
2 4 'Structure model' chem_comp_bond            
3 4 'Structure model' database_2                
4 4 'Structure model' pdbx_entry_details        
5 4 'Structure model' pdbx_modification_feature 
6 4 'Structure model' software                  
7 4 'Structure model' struct_site               
# 
loop_
_pdbx_audit_revision_item.ordinal 
_pdbx_audit_revision_item.revision_ordinal 
_pdbx_audit_revision_item.data_content_type 
_pdbx_audit_revision_item.item 
1 4 'Structure model' '_database_2.pdbx_DOI'                
2 4 'Structure model' '_database_2.pdbx_database_accession' 
3 4 'Structure model' '_software.name'                      
4 4 'Structure model' '_struct_site.pdbx_auth_asym_id'      
5 4 'Structure model' '_struct_site.pdbx_auth_comp_id'      
6 4 'Structure model' '_struct_site.pdbx_auth_seq_id'       
# 
_pdbx_database_status.status_code                     REL 
_pdbx_database_status.entry_id                        1ALU 
_pdbx_database_status.recvd_initial_deposition_date   1997-06-03 
_pdbx_database_status.deposit_site                    ? 
_pdbx_database_status.process_site                    BNL 
_pdbx_database_status.SG_entry                        . 
_pdbx_database_status.pdb_format_compatible           Y 
_pdbx_database_status.status_code_mr                  ? 
_pdbx_database_status.status_code_sf                  ? 
_pdbx_database_status.status_code_cs                  ? 
_pdbx_database_status.status_code_nmr_data            ? 
_pdbx_database_status.methods_development_category    ? 
# 
loop_
_audit_author.name 
_audit_author.pdbx_ordinal 
'Somers, W.S.' 1 
'Stahl, M.'    2 
'Seehra, J.S.' 3 
# 
_citation.id                        primary 
_citation.title                     
'1.9 A crystal structure of interleukin 6: implications for a novel mode of receptor dimerization and signaling.' 
_citation.journal_abbrev            'EMBO J.' 
_citation.journal_volume            16 
_citation.page_first                989 
_citation.page_last                 997 
_citation.year                      1997 
_citation.journal_id_ASTM           EMJODG 
_citation.country                   UK 
_citation.journal_id_ISSN           0261-4189 
_citation.journal_id_CSD            0897 
_citation.book_publisher            ? 
_citation.pdbx_database_id_PubMed   9118960 
_citation.pdbx_database_id_DOI      10.1093/emboj/16.5.989 
# 
loop_
_citation_author.citation_id 
_citation_author.name 
_citation_author.ordinal 
_citation_author.identifier_ORCID 
primary 'Somers, W.'   1 ? 
primary 'Stahl, M.'    2 ? 
primary 'Seehra, J.S.' 3 ? 
# 
loop_
_entity.id 
_entity.type 
_entity.src_method 
_entity.pdbx_description 
_entity.formula_weight 
_entity.pdbx_number_of_molecules 
_entity.pdbx_ec 
_entity.pdbx_mutation 
_entity.pdbx_fragment 
_entity.details 
1 polymer     man INTERLEUKIN-6        21137.156 1   ? ? ? ? 
2 non-polymer syn 'SULFATE ION'        96.063    4   ? ? ? ? 
3 non-polymer syn 'L(+)-TARTARIC ACID' 150.087   1   ? ? ? ? 
4 water       nat water                18.015    120 ? ? ? ? 
# 
_entity_poly.entity_id                      1 
_entity_poly.type                           'polypeptide(L)' 
_entity_poly.nstd_linkage                   no 
_entity_poly.nstd_monomer                   no 
_entity_poly.pdbx_seq_one_letter_code       
;MAPVPPGEDSKDVAAPHRQPLTSSERIDKQIRYILDGISALRKETCNKSNMCESSKEALAENNLNLPKMAEKDGCFQSGF
NEETCLVKIITGLLEFEVYLEYLQNRFESSEEQARAVQMSTKVLIQFLQKKAKNLDAITTPDPTTNASLLTKLQAQNQWL
QDMTTHLILRSFKEFLQSSLRALRQM
;
_entity_poly.pdbx_seq_one_letter_code_can   
;MAPVPPGEDSKDVAAPHRQPLTSSERIDKQIRYILDGISALRKETCNKSNMCESSKEALAENNLNLPKMAEKDGCFQSGF
NEETCLVKIITGLLEFEVYLEYLQNRFESSEEQARAVQMSTKVLIQFLQKKAKNLDAITTPDPTTNASLLTKLQAQNQWL
QDMTTHLILRSFKEFLQSSLRALRQM
;
_entity_poly.pdbx_strand_id                 A 
_entity_poly.pdbx_target_identifier         ? 
# 
loop_
_pdbx_entity_nonpoly.entity_id 
_pdbx_entity_nonpoly.name 
_pdbx_entity_nonpoly.comp_id 
2 'SULFATE ION'        SO4 
3 'L(+)-TARTARIC ACID' TLA 
4 water                HOH 
# 
loop_
_entity_poly_seq.entity_id 
_entity_poly_seq.num 
_entity_poly_seq.mon_id 
_entity_poly_seq.hetero 
1 1   MET n 
1 2   ALA n 
1 3   PRO n 
1 4   VAL n 
1 5   PRO n 
1 6   PRO n 
1 7   GLY n 
1 8   GLU n 
1 9   ASP n 
1 10  SER n 
1 11  LYS n 
1 12  ASP n 
1 13  VAL n 
1 14  ALA n 
1 15  ALA n 
1 16  PRO n 
1 17  HIS n 
1 18  ARG n 
1 19  GLN n 
1 20  PRO n 
1 21  LEU n 
1 22  THR n 
1 23  SER n 
1 24  SER n 
1 25  GLU n 
1 26  ARG n 
1 27  ILE n 
1 28  ASP n 
1 29  LYS n 
1 30  GLN n 
1 31  ILE n 
1 32  ARG n 
1 33  TYR n 
1 34  ILE n 
1 35  LEU n 
1 36  ASP n 
1 37  GLY n 
1 38  ILE n 
1 39  SER n 
1 40  ALA n 
1 41  LEU n 
1 42  ARG n 
1 43  LYS n 
1 44  GLU n 
1 45  THR n 
1 46  CYS n 
1 47  ASN n 
1 48  LYS n 
1 49  SER n 
1 50  ASN n 
1 51  MET n 
1 52  CYS n 
1 53  GLU n 
1 54  SER n 
1 55  SER n 
1 56  LYS n 
1 57  GLU n 
1 58  ALA n 
1 59  LEU n 
1 60  ALA n 
1 61  GLU n 
1 62  ASN n 
1 63  ASN n 
1 64  LEU n 
1 65  ASN n 
1 66  LEU n 
1 67  PRO n 
1 68  LYS n 
1 69  MET n 
1 70  ALA n 
1 71  GLU n 
1 72  LYS n 
1 73  ASP n 
1 74  GLY n 
1 75  CYS n 
1 76  PHE n 
1 77  GLN n 
1 78  SER n 
1 79  GLY n 
1 80  PHE n 
1 81  ASN n 
1 82  GLU n 
1 83  GLU n 
1 84  THR n 
1 85  CYS n 
1 86  LEU n 
1 87  VAL n 
1 88  LYS n 
1 89  ILE n 
1 90  ILE n 
1 91  THR n 
1 92  GLY n 
1 93  LEU n 
1 94  LEU n 
1 95  GLU n 
1 96  PHE n 
1 97  GLU n 
1 98  VAL n 
1 99  TYR n 
1 100 LEU n 
1 101 GLU n 
1 102 TYR n 
1 103 LEU n 
1 104 GLN n 
1 105 ASN n 
1 106 ARG n 
1 107 PHE n 
1 108 GLU n 
1 109 SER n 
1 110 SER n 
1 111 GLU n 
1 112 GLU n 
1 113 GLN n 
1 114 ALA n 
1 115 ARG n 
1 116 ALA n 
1 117 VAL n 
1 118 GLN n 
1 119 MET n 
1 120 SER n 
1 121 THR n 
1 122 LYS n 
1 123 VAL n 
1 124 LEU n 
1 125 ILE n 
1 126 GLN n 
1 127 PHE n 
1 128 LEU n 
1 129 GLN n 
1 130 LYS n 
1 131 LYS n 
1 132 ALA n 
1 133 LYS n 
1 134 ASN n 
1 135 LEU n 
1 136 ASP n 
1 137 ALA n 
1 138 ILE n 
1 139 THR n 
1 140 THR n 
1 141 PRO n 
1 142 ASP n 
1 143 PRO n 
1 144 THR n 
1 145 THR n 
1 146 ASN n 
1 147 ALA n 
1 148 SER n 
1 149 LEU n 
1 150 LEU n 
1 151 THR n 
1 152 LYS n 
1 153 LEU n 
1 154 GLN n 
1 155 ALA n 
1 156 GLN n 
1 157 ASN n 
1 158 GLN n 
1 159 TRP n 
1 160 LEU n 
1 161 GLN n 
1 162 ASP n 
1 163 MET n 
1 164 THR n 
1 165 THR n 
1 166 HIS n 
1 167 LEU n 
1 168 ILE n 
1 169 LEU n 
1 170 ARG n 
1 171 SER n 
1 172 PHE n 
1 173 LYS n 
1 174 GLU n 
1 175 PHE n 
1 176 LEU n 
1 177 GLN n 
1 178 SER n 
1 179 SER n 
1 180 LEU n 
1 181 ARG n 
1 182 ALA n 
1 183 LEU n 
1 184 ARG n 
1 185 GLN n 
1 186 MET n 
# 
_entity_src_gen.entity_id                          1 
_entity_src_gen.pdbx_src_id                        1 
_entity_src_gen.pdbx_alt_source_flag               sample 
_entity_src_gen.pdbx_seq_type                      ? 
_entity_src_gen.pdbx_beg_seq_num                   ? 
_entity_src_gen.pdbx_end_seq_num                   ? 
_entity_src_gen.gene_src_common_name               human 
_entity_src_gen.gene_src_genus                     Homo 
_entity_src_gen.pdbx_gene_src_gene                 ? 
_entity_src_gen.gene_src_species                   ? 
_entity_src_gen.gene_src_strain                    ? 
_entity_src_gen.gene_src_tissue                    ? 
_entity_src_gen.gene_src_tissue_fraction           ? 
_entity_src_gen.gene_src_details                   ? 
_entity_src_gen.pdbx_gene_src_fragment             ? 
_entity_src_gen.pdbx_gene_src_scientific_name      'Homo sapiens' 
_entity_src_gen.pdbx_gene_src_ncbi_taxonomy_id     9606 
_entity_src_gen.pdbx_gene_src_variant              ? 
_entity_src_gen.pdbx_gene_src_cell_line            ? 
_entity_src_gen.pdbx_gene_src_atcc                 ? 
_entity_src_gen.pdbx_gene_src_organ                ? 
_entity_src_gen.pdbx_gene_src_organelle            ? 
_entity_src_gen.pdbx_gene_src_cell                 ? 
_entity_src_gen.pdbx_gene_src_cellular_location    ? 
_entity_src_gen.host_org_common_name               ? 
_entity_src_gen.pdbx_host_org_scientific_name      'Escherichia coli' 
_entity_src_gen.pdbx_host_org_ncbi_taxonomy_id     562 
_entity_src_gen.host_org_genus                     Escherichia 
_entity_src_gen.pdbx_host_org_gene                 ? 
_entity_src_gen.pdbx_host_org_organ                ? 
_entity_src_gen.host_org_species                   ? 
_entity_src_gen.pdbx_host_org_tissue               ? 
_entity_src_gen.pdbx_host_org_tissue_fraction      ? 
_entity_src_gen.pdbx_host_org_strain               ? 
_entity_src_gen.pdbx_host_org_variant              ? 
_entity_src_gen.pdbx_host_org_cell_line            ? 
_entity_src_gen.pdbx_host_org_atcc                 ? 
_entity_src_gen.pdbx_host_org_culture_collection   ? 
_entity_src_gen.pdbx_host_org_cell                 ? 
_entity_src_gen.pdbx_host_org_organelle            ? 
_entity_src_gen.pdbx_host_org_cellular_location    ? 
_entity_src_gen.pdbx_host_org_vector_type          ? 
_entity_src_gen.pdbx_host_org_vector               ? 
_entity_src_gen.host_org_details                   ? 
_entity_src_gen.expression_system_id               ? 
_entity_src_gen.plasmid_name                       ? 
_entity_src_gen.plasmid_details                    ? 
_entity_src_gen.pdbx_description                   ? 
# 
loop_
_chem_comp.id 
_chem_comp.type 
_chem_comp.mon_nstd_flag 
_chem_comp.name 
_chem_comp.pdbx_synonyms 
_chem_comp.formula 
_chem_comp.formula_weight 
ALA 'L-peptide linking' y ALANINE              ? 'C3 H7 N O2'     89.093  
ARG 'L-peptide linking' y ARGININE             ? 'C6 H15 N4 O2 1' 175.209 
ASN 'L-peptide linking' y ASPARAGINE           ? 'C4 H8 N2 O3'    132.118 
ASP 'L-peptide linking' y 'ASPARTIC ACID'      ? 'C4 H7 N O4'     133.103 
CYS 'L-peptide linking' y CYSTEINE             ? 'C3 H7 N O2 S'   121.158 
GLN 'L-peptide linking' y GLUTAMINE            ? 'C5 H10 N2 O3'   146.144 
GLU 'L-peptide linking' y 'GLUTAMIC ACID'      ? 'C5 H9 N O4'     147.129 
GLY 'peptide linking'   y GLYCINE              ? 'C2 H5 N O2'     75.067  
HIS 'L-peptide linking' y HISTIDINE            ? 'C6 H10 N3 O2 1' 156.162 
HOH non-polymer         . WATER                ? 'H2 O'           18.015  
ILE 'L-peptide linking' y ISOLEUCINE           ? 'C6 H13 N O2'    131.173 
LEU 'L-peptide linking' y LEUCINE              ? 'C6 H13 N O2'    131.173 
LYS 'L-peptide linking' y LYSINE               ? 'C6 H15 N2 O2 1' 147.195 
MET 'L-peptide linking' y METHIONINE           ? 'C5 H11 N O2 S'  149.211 
PHE 'L-peptide linking' y PHENYLALANINE        ? 'C9 H11 N O2'    165.189 
PRO 'L-peptide linking' y PROLINE              ? 'C5 H9 N O2'     115.130 
SER 'L-peptide linking' y SERINE               ? 'C3 H7 N O3'     105.093 
SO4 non-polymer         . 'SULFATE ION'        ? 'O4 S -2'        96.063  
THR 'L-peptide linking' y THREONINE            ? 'C4 H9 N O3'     119.119 
TLA non-polymer         . 'L(+)-TARTARIC ACID' ? 'C4 H6 O6'       150.087 
TRP 'L-peptide linking' y TRYPTOPHAN           ? 'C11 H12 N2 O2'  204.225 
TYR 'L-peptide linking' y TYROSINE             ? 'C9 H11 N O3'    181.189 
VAL 'L-peptide linking' y VALINE               ? 'C5 H11 N O2'    117.146 
# 
loop_
_pdbx_poly_seq_scheme.asym_id 
_pdbx_poly_seq_scheme.entity_id 
_pdbx_poly_seq_scheme.seq_id 
_pdbx_poly_seq_scheme.mon_id 
_pdbx_poly_seq_scheme.ndb_seq_num 
_pdbx_poly_seq_scheme.pdb_seq_num 
_pdbx_poly_seq_scheme.auth_seq_num 
_pdbx_poly_seq_scheme.pdb_mon_id 
_pdbx_poly_seq_scheme.auth_mon_id 
_pdbx_poly_seq_scheme.pdb_strand_id 
_pdbx_poly_seq_scheme.pdb_ins_code 
_pdbx_poly_seq_scheme.hetero 
A 1 1   MET 1   -1  ?   ?   ?   A . n 
A 1 2   ALA 2   0   ?   ?   ?   A . n 
A 1 3   PRO 3   1   ?   ?   ?   A . n 
A 1 4   VAL 4   2   ?   ?   ?   A . n 
A 1 5   PRO 5   3   ?   ?   ?   A . n 
A 1 6   PRO 6   4   ?   ?   ?   A . n 
A 1 7   GLY 7   5   ?   ?   ?   A . n 
A 1 8   GLU 8   6   ?   ?   ?   A . n 
A 1 9   ASP 9   7   ?   ?   ?   A . n 
A 1 10  SER 10  8   ?   ?   ?   A . n 
A 1 11  LYS 11  9   ?   ?   ?   A . n 
A 1 12  ASP 12  10  ?   ?   ?   A . n 
A 1 13  VAL 13  11  ?   ?   ?   A . n 
A 1 14  ALA 14  12  ?   ?   ?   A . n 
A 1 15  ALA 15  13  ?   ?   ?   A . n 
A 1 16  PRO 16  14  ?   ?   ?   A . n 
A 1 17  HIS 17  15  ?   ?   ?   A . n 
A 1 18  ARG 18  16  ?   ?   ?   A . n 
A 1 19  GLN 19  17  ?   ?   ?   A . n 
A 1 20  PRO 20  18  ?   ?   ?   A . n 
A 1 21  LEU 21  19  19  LEU LEU A . n 
A 1 22  THR 22  20  20  THR THR A . n 
A 1 23  SER 23  21  21  SER SER A . n 
A 1 24  SER 24  22  22  SER SER A . n 
A 1 25  GLU 25  23  23  GLU GLU A . n 
A 1 26  ARG 26  24  24  ARG ARG A . n 
A 1 27  ILE 27  25  25  ILE ILE A . n 
A 1 28  ASP 28  26  26  ASP ASP A . n 
A 1 29  LYS 29  27  27  LYS LYS A . n 
A 1 30  GLN 30  28  28  GLN GLN A . n 
A 1 31  ILE 31  29  29  ILE ILE A . n 
A 1 32  ARG 32  30  30  ARG ARG A . n 
A 1 33  TYR 33  31  31  TYR TYR A . n 
A 1 34  ILE 34  32  32  ILE ILE A . n 
A 1 35  LEU 35  33  33  LEU LEU A . n 
A 1 36  ASP 36  34  34  ASP ASP A . n 
A 1 37  GLY 37  35  35  GLY GLY A . n 
A 1 38  ILE 38  36  36  ILE ILE A . n 
A 1 39  SER 39  37  37  SER SER A . n 
A 1 40  ALA 40  38  38  ALA ALA A . n 
A 1 41  LEU 41  39  39  LEU LEU A . n 
A 1 42  ARG 42  40  40  ARG ARG A . n 
A 1 43  LYS 43  41  41  LYS LYS A . n 
A 1 44  GLU 44  42  42  GLU GLU A . n 
A 1 45  THR 45  43  43  THR THR A . n 
A 1 46  CYS 46  44  44  CYS CYS A . n 
A 1 47  ASN 47  45  45  ASN ASN A . n 
A 1 48  LYS 48  46  46  LYS LYS A . n 
A 1 49  SER 49  47  47  SER SER A . n 
A 1 50  ASN 50  48  48  ASN ASN A . n 
A 1 51  MET 51  49  49  MET MET A . n 
A 1 52  CYS 52  50  50  CYS CYS A . n 
A 1 53  GLU 53  51  51  GLU GLU A . n 
A 1 54  SER 54  52  ?   ?   ?   A . n 
A 1 55  SER 55  53  ?   ?   ?   A . n 
A 1 56  LYS 56  54  ?   ?   ?   A . n 
A 1 57  GLU 57  55  ?   ?   ?   A . n 
A 1 58  ALA 58  56  ?   ?   ?   A . n 
A 1 59  LEU 59  57  ?   ?   ?   A . n 
A 1 60  ALA 60  58  ?   ?   ?   A . n 
A 1 61  GLU 61  59  ?   ?   ?   A . n 
A 1 62  ASN 62  60  ?   ?   ?   A . n 
A 1 63  ASN 63  61  61  ASN ASN A . n 
A 1 64  LEU 64  62  62  LEU LEU A . n 
A 1 65  ASN 65  63  63  ASN ASN A . n 
A 1 66  LEU 66  64  64  LEU LEU A . n 
A 1 67  PRO 67  65  65  PRO PRO A . n 
A 1 68  LYS 68  66  66  LYS LYS A . n 
A 1 69  MET 69  67  67  MET MET A . n 
A 1 70  ALA 70  68  68  ALA ALA A . n 
A 1 71  GLU 71  69  69  GLU GLU A . n 
A 1 72  LYS 72  70  70  LYS LYS A . n 
A 1 73  ASP 73  71  71  ASP ASP A . n 
A 1 74  GLY 74  72  72  GLY GLY A . n 
A 1 75  CYS 75  73  73  CYS CYS A . n 
A 1 76  PHE 76  74  74  PHE PHE A . n 
A 1 77  GLN 77  75  75  GLN GLN A . n 
A 1 78  SER 78  76  76  SER SER A . n 
A 1 79  GLY 79  77  77  GLY GLY A . n 
A 1 80  PHE 80  78  78  PHE PHE A . n 
A 1 81  ASN 81  79  79  ASN ASN A . n 
A 1 82  GLU 82  80  80  GLU GLU A . n 
A 1 83  GLU 83  81  81  GLU GLU A . n 
A 1 84  THR 84  82  82  THR THR A . n 
A 1 85  CYS 85  83  83  CYS CYS A . n 
A 1 86  LEU 86  84  84  LEU LEU A . n 
A 1 87  VAL 87  85  85  VAL VAL A . n 
A 1 88  LYS 88  86  86  LYS LYS A . n 
A 1 89  ILE 89  87  87  ILE ILE A . n 
A 1 90  ILE 90  88  88  ILE ILE A . n 
A 1 91  THR 91  89  89  THR THR A . n 
A 1 92  GLY 92  90  90  GLY GLY A . n 
A 1 93  LEU 93  91  91  LEU LEU A . n 
A 1 94  LEU 94  92  92  LEU LEU A . n 
A 1 95  GLU 95  93  93  GLU GLU A . n 
A 1 96  PHE 96  94  94  PHE PHE A . n 
A 1 97  GLU 97  95  95  GLU GLU A . n 
A 1 98  VAL 98  96  96  VAL VAL A . n 
A 1 99  TYR 99  97  97  TYR TYR A . n 
A 1 100 LEU 100 98  98  LEU LEU A . n 
A 1 101 GLU 101 99  99  GLU GLU A . n 
A 1 102 TYR 102 100 100 TYR TYR A . n 
A 1 103 LEU 103 101 101 LEU LEU A . n 
A 1 104 GLN 104 102 102 GLN GLN A . n 
A 1 105 ASN 105 103 103 ASN ASN A . n 
A 1 106 ARG 106 104 104 ARG ARG A . n 
A 1 107 PHE 107 105 105 PHE PHE A . n 
A 1 108 GLU 108 106 106 GLU GLU A . n 
A 1 109 SER 109 107 107 SER SER A . n 
A 1 110 SER 110 108 108 SER SER A . n 
A 1 111 GLU 111 109 109 GLU GLU A . n 
A 1 112 GLU 112 110 110 GLU GLU A . n 
A 1 113 GLN 113 111 111 GLN GLN A . n 
A 1 114 ALA 114 112 112 ALA ALA A . n 
A 1 115 ARG 115 113 113 ARG ARG A . n 
A 1 116 ALA 116 114 114 ALA ALA A . n 
A 1 117 VAL 117 115 115 VAL VAL A . n 
A 1 118 GLN 118 116 116 GLN GLN A . n 
A 1 119 MET 119 117 117 MET MET A . n 
A 1 120 SER 120 118 118 SER SER A . n 
A 1 121 THR 121 119 119 THR THR A . n 
A 1 122 LYS 122 120 120 LYS LYS A . n 
A 1 123 VAL 123 121 121 VAL VAL A . n 
A 1 124 LEU 124 122 122 LEU LEU A . n 
A 1 125 ILE 125 123 123 ILE ILE A . n 
A 1 126 GLN 126 124 124 GLN GLN A . n 
A 1 127 PHE 127 125 125 PHE PHE A . n 
A 1 128 LEU 128 126 126 LEU LEU A . n 
A 1 129 GLN 129 127 127 GLN GLN A . n 
A 1 130 LYS 130 128 128 LYS LYS A . n 
A 1 131 LYS 131 129 129 LYS LYS A . n 
A 1 132 ALA 132 130 130 ALA ALA A . n 
A 1 133 LYS 133 131 131 LYS LYS A . n 
A 1 134 ASN 134 132 132 ASN ASN A . n 
A 1 135 LEU 135 133 133 LEU LEU A . n 
A 1 136 ASP 136 134 134 ASP ASP A . n 
A 1 137 ALA 137 135 135 ALA ALA A . n 
A 1 138 ILE 138 136 136 ILE ILE A . n 
A 1 139 THR 139 137 137 THR THR A . n 
A 1 140 THR 140 138 138 THR THR A . n 
A 1 141 PRO 141 139 139 PRO PRO A . n 
A 1 142 ASP 142 140 140 ASP ASP A . n 
A 1 143 PRO 143 141 141 PRO PRO A . n 
A 1 144 THR 144 142 142 THR THR A . n 
A 1 145 THR 145 143 143 THR THR A . n 
A 1 146 ASN 146 144 144 ASN ASN A . n 
A 1 147 ALA 147 145 145 ALA ALA A . n 
A 1 148 SER 148 146 146 SER SER A . n 
A 1 149 LEU 149 147 147 LEU LEU A . n 
A 1 150 LEU 150 148 148 LEU LEU A . n 
A 1 151 THR 151 149 149 THR THR A . n 
A 1 152 LYS 152 150 150 LYS LYS A . n 
A 1 153 LEU 153 151 151 LEU LEU A . n 
A 1 154 GLN 154 152 152 GLN GLN A . n 
A 1 155 ALA 155 153 153 ALA ALA A . n 
A 1 156 GLN 156 154 154 GLN GLN A . n 
A 1 157 ASN 157 155 155 ASN ASN A . n 
A 1 158 GLN 158 156 156 GLN GLN A . n 
A 1 159 TRP 159 157 157 TRP TRP A . n 
A 1 160 LEU 160 158 158 LEU LEU A . n 
A 1 161 GLN 161 159 159 GLN GLN A . n 
A 1 162 ASP 162 160 160 ASP ASP A . n 
A 1 163 MET 163 161 161 MET MET A . n 
A 1 164 THR 164 162 162 THR THR A . n 
A 1 165 THR 165 163 163 THR THR A . n 
A 1 166 HIS 166 164 164 HIS HIS A . n 
A 1 167 LEU 167 165 165 LEU LEU A . n 
A 1 168 ILE 168 166 166 ILE ILE A . n 
A 1 169 LEU 169 167 167 LEU LEU A . n 
A 1 170 ARG 170 168 168 ARG ARG A . n 
A 1 171 SER 171 169 169 SER SER A . n 
A 1 172 PHE 172 170 170 PHE PHE A . n 
A 1 173 LYS 173 171 171 LYS LYS A . n 
A 1 174 GLU 174 172 172 GLU GLU A . n 
A 1 175 PHE 175 173 173 PHE PHE A . n 
A 1 176 LEU 176 174 174 LEU LEU A . n 
A 1 177 GLN 177 175 175 GLN GLN A . n 
A 1 178 SER 178 176 176 SER SER A . n 
A 1 179 SER 179 177 177 SER SER A . n 
A 1 180 LEU 180 178 178 LEU LEU A . n 
A 1 181 ARG 181 179 179 ARG ARG A . n 
A 1 182 ALA 182 180 180 ALA ALA A . n 
A 1 183 LEU 183 181 181 LEU LEU A . n 
A 1 184 ARG 184 182 182 ARG ARG A . n 
A 1 185 GLN 185 183 183 GLN GLN A . n 
A 1 186 MET 186 184 184 MET MET A . n 
# 
loop_
_pdbx_nonpoly_scheme.asym_id 
_pdbx_nonpoly_scheme.entity_id 
_pdbx_nonpoly_scheme.mon_id 
_pdbx_nonpoly_scheme.ndb_seq_num 
_pdbx_nonpoly_scheme.pdb_seq_num 
_pdbx_nonpoly_scheme.auth_seq_num 
_pdbx_nonpoly_scheme.pdb_mon_id 
_pdbx_nonpoly_scheme.auth_mon_id 
_pdbx_nonpoly_scheme.pdb_strand_id 
_pdbx_nonpoly_scheme.pdb_ins_code 
B 2 SO4 1   290 290 SO4 SO4 A . 
C 2 SO4 1   291 291 SO4 SO4 A . 
D 2 SO4 1   292 292 SO4 SO4 A . 
E 2 SO4 1   293 293 SO4 SO4 A . 
F 3 TLA 1   300 300 TLA TAR A . 
G 4 HOH 1   301 1   HOH HOH A . 
G 4 HOH 2   302 2   HOH HOH A . 
G 4 HOH 3   303 3   HOH HOH A . 
G 4 HOH 4   304 4   HOH HOH A . 
G 4 HOH 5   305 5   HOH HOH A . 
G 4 HOH 6   306 6   HOH HOH A . 
G 4 HOH 7   307 8   HOH HOH A . 
G 4 HOH 8   308 9   HOH HOH A . 
G 4 HOH 9   309 10  HOH HOH A . 
G 4 HOH 10  310 11  HOH HOH A . 
G 4 HOH 11  311 12  HOH HOH A . 
G 4 HOH 12  312 13  HOH HOH A . 
G 4 HOH 13  313 14  HOH HOH A . 
G 4 HOH 14  314 15  HOH HOH A . 
G 4 HOH 15  315 16  HOH HOH A . 
G 4 HOH 16  316 17  HOH HOH A . 
G 4 HOH 17  317 18  HOH HOH A . 
G 4 HOH 18  318 19  HOH HOH A . 
G 4 HOH 19  319 20  HOH HOH A . 
G 4 HOH 20  320 21  HOH HOH A . 
G 4 HOH 21  321 22  HOH HOH A . 
G 4 HOH 22  322 23  HOH HOH A . 
G 4 HOH 23  323 24  HOH HOH A . 
G 4 HOH 24  324 25  HOH HOH A . 
G 4 HOH 25  325 26  HOH HOH A . 
G 4 HOH 26  326 27  HOH HOH A . 
G 4 HOH 27  327 28  HOH HOH A . 
G 4 HOH 28  328 29  HOH HOH A . 
G 4 HOH 29  329 30  HOH HOH A . 
G 4 HOH 30  330 31  HOH HOH A . 
G 4 HOH 31  331 32  HOH HOH A . 
G 4 HOH 32  332 33  HOH HOH A . 
G 4 HOH 33  333 34  HOH HOH A . 
G 4 HOH 34  334 35  HOH HOH A . 
G 4 HOH 35  335 36  HOH HOH A . 
G 4 HOH 36  336 37  HOH HOH A . 
G 4 HOH 37  337 38  HOH HOH A . 
G 4 HOH 38  338 39  HOH HOH A . 
G 4 HOH 39  339 40  HOH HOH A . 
G 4 HOH 40  340 41  HOH HOH A . 
G 4 HOH 41  341 42  HOH HOH A . 
G 4 HOH 42  342 43  HOH HOH A . 
G 4 HOH 43  343 44  HOH HOH A . 
G 4 HOH 44  344 45  HOH HOH A . 
G 4 HOH 45  345 46  HOH HOH A . 
G 4 HOH 46  346 47  HOH HOH A . 
G 4 HOH 47  347 48  HOH HOH A . 
G 4 HOH 48  348 49  HOH HOH A . 
G 4 HOH 49  349 50  HOH HOH A . 
G 4 HOH 50  350 51  HOH HOH A . 
G 4 HOH 51  351 52  HOH HOH A . 
G 4 HOH 52  352 53  HOH HOH A . 
G 4 HOH 53  353 54  HOH HOH A . 
G 4 HOH 54  354 55  HOH HOH A . 
G 4 HOH 55  355 56  HOH HOH A . 
G 4 HOH 56  356 57  HOH HOH A . 
G 4 HOH 57  357 58  HOH HOH A . 
G 4 HOH 58  358 59  HOH HOH A . 
G 4 HOH 59  359 60  HOH HOH A . 
G 4 HOH 60  360 61  HOH HOH A . 
G 4 HOH 61  361 62  HOH HOH A . 
G 4 HOH 62  362 63  HOH HOH A . 
G 4 HOH 63  363 64  HOH HOH A . 
G 4 HOH 64  364 65  HOH HOH A . 
G 4 HOH 65  365 66  HOH HOH A . 
G 4 HOH 66  366 67  HOH HOH A . 
G 4 HOH 67  367 68  HOH HOH A . 
G 4 HOH 68  368 69  HOH HOH A . 
G 4 HOH 69  369 70  HOH HOH A . 
G 4 HOH 70  370 71  HOH HOH A . 
G 4 HOH 71  371 72  HOH HOH A . 
G 4 HOH 72  372 73  HOH HOH A . 
G 4 HOH 73  373 74  HOH HOH A . 
G 4 HOH 74  374 75  HOH HOH A . 
G 4 HOH 75  375 76  HOH HOH A . 
G 4 HOH 76  376 77  HOH HOH A . 
G 4 HOH 77  377 78  HOH HOH A . 
G 4 HOH 78  378 79  HOH HOH A . 
G 4 HOH 79  379 80  HOH HOH A . 
G 4 HOH 80  380 81  HOH HOH A . 
G 4 HOH 81  381 82  HOH HOH A . 
G 4 HOH 82  382 83  HOH HOH A . 
G 4 HOH 83  383 84  HOH HOH A . 
G 4 HOH 84  384 85  HOH HOH A . 
G 4 HOH 85  385 86  HOH HOH A . 
G 4 HOH 86  386 87  HOH HOH A . 
G 4 HOH 87  387 88  HOH HOH A . 
G 4 HOH 88  388 89  HOH HOH A . 
G 4 HOH 89  389 90  HOH HOH A . 
G 4 HOH 90  390 91  HOH HOH A . 
G 4 HOH 91  391 92  HOH HOH A . 
G 4 HOH 92  392 93  HOH HOH A . 
G 4 HOH 93  393 94  HOH HOH A . 
G 4 HOH 94  394 95  HOH HOH A . 
G 4 HOH 95  395 96  HOH HOH A . 
G 4 HOH 96  396 97  HOH HOH A . 
G 4 HOH 97  397 98  HOH HOH A . 
G 4 HOH 98  398 99  HOH HOH A . 
G 4 HOH 99  399 100 HOH HOH A . 
G 4 HOH 100 400 101 HOH HOH A . 
G 4 HOH 101 401 102 HOH HOH A . 
G 4 HOH 102 402 103 HOH HOH A . 
G 4 HOH 103 403 104 HOH HOH A . 
G 4 HOH 104 404 105 HOH HOH A . 
G 4 HOH 105 405 106 HOH HOH A . 
G 4 HOH 106 406 107 HOH HOH A . 
G 4 HOH 107 407 108 HOH HOH A . 
G 4 HOH 108 408 109 HOH HOH A . 
G 4 HOH 109 409 110 HOH HOH A . 
G 4 HOH 110 410 111 HOH HOH A . 
G 4 HOH 111 411 112 HOH HOH A . 
G 4 HOH 112 412 113 HOH HOH A . 
G 4 HOH 113 413 114 HOH HOH A . 
G 4 HOH 114 414 115 HOH HOH A . 
G 4 HOH 115 415 116 HOH HOH A . 
G 4 HOH 116 416 117 HOH HOH A . 
G 4 HOH 117 417 118 HOH HOH A . 
G 4 HOH 118 418 119 HOH HOH A . 
G 4 HOH 119 419 120 HOH HOH A . 
G 4 HOH 120 420 121 HOH HOH A . 
# 
loop_
_pdbx_unobs_or_zero_occ_atoms.id 
_pdbx_unobs_or_zero_occ_atoms.PDB_model_num 
_pdbx_unobs_or_zero_occ_atoms.polymer_flag 
_pdbx_unobs_or_zero_occ_atoms.occupancy_flag 
_pdbx_unobs_or_zero_occ_atoms.auth_asym_id 
_pdbx_unobs_or_zero_occ_atoms.auth_comp_id 
_pdbx_unobs_or_zero_occ_atoms.auth_seq_id 
_pdbx_unobs_or_zero_occ_atoms.PDB_ins_code 
_pdbx_unobs_or_zero_occ_atoms.auth_atom_id 
_pdbx_unobs_or_zero_occ_atoms.label_alt_id 
_pdbx_unobs_or_zero_occ_atoms.label_asym_id 
_pdbx_unobs_or_zero_occ_atoms.label_comp_id 
_pdbx_unobs_or_zero_occ_atoms.label_seq_id 
_pdbx_unobs_or_zero_occ_atoms.label_atom_id 
1  1 Y 1 A ASN 61  ? CG  ? A ASN 63  CG  
2  1 Y 1 A ASN 61  ? OD1 ? A ASN 63  OD1 
3  1 Y 1 A ASN 61  ? ND2 ? A ASN 63  ND2 
4  1 Y 1 A ASN 63  ? CG  ? A ASN 65  CG  
5  1 Y 1 A ASN 63  ? OD1 ? A ASN 65  OD1 
6  1 Y 1 A ASN 63  ? ND2 ? A ASN 65  ND2 
7  1 Y 1 A GLU 81  ? CG  ? A GLU 83  CG  
8  1 Y 1 A GLU 81  ? CD  ? A GLU 83  CD  
9  1 Y 1 A GLU 81  ? OE1 ? A GLU 83  OE1 
10 1 Y 1 A GLU 81  ? OE2 ? A GLU 83  OE2 
11 1 Y 1 A LYS 131 ? CG  ? A LYS 133 CG  
12 1 Y 1 A LYS 131 ? CD  ? A LYS 133 CD  
13 1 Y 1 A LYS 131 ? CE  ? A LYS 133 CE  
14 1 Y 1 A LYS 131 ? NZ  ? A LYS 133 NZ  
15 1 Y 1 A ASN 132 ? CG  ? A ASN 134 CG  
16 1 Y 1 A ASN 132 ? OD1 ? A ASN 134 OD1 
17 1 Y 1 A ASN 132 ? ND2 ? A ASN 134 ND2 
# 
loop_
_software.name 
_software.classification 
_software.version 
_software.citation_id 
_software.pdbx_ordinal 
DENZO    'data reduction' .           ? 1 
ROTAVATA 'data reduction' .           ? 2 
Agrovata 'data reduction' .           ? 3 
MLPHARE  phasing          .           ? 4 
REFMAC   refinement       .           ? 5 
CCP4     'data scaling'   '(AGROVATA' ? 6 
ROTAVATA 'data scaling'   .           ? 7 
# 
_cell.entry_id           1ALU 
_cell.length_a           49.678 
_cell.length_b           49.678 
_cell.length_c           121.995 
_cell.angle_alpha        90.00 
_cell.angle_beta         90.00 
_cell.angle_gamma        120.00 
_cell.Z_PDB              6 
_cell.pdbx_unique_axis   ? 
# 
_symmetry.entry_id                         1ALU 
_symmetry.space_group_name_H-M             'P 31 2 1' 
_symmetry.pdbx_full_space_group_name_H-M   ? 
_symmetry.cell_setting                     ? 
_symmetry.Int_Tables_number                152 
# 
_exptl.entry_id          1ALU 
_exptl.method            'X-RAY DIFFRACTION' 
_exptl.crystals_number   1 
# 
_exptl_crystal.id                    1 
_exptl_crystal.density_meas          ? 
_exptl_crystal.density_Matthews      2.17 
_exptl_crystal.density_percent_sol   43. 
_exptl_crystal.description           ? 
# 
_exptl_crystal_grow.crystal_id      1 
_exptl_crystal_grow.method          ? 
_exptl_crystal_grow.temp            ? 
_exptl_crystal_grow.temp_details    ? 
_exptl_crystal_grow.pH              6.3 
_exptl_crystal_grow.pdbx_pH_range   ? 
_exptl_crystal_grow.pdbx_details    
;PROTEIN AT 15 MG/ML WAS CRYSTALLIZED FROM 1.8M AMMONIUM SULFATE, 300 MM SODIUM POTASSIUM TARTRATE, IN 100MM PH 6.3 SODIUM CITRATE BUFFER.
;
# 
_diffrn.id                     1 
_diffrn.ambient_temp           105 
_diffrn.ambient_temp_details   ? 
_diffrn.crystal_id             1 
# 
_diffrn_detector.diffrn_id              1 
_diffrn_detector.detector               'IMAGE PLATE' 
_diffrn_detector.type                   'RIGAKU RAXIS II' 
_diffrn_detector.pdbx_collection_date   1994-12 
_diffrn_detector.details                MIRRORS 
# 
_diffrn_radiation.diffrn_id                        1 
_diffrn_radiation.wavelength_id                    1 
_diffrn_radiation.pdbx_monochromatic_or_laue_m_l   M 
_diffrn_radiation.monochromator                    'NI FILTER' 
_diffrn_radiation.pdbx_diffrn_protocol             ? 
_diffrn_radiation.pdbx_scattering_type             x-ray 
# 
_diffrn_radiation_wavelength.id           1 
_diffrn_radiation_wavelength.wavelength   1.5418 
_diffrn_radiation_wavelength.wt           1.0 
# 
_diffrn_source.diffrn_id                   1 
_diffrn_source.source                      'ROTATING ANODE' 
_diffrn_source.type                        'RIGAKU RUH2R' 
_diffrn_source.pdbx_synchrotron_site       ? 
_diffrn_source.pdbx_synchrotron_beamline   ? 
_diffrn_source.pdbx_wavelength             1.5418 
_diffrn_source.pdbx_wavelength_list        ? 
# 
_reflns.entry_id                     1ALU 
_reflns.observed_criterion_sigma_I   0. 
_reflns.observed_criterion_sigma_F   ? 
_reflns.d_resolution_low             10.0 
_reflns.d_resolution_high            1.9 
_reflns.number_obs                   14002 
_reflns.number_all                   ? 
_reflns.percent_possible_obs         97.6 
_reflns.pdbx_Rmerge_I_obs            0.031 
_reflns.pdbx_Rsym_value              0.031 
_reflns.pdbx_netI_over_sigmaI        15. 
_reflns.B_iso_Wilson_estimate        ? 
_reflns.pdbx_redundancy              7.2 
_reflns.pdbx_ordinal                 1 
_reflns.pdbx_diffrn_id               1 
# 
_reflns_shell.d_res_high             1.90 
_reflns_shell.d_res_low              1.97 
_reflns_shell.percent_possible_all   88.5 
_reflns_shell.Rmerge_I_obs           0.129 
_reflns_shell.pdbx_Rsym_value        0.129 
_reflns_shell.meanI_over_sigI_obs    5.8 
_reflns_shell.pdbx_redundancy        3.8 
_reflns_shell.pdbx_ordinal           1 
_reflns_shell.pdbx_diffrn_id         1 
# 
_refine.entry_id                                 1ALU 
_refine.ls_number_reflns_obs                     13905 
_refine.ls_number_reflns_all                     ? 
_refine.pdbx_ls_sigma_I                          ? 
_refine.pdbx_ls_sigma_F                          0. 
_refine.pdbx_data_cutoff_high_absF               ? 
_refine.pdbx_data_cutoff_low_absF                ? 
_refine.pdbx_data_cutoff_high_rms_absF           ? 
_refine.ls_d_res_low                             8.0 
_refine.ls_d_res_high                            1.9 
_refine.ls_percent_reflns_obs                    98. 
_refine.ls_R_factor_obs                          ? 
_refine.ls_R_factor_all                          ? 
_refine.ls_R_factor_R_work                       0.213 
_refine.ls_R_factor_R_free                       0.277 
_refine.ls_R_factor_R_free_error                 ? 
_refine.ls_R_factor_R_free_error_details         ? 
_refine.ls_percent_reflns_R_free                 5. 
_refine.ls_number_reflns_R_free                  ? 
_refine.ls_number_parameters                     ? 
_refine.ls_number_restraints                     ? 
_refine.occupancy_min                            ? 
_refine.occupancy_max                            ? 
_refine.correlation_coeff_Fo_to_Fc               ? 
_refine.correlation_coeff_Fo_to_Fc_free          ? 
_refine.B_iso_mean                               ? 
_refine.aniso_B[1][1]                            ? 
_refine.aniso_B[2][2]                            ? 
_refine.aniso_B[3][3]                            ? 
_refine.aniso_B[1][2]                            ? 
_refine.aniso_B[1][3]                            ? 
_refine.aniso_B[2][3]                            ? 
_refine.solvent_model_details                    ? 
_refine.solvent_model_param_ksol                 ? 
_refine.solvent_model_param_bsol                 ? 
_refine.pdbx_solvent_vdw_probe_radii             ? 
_refine.pdbx_solvent_ion_probe_radii             ? 
_refine.pdbx_solvent_shrinkage_radii             ? 
_refine.pdbx_ls_cross_valid_method               THROUGHOUT 
_refine.details                                  ? 
_refine.pdbx_starting_model                      ? 
_refine.pdbx_method_to_determine_struct          MIR 
_refine.pdbx_isotropic_thermal_model             ? 
_refine.pdbx_stereochemistry_target_values       ? 
_refine.pdbx_stereochem_target_val_spec_case     ? 
_refine.pdbx_R_Free_selection_details            RANDOM 
_refine.pdbx_overall_ESU_R                       ? 
_refine.pdbx_overall_ESU_R_Free                  ? 
_refine.overall_SU_ML                            ? 
_refine.overall_SU_B                             ? 
_refine.pdbx_refine_id                           'X-RAY DIFFRACTION' 
_refine.pdbx_diffrn_id                           1 
_refine.pdbx_TLS_residual_ADP_flag               ? 
_refine.pdbx_overall_phase_error                 ? 
_refine.overall_SU_R_Cruickshank_DPI             ? 
_refine.pdbx_overall_SU_R_free_Cruickshank_DPI   ? 
_refine.pdbx_overall_SU_R_Blow_DPI               ? 
_refine.pdbx_overall_SU_R_free_Blow_DPI          ? 
# 
_refine_hist.pdbx_refine_id                   'X-RAY DIFFRACTION' 
_refine_hist.cycle_id                         LAST 
_refine_hist.pdbx_number_atoms_protein        1248 
_refine_hist.pdbx_number_atoms_nucleic_acid   0 
_refine_hist.pdbx_number_atoms_ligand         30 
_refine_hist.number_atoms_solvent             120 
_refine_hist.number_atoms_total               1398 
_refine_hist.d_res_high                       1.9 
_refine_hist.d_res_low                        8.0 
# 
loop_
_refine_ls_restr.type 
_refine_ls_restr.dev_ideal 
_refine_ls_restr.dev_ideal_target 
_refine_ls_restr.weight 
_refine_ls_restr.number 
_refine_ls_restr.pdbx_refine_id 
_refine_ls_restr.pdbx_restraint_function 
p_bond_d            0.017 ? ? ? 'X-RAY DIFFRACTION' ? 
p_angle_d           0.026 ? ? ? 'X-RAY DIFFRACTION' ? 
p_angle_deg         ?     ? ? ? 'X-RAY DIFFRACTION' ? 
p_planar_d          ?     ? ? ? 'X-RAY DIFFRACTION' ? 
p_hb_or_metal_coord ?     ? ? ? 'X-RAY DIFFRACTION' ? 
p_mcbond_it         1.5   ? ? ? 'X-RAY DIFFRACTION' ? 
p_mcangle_it        ?     ? ? ? 'X-RAY DIFFRACTION' ? 
p_scbond_it         3.3   ? ? ? 'X-RAY DIFFRACTION' ? 
p_scangle_it        ?     ? ? ? 'X-RAY DIFFRACTION' ? 
p_plane_restr       ?     ? ? ? 'X-RAY DIFFRACTION' ? 
p_chiral_restr      ?     ? ? ? 'X-RAY DIFFRACTION' ? 
p_singtor_nbd       ?     ? ? ? 'X-RAY DIFFRACTION' ? 
p_multtor_nbd       ?     ? ? ? 'X-RAY DIFFRACTION' ? 
p_xhyhbond_nbd      ?     ? ? ? 'X-RAY DIFFRACTION' ? 
p_xyhbond_nbd       ?     ? ? ? 'X-RAY DIFFRACTION' ? 
p_planar_tor        ?     ? ? ? 'X-RAY DIFFRACTION' ? 
p_staggered_tor     ?     ? ? ? 'X-RAY DIFFRACTION' ? 
p_orthonormal_tor   ?     ? ? ? 'X-RAY DIFFRACTION' ? 
p_transverse_tor    ?     ? ? ? 'X-RAY DIFFRACTION' ? 
p_special_tor       ?     ? ? ? 'X-RAY DIFFRACTION' ? 
# 
_struct.entry_id                  1ALU 
_struct.title                     'HUMAN INTERLEUKIN-6' 
_struct.pdbx_model_details        ? 
_struct.pdbx_CASP_flag            ? 
_struct.pdbx_model_type_details   ? 
# 
_struct_keywords.entry_id        1ALU 
_struct_keywords.pdbx_keywords   CYTOKINE 
_struct_keywords.text            'CYTOKINE, INTERLEUKIN, RECEPTOR, SIGNALING, GLYCOPROTEIN' 
# 
loop_
_struct_asym.id 
_struct_asym.pdbx_blank_PDB_chainid_flag 
_struct_asym.pdbx_modified 
_struct_asym.entity_id 
_struct_asym.details 
A N N 1 ? 
B N N 2 ? 
C N N 2 ? 
D N N 2 ? 
E N N 2 ? 
F N N 3 ? 
G N N 4 ? 
# 
_struct_ref.id                         1 
_struct_ref.db_name                    UNP 
_struct_ref.db_code                    IL6_HUMAN 
_struct_ref.entity_id                  1 
_struct_ref.pdbx_db_accession          P05231 
_struct_ref.pdbx_align_begin           1 
_struct_ref.pdbx_seq_one_letter_code   
;MNSFSTSAFGPVAFSLGLLLVLPAAFPAPVPPGEDSKDVAAPHRQPLTSSERIDKQIRYILDGISALRKETCNKSNMCES
SKEALAENNLNLPKMAEKDGCFQSGFNEETCLVKIITGLLEFEVYLEYLQNRFESSEEQARAVQMSTKVLIQFLQKKAKN
LDAITTPDPTTNASLLTKLQAQNQWLQDMTTHLILRSFKEFLQSSLRALRQM
;
_struct_ref.pdbx_db_isoform            ? 
# 
_struct_ref_seq.align_id                      1 
_struct_ref_seq.ref_id                        1 
_struct_ref_seq.pdbx_PDB_id_code              1ALU 
_struct_ref_seq.pdbx_strand_id                A 
_struct_ref_seq.seq_align_beg                 2 
_struct_ref_seq.pdbx_seq_align_beg_ins_code   ? 
_struct_ref_seq.seq_align_end                 186 
_struct_ref_seq.pdbx_seq_align_end_ins_code   ? 
_struct_ref_seq.pdbx_db_accession             P05231 
_struct_ref_seq.db_align_beg                  28 
_struct_ref_seq.pdbx_db_align_beg_ins_code    ? 
_struct_ref_seq.db_align_end                  212 
_struct_ref_seq.pdbx_db_align_end_ins_code    ? 
_struct_ref_seq.pdbx_auth_seq_align_beg       0 
_struct_ref_seq.pdbx_auth_seq_align_end       184 
# 
loop_
_pdbx_struct_assembly.id 
_pdbx_struct_assembly.details 
_pdbx_struct_assembly.method_details 
_pdbx_struct_assembly.oligomeric_details 
_pdbx_struct_assembly.oligomeric_count 
1 author_and_software_defined_assembly PQS  dimeric 2 
2 software_defined_assembly            PISA dimeric 2 
# 
loop_
_pdbx_struct_assembly_prop.biol_id 
_pdbx_struct_assembly_prop.type 
_pdbx_struct_assembly_prop.value 
_pdbx_struct_assembly_prop.details 
2 'ABSA (A^2)' 3870  ? 
2 MORE         -127  ? 
2 'SSA (A^2)'  15910 ? 
# 
loop_
_pdbx_struct_assembly_gen.assembly_id 
_pdbx_struct_assembly_gen.oper_expression 
_pdbx_struct_assembly_gen.asym_id_list 
1 1,2 A,B,C,D,E,F,G 
2 1,3 A,B,C,D,E,F,G 
# 
loop_
_pdbx_struct_oper_list.id 
_pdbx_struct_oper_list.type 
_pdbx_struct_oper_list.name 
_pdbx_struct_oper_list.symmetry_operation 
_pdbx_struct_oper_list.matrix[1][1] 
_pdbx_struct_oper_list.matrix[1][2] 
_pdbx_struct_oper_list.matrix[1][3] 
_pdbx_struct_oper_list.vector[1] 
_pdbx_struct_oper_list.matrix[2][1] 
_pdbx_struct_oper_list.matrix[2][2] 
_pdbx_struct_oper_list.matrix[2][3] 
_pdbx_struct_oper_list.vector[2] 
_pdbx_struct_oper_list.matrix[3][1] 
_pdbx_struct_oper_list.matrix[3][2] 
_pdbx_struct_oper_list.matrix[3][3] 
_pdbx_struct_oper_list.vector[3] 
1 'identity operation'         1_555 x,y,z          1.0000000000  0.0000000000 0.0000000000 0.0000000000  0.0000000000 1.0000000000  0.0000000000 0.0000000000   0.0000000000 0.0000000000 1.0000000000  0.0000000000   
2 'crystal symmetry operation' 6_555 -x,-x+y,-z+1/3 0.3469467406  0.8795703202 0.3255518561 -7.5015646875 0.8795703202 -0.4256313744 0.2125887696 18.1639578937  0.3255518561 0.2125887696 -0.9213153662 -18.0378948677 
3 'crystal symmetry operation' 4_555 y,x,-z         -0.9145538839 0.1108844596 0.3889676466 -9.9989166709 0.1108844596 -0.8561038939 0.5047680253 -27.3491750008 0.3889676466 0.5047680253 0.7706577778  9.9930344346  
# 
_struct_biol.id   1 
# 
loop_
_struct_conf.conf_type_id 
_struct_conf.id 
_struct_conf.pdbx_PDB_helix_id 
_struct_conf.beg_label_comp_id 
_struct_conf.beg_label_asym_id 
_struct_conf.beg_label_seq_id 
_struct_conf.pdbx_beg_PDB_ins_code 
_struct_conf.end_label_comp_id 
_struct_conf.end_label_asym_id 
_struct_conf.end_label_seq_id 
_struct_conf.pdbx_end_PDB_ins_code 
_struct_conf.beg_auth_comp_id 
_struct_conf.beg_auth_asym_id 
_struct_conf.beg_auth_seq_id 
_struct_conf.end_auth_comp_id 
_struct_conf.end_auth_asym_id 
_struct_conf.end_auth_seq_id 
_struct_conf.pdbx_PDB_helix_class 
_struct_conf.details 
_struct_conf.pdbx_PDB_helix_length 
HELX_P HELX_P1 1 SER A 23  ? SER A 49  ? SER A 21  SER A 47  1 ? 27 
HELX_P HELX_P2 2 GLU A 71  ? ASP A 73  ? GLU A 69  ASP A 71  5 ? 3  
HELX_P HELX_P3 3 GLU A 82  ? ARG A 106 ? GLU A 80  ARG A 104 1 ? 25 
HELX_P HELX_P4 4 SER A 109 ? LYS A 131 ? SER A 107 LYS A 129 5 ? 23 
HELX_P HELX_P5 5 PRO A 143 ? GLN A 154 ? PRO A 141 GLN A 152 1 ? 12 
HELX_P HELX_P6 6 GLN A 158 ? ARG A 184 ? GLN A 156 ARG A 182 1 ? 27 
# 
_struct_conf_type.id          HELX_P 
_struct_conf_type.criteria    ? 
_struct_conf_type.reference   ? 
# 
loop_
_struct_conn.id 
_struct_conn.conn_type_id 
_struct_conn.pdbx_leaving_atom_flag 
_struct_conn.pdbx_PDB_id 
_struct_conn.ptnr1_label_asym_id 
_struct_conn.ptnr1_label_comp_id 
_struct_conn.ptnr1_label_seq_id 
_struct_conn.ptnr1_label_atom_id 
_struct_conn.pdbx_ptnr1_label_alt_id 
_struct_conn.pdbx_ptnr1_PDB_ins_code 
_struct_conn.pdbx_ptnr1_standard_comp_id 
_struct_conn.ptnr1_symmetry 
_struct_conn.ptnr2_label_asym_id 
_struct_conn.ptnr2_label_comp_id 
_struct_conn.ptnr2_label_seq_id 
_struct_conn.ptnr2_label_atom_id 
_struct_conn.pdbx_ptnr2_label_alt_id 
_struct_conn.pdbx_ptnr2_PDB_ins_code 
_struct_conn.ptnr1_auth_asym_id 
_struct_conn.ptnr1_auth_comp_id 
_struct_conn.ptnr1_auth_seq_id 
_struct_conn.ptnr2_auth_asym_id 
_struct_conn.ptnr2_auth_comp_id 
_struct_conn.ptnr2_auth_seq_id 
_struct_conn.ptnr2_symmetry 
_struct_conn.pdbx_ptnr3_label_atom_id 
_struct_conn.pdbx_ptnr3_label_seq_id 
_struct_conn.pdbx_ptnr3_label_comp_id 
_struct_conn.pdbx_ptnr3_label_asym_id 
_struct_conn.pdbx_ptnr3_label_alt_id 
_struct_conn.pdbx_ptnr3_PDB_ins_code 
_struct_conn.details 
_struct_conn.pdbx_dist_value 
_struct_conn.pdbx_value_order 
_struct_conn.pdbx_role 
disulf1 disulf ? ? A CYS 46 SG ? ? ? 1_555 A CYS 52 SG ? ? A CYS 44 A CYS 50 1_555 ? ? ? ? ? ? ? 2.027 ? ? 
disulf2 disulf ? ? A CYS 75 SG ? ? ? 1_555 A CYS 85 SG ? ? A CYS 73 A CYS 83 1_555 ? ? ? ? ? ? ? 1.988 ? ? 
# 
_struct_conn_type.id          disulf 
_struct_conn_type.criteria    ? 
_struct_conn_type.reference   ? 
# 
loop_
_pdbx_modification_feature.ordinal 
_pdbx_modification_feature.label_comp_id 
_pdbx_modification_feature.label_asym_id 
_pdbx_modification_feature.label_seq_id 
_pdbx_modification_feature.label_alt_id 
_pdbx_modification_feature.modified_residue_label_comp_id 
_pdbx_modification_feature.modified_residue_label_asym_id 
_pdbx_modification_feature.modified_residue_label_seq_id 
_pdbx_modification_feature.modified_residue_label_alt_id 
_pdbx_modification_feature.auth_comp_id 
_pdbx_modification_feature.auth_asym_id 
_pdbx_modification_feature.auth_seq_id 
_pdbx_modification_feature.PDB_ins_code 
_pdbx_modification_feature.symmetry 
_pdbx_modification_feature.modified_residue_auth_comp_id 
_pdbx_modification_feature.modified_residue_auth_asym_id 
_pdbx_modification_feature.modified_residue_auth_seq_id 
_pdbx_modification_feature.modified_residue_PDB_ins_code 
_pdbx_modification_feature.modified_residue_symmetry 
_pdbx_modification_feature.comp_id_linking_atom 
_pdbx_modification_feature.modified_residue_id_linking_atom 
_pdbx_modification_feature.modified_residue_id 
_pdbx_modification_feature.ref_pcm_id 
_pdbx_modification_feature.ref_comp_id 
_pdbx_modification_feature.type 
_pdbx_modification_feature.category 
1 CYS A 46 ? CYS A 52 ? CYS A 44 ? 1_555 CYS A 50 ? 1_555 SG SG . . . None 'Disulfide bridge' 
2 CYS A 75 ? CYS A 85 ? CYS A 73 ? 1_555 CYS A 83 ? 1_555 SG SG . . . None 'Disulfide bridge' 
# 
loop_
_struct_site.id 
_struct_site.pdbx_evidence_code 
_struct_site.pdbx_auth_asym_id 
_struct_site.pdbx_auth_comp_id 
_struct_site.pdbx_auth_seq_id 
_struct_site.pdbx_auth_ins_code 
_struct_site.pdbx_num_residues 
_struct_site.details 
AC1 Software A SO4 290 ? 9 'BINDING SITE FOR RESIDUE SO4 A 290' 
AC2 Software A SO4 291 ? 4 'BINDING SITE FOR RESIDUE SO4 A 291' 
AC3 Software A SO4 292 ? 4 'BINDING SITE FOR RESIDUE SO4 A 292' 
AC4 Software A SO4 293 ? 8 'BINDING SITE FOR RESIDUE SO4 A 293' 
AC5 Software A TLA 300 ? 8 'BINDING SITE FOR RESIDUE TLA A 300' 
# 
loop_
_struct_site_gen.id 
_struct_site_gen.site_id 
_struct_site_gen.pdbx_num_res 
_struct_site_gen.label_comp_id 
_struct_site_gen.label_asym_id 
_struct_site_gen.label_seq_id 
_struct_site_gen.pdbx_auth_ins_code 
_struct_site_gen.auth_comp_id 
_struct_site_gen.auth_asym_id 
_struct_site_gen.auth_seq_id 
_struct_site_gen.label_atom_id 
_struct_site_gen.label_alt_id 
_struct_site_gen.symmetry 
_struct_site_gen.details 
1  AC1 9 PHE A 76  ? PHE A 74  . ? 1_555 ? 
2  AC1 9 GLN A 77  ? GLN A 75  . ? 1_555 ? 
3  AC1 9 LYS A 173 ? LYS A 171 . ? 4_555 ? 
4  AC1 9 GLN A 177 ? GLN A 175 . ? 4_555 ? 
5  AC1 9 ARG A 181 ? ARG A 179 . ? 1_555 ? 
6  AC1 9 HOH G .   ? HOH A 334 . ? 1_555 ? 
7  AC1 9 HOH G .   ? HOH A 381 . ? 1_555 ? 
8  AC1 9 HOH G .   ? HOH A 402 . ? 1_555 ? 
9  AC1 9 HOH G .   ? HOH A 418 . ? 1_555 ? 
10 AC2 4 ARG A 181 ? ARG A 179 . ? 4_555 ? 
11 AC2 4 ARG A 181 ? ARG A 179 . ? 1_555 ? 
12 AC2 4 HOH G .   ? HOH A 322 . ? 1_555 ? 
13 AC2 4 HOH G .   ? HOH A 322 . ? 4_555 ? 
14 AC3 4 ASN A 157 ? ASN A 155 . ? 1_555 ? 
15 AC3 4 GLN A 158 ? GLN A 156 . ? 1_555 ? 
16 AC3 4 HOH G .   ? HOH A 357 . ? 4_545 ? 
17 AC3 4 HOH G .   ? HOH A 361 . ? 1_555 ? 
18 AC4 8 ARG A 42  ? ARG A 40  . ? 1_555 ? 
19 AC4 8 CYS A 52  ? CYS A 50  . ? 1_555 ? 
20 AC4 8 GLU A 53  ? GLU A 51  . ? 1_555 ? 
21 AC4 8 GLU A 112 ? GLU A 110 . ? 4_545 ? 
22 AC4 8 HIS A 166 ? HIS A 164 . ? 1_555 ? 
23 AC4 8 ARG A 170 ? ARG A 168 . ? 1_555 ? 
24 AC4 8 HOH G .   ? HOH A 367 . ? 1_555 ? 
25 AC4 8 HOH G .   ? HOH A 417 . ? 1_555 ? 
26 AC5 8 GLN A 177 ? GLN A 175 . ? 1_555 ? 
27 AC5 8 GLN A 177 ? GLN A 175 . ? 4_555 ? 
28 AC5 8 LEU A 180 ? LEU A 178 . ? 1_555 ? 
29 AC5 8 ARG A 181 ? ARG A 179 . ? 1_555 ? 
30 AC5 8 ARG A 181 ? ARG A 179 . ? 4_555 ? 
31 AC5 8 ARG A 184 ? ARG A 182 . ? 1_555 ? 
32 AC5 8 ARG A 184 ? ARG A 182 . ? 4_555 ? 
33 AC5 8 HOH G .   ? HOH A 306 . ? 1_555 ? 
# 
_pdbx_entry_details.entry_id                   1ALU 
_pdbx_entry_details.compound_details           ? 
_pdbx_entry_details.source_details             ? 
_pdbx_entry_details.nonpolymer_details         ? 
_pdbx_entry_details.sequence_details           ? 
_pdbx_entry_details.has_ligand_of_interest     ? 
_pdbx_entry_details.has_protein_modification   Y 
# 
loop_
_pdbx_validate_close_contact.id 
_pdbx_validate_close_contact.PDB_model_num 
_pdbx_validate_close_contact.auth_atom_id_1 
_pdbx_validate_close_contact.auth_asym_id_1 
_pdbx_validate_close_contact.auth_comp_id_1 
_pdbx_validate_close_contact.auth_seq_id_1 
_pdbx_validate_close_contact.PDB_ins_code_1 
_pdbx_validate_close_contact.label_alt_id_1 
_pdbx_validate_close_contact.auth_atom_id_2 
_pdbx_validate_close_contact.auth_asym_id_2 
_pdbx_validate_close_contact.auth_comp_id_2 
_pdbx_validate_close_contact.auth_seq_id_2 
_pdbx_validate_close_contact.PDB_ins_code_2 
_pdbx_validate_close_contact.label_alt_id_2 
_pdbx_validate_close_contact.dist 
1 1 O4  A SO4 291 ? ? O  A HOH 322 ? ? 1.96 
2 1 O2  A SO4 293 ? ? O  A HOH 367 ? ? 1.99 
3 1 O   A GLY 77  ? ? O  A HOH 378 ? ? 2.08 
4 1 O   A LYS 70  ? ? O  A HOH 397 ? ? 2.10 
5 1 NE2 A GLN 111 ? ? O  A HOH 390 ? ? 2.14 
6 1 O   A THR 149 ? ? O  A HOH 373 ? ? 2.15 
7 1 NH2 A ARG 168 ? ? O3 A SO4 293 ? ? 2.16 
# 
loop_
_pdbx_validate_symm_contact.id 
_pdbx_validate_symm_contact.PDB_model_num 
_pdbx_validate_symm_contact.auth_atom_id_1 
_pdbx_validate_symm_contact.auth_asym_id_1 
_pdbx_validate_symm_contact.auth_comp_id_1 
_pdbx_validate_symm_contact.auth_seq_id_1 
_pdbx_validate_symm_contact.PDB_ins_code_1 
_pdbx_validate_symm_contact.label_alt_id_1 
_pdbx_validate_symm_contact.site_symmetry_1 
_pdbx_validate_symm_contact.auth_atom_id_2 
_pdbx_validate_symm_contact.auth_asym_id_2 
_pdbx_validate_symm_contact.auth_comp_id_2 
_pdbx_validate_symm_contact.auth_seq_id_2 
_pdbx_validate_symm_contact.PDB_ins_code_2 
_pdbx_validate_symm_contact.label_alt_id_2 
_pdbx_validate_symm_contact.site_symmetry_2 
_pdbx_validate_symm_contact.dist 
1 1 O   A HOH 306 ? ? 1_555 O   A HOH 306 ? ? 4_555 0.80 
2 1 NE2 A GLN 127 ? ? 1_555 NE2 A GLN 127 ? ? 6_555 1.78 
# 
loop_
_pdbx_validate_rmsd_angle.id 
_pdbx_validate_rmsd_angle.PDB_model_num 
_pdbx_validate_rmsd_angle.auth_atom_id_1 
_pdbx_validate_rmsd_angle.auth_asym_id_1 
_pdbx_validate_rmsd_angle.auth_comp_id_1 
_pdbx_validate_rmsd_angle.auth_seq_id_1 
_pdbx_validate_rmsd_angle.PDB_ins_code_1 
_pdbx_validate_rmsd_angle.label_alt_id_1 
_pdbx_validate_rmsd_angle.auth_atom_id_2 
_pdbx_validate_rmsd_angle.auth_asym_id_2 
_pdbx_validate_rmsd_angle.auth_comp_id_2 
_pdbx_validate_rmsd_angle.auth_seq_id_2 
_pdbx_validate_rmsd_angle.PDB_ins_code_2 
_pdbx_validate_rmsd_angle.label_alt_id_2 
_pdbx_validate_rmsd_angle.auth_atom_id_3 
_pdbx_validate_rmsd_angle.auth_asym_id_3 
_pdbx_validate_rmsd_angle.auth_comp_id_3 
_pdbx_validate_rmsd_angle.auth_seq_id_3 
_pdbx_validate_rmsd_angle.PDB_ins_code_3 
_pdbx_validate_rmsd_angle.label_alt_id_3 
_pdbx_validate_rmsd_angle.angle_value 
_pdbx_validate_rmsd_angle.angle_target_value 
_pdbx_validate_rmsd_angle.angle_deviation 
_pdbx_validate_rmsd_angle.angle_standard_deviation 
_pdbx_validate_rmsd_angle.linker_flag 
1 1 CB A ASP 26  ? B CG A ASP 26  ? B OD1 A ASP 26  ? B 123.88 118.30 5.58  0.90 N 
2 1 CD A ARG 30  ? B NE A ARG 30  ? B CZ  A ARG 30  ? B 143.68 123.60 20.08 1.40 N 
3 1 NE A ARG 30  ? A CZ A ARG 30  ? A NH1 A ARG 30  ? A 115.89 120.30 -4.41 0.50 N 
4 1 NE A ARG 30  ? B CZ A ARG 30  ? B NH1 A ARG 30  ? B 123.62 120.30 3.32  0.50 N 
5 1 NE A ARG 104 ? ? CZ A ARG 104 ? ? NH1 A ARG 104 ? ? 117.23 120.30 -3.07 0.50 N 
6 1 NE A ARG 113 ? ? CZ A ARG 113 ? ? NH1 A ARG 113 ? ? 123.57 120.30 3.27  0.50 N 
7 1 CD A ARG 182 ? ? NE A ARG 182 ? ? CZ  A ARG 182 ? ? 133.67 123.60 10.07 1.40 N 
8 1 NE A ARG 182 ? ? CZ A ARG 182 ? ? NH1 A ARG 182 ? ? 125.72 120.30 5.42  0.50 N 
# 
loop_
_pdbx_validate_torsion.id 
_pdbx_validate_torsion.PDB_model_num 
_pdbx_validate_torsion.auth_comp_id 
_pdbx_validate_torsion.auth_asym_id 
_pdbx_validate_torsion.auth_seq_id 
_pdbx_validate_torsion.PDB_ins_code 
_pdbx_validate_torsion.label_alt_id 
_pdbx_validate_torsion.phi 
_pdbx_validate_torsion.psi 
1 1 ASN A 63  ? ? -106.45 52.74  
2 1 SER A 108 ? ? -98.33  46.03  
3 1 ALA A 130 ? ? -89.77  37.54  
4 1 LEU A 133 ? ? -44.60  163.09 
# 
loop_
_pdbx_validate_main_chain_plane.id 
_pdbx_validate_main_chain_plane.PDB_model_num 
_pdbx_validate_main_chain_plane.auth_comp_id 
_pdbx_validate_main_chain_plane.auth_asym_id 
_pdbx_validate_main_chain_plane.auth_seq_id 
_pdbx_validate_main_chain_plane.PDB_ins_code 
_pdbx_validate_main_chain_plane.label_alt_id 
_pdbx_validate_main_chain_plane.improper_torsion_angle 
1 1 ASN A 63  ? ? 12.20  
2 1 GLU A 106 ? ? -11.85 
# 
loop_
_pdbx_unobs_or_zero_occ_residues.id 
_pdbx_unobs_or_zero_occ_residues.PDB_model_num 
_pdbx_unobs_or_zero_occ_residues.polymer_flag 
_pdbx_unobs_or_zero_occ_residues.occupancy_flag 
_pdbx_unobs_or_zero_occ_residues.auth_asym_id 
_pdbx_unobs_or_zero_occ_residues.auth_comp_id 
_pdbx_unobs_or_zero_occ_residues.auth_seq_id 
_pdbx_unobs_or_zero_occ_residues.PDB_ins_code 
_pdbx_unobs_or_zero_occ_residues.label_asym_id 
_pdbx_unobs_or_zero_occ_residues.label_comp_id 
_pdbx_unobs_or_zero_occ_residues.label_seq_id 
1  1 Y 1 A MET -1 ? A MET 1  
2  1 Y 1 A ALA 0  ? A ALA 2  
3  1 Y 1 A PRO 1  ? A PRO 3  
4  1 Y 1 A VAL 2  ? A VAL 4  
5  1 Y 1 A PRO 3  ? A PRO 5  
6  1 Y 1 A PRO 4  ? A PRO 6  
7  1 Y 1 A GLY 5  ? A GLY 7  
8  1 Y 1 A GLU 6  ? A GLU 8  
9  1 Y 1 A ASP 7  ? A ASP 9  
10 1 Y 1 A SER 8  ? A SER 10 
11 1 Y 1 A LYS 9  ? A LYS 11 
12 1 Y 1 A ASP 10 ? A ASP 12 
13 1 Y 1 A VAL 11 ? A VAL 13 
14 1 Y 1 A ALA 12 ? A ALA 14 
15 1 Y 1 A ALA 13 ? A ALA 15 
16 1 Y 1 A PRO 14 ? A PRO 16 
17 1 Y 1 A HIS 15 ? A HIS 17 
18 1 Y 1 A ARG 16 ? A ARG 18 
19 1 Y 1 A GLN 17 ? A GLN 19 
20 1 Y 1 A PRO 18 ? A PRO 20 
21 1 Y 1 A SER 52 ? A SER 54 
22 1 Y 1 A SER 53 ? A SER 55 
23 1 Y 1 A LYS 54 ? A LYS 56 
24 1 Y 1 A GLU 55 ? A GLU 57 
25 1 Y 1 A ALA 56 ? A ALA 58 
26 1 Y 1 A LEU 57 ? A LEU 59 
27 1 Y 1 A ALA 58 ? A ALA 60 
28 1 Y 1 A GLU 59 ? A GLU 61 
29 1 Y 1 A ASN 60 ? A ASN 62 
# 
loop_
_chem_comp_atom.comp_id 
_chem_comp_atom.atom_id 
_chem_comp_atom.type_symbol 
_chem_comp_atom.pdbx_aromatic_flag 
_chem_comp_atom.pdbx_stereo_config 
_chem_comp_atom.pdbx_ordinal 
ALA N    N N N 1   
ALA CA   C N S 2   
ALA C    C N N 3   
ALA O    O N N 4   
ALA CB   C N N 5   
ALA OXT  O N N 6   
ALA H    H N N 7   
ALA H2   H N N 8   
ALA HA   H N N 9   
ALA HB1  H N N 10  
ALA HB2  H N N 11  
ALA HB3  H N N 12  
ALA HXT  H N N 13  
ARG N    N N N 14  
ARG CA   C N S 15  
ARG C    C N N 16  
ARG O    O N N 17  
ARG CB   C N N 18  
ARG CG   C N N 19  
ARG CD   C N N 20  
ARG NE   N N N 21  
ARG CZ   C N N 22  
ARG NH1  N N N 23  
ARG NH2  N N N 24  
ARG OXT  O N N 25  
ARG H    H N N 26  
ARG H2   H N N 27  
ARG HA   H N N 28  
ARG HB2  H N N 29  
ARG HB3  H N N 30  
ARG HG2  H N N 31  
ARG HG3  H N N 32  
ARG HD2  H N N 33  
ARG HD3  H N N 34  
ARG HE   H N N 35  
ARG HH11 H N N 36  
ARG HH12 H N N 37  
ARG HH21 H N N 38  
ARG HH22 H N N 39  
ARG HXT  H N N 40  
ASN N    N N N 41  
ASN CA   C N S 42  
ASN C    C N N 43  
ASN O    O N N 44  
ASN CB   C N N 45  
ASN CG   C N N 46  
ASN OD1  O N N 47  
ASN ND2  N N N 48  
ASN OXT  O N N 49  
ASN H    H N N 50  
ASN H2   H N N 51  
ASN HA   H N N 52  
ASN HB2  H N N 53  
ASN HB3  H N N 54  
ASN HD21 H N N 55  
ASN HD22 H N N 56  
ASN HXT  H N N 57  
ASP N    N N N 58  
ASP CA   C N S 59  
ASP C    C N N 60  
ASP O    O N N 61  
ASP CB   C N N 62  
ASP CG   C N N 63  
ASP OD1  O N N 64  
ASP OD2  O N N 65  
ASP OXT  O N N 66  
ASP H    H N N 67  
ASP H2   H N N 68  
ASP HA   H N N 69  
ASP HB2  H N N 70  
ASP HB3  H N N 71  
ASP HD2  H N N 72  
ASP HXT  H N N 73  
CYS N    N N N 74  
CYS CA   C N R 75  
CYS C    C N N 76  
CYS O    O N N 77  
CYS CB   C N N 78  
CYS SG   S N N 79  
CYS OXT  O N N 80  
CYS H    H N N 81  
CYS H2   H N N 82  
CYS HA   H N N 83  
CYS HB2  H N N 84  
CYS HB3  H N N 85  
CYS HG   H N N 86  
CYS HXT  H N N 87  
GLN N    N N N 88  
GLN CA   C N S 89  
GLN C    C N N 90  
GLN O    O N N 91  
GLN CB   C N N 92  
GLN CG   C N N 93  
GLN CD   C N N 94  
GLN OE1  O N N 95  
GLN NE2  N N N 96  
GLN OXT  O N N 97  
GLN H    H N N 98  
GLN H2   H N N 99  
GLN HA   H N N 100 
GLN HB2  H N N 101 
GLN HB3  H N N 102 
GLN HG2  H N N 103 
GLN HG3  H N N 104 
GLN HE21 H N N 105 
GLN HE22 H N N 106 
GLN HXT  H N N 107 
GLU N    N N N 108 
GLU CA   C N S 109 
GLU C    C N N 110 
GLU O    O N N 111 
GLU CB   C N N 112 
GLU CG   C N N 113 
GLU CD   C N N 114 
GLU OE1  O N N 115 
GLU OE2  O N N 116 
GLU OXT  O N N 117 
GLU H    H N N 118 
GLU H2   H N N 119 
GLU HA   H N N 120 
GLU HB2  H N N 121 
GLU HB3  H N N 122 
GLU HG2  H N N 123 
GLU HG3  H N N 124 
GLU HE2  H N N 125 
GLU HXT  H N N 126 
GLY N    N N N 127 
GLY CA   C N N 128 
GLY C    C N N 129 
GLY O    O N N 130 
GLY OXT  O N N 131 
GLY H    H N N 132 
GLY H2   H N N 133 
GLY HA2  H N N 134 
GLY HA3  H N N 135 
GLY HXT  H N N 136 
HIS N    N N N 137 
HIS CA   C N S 138 
HIS C    C N N 139 
HIS O    O N N 140 
HIS CB   C N N 141 
HIS CG   C Y N 142 
HIS ND1  N Y N 143 
HIS CD2  C Y N 144 
HIS CE1  C Y N 145 
HIS NE2  N Y N 146 
HIS OXT  O N N 147 
HIS H    H N N 148 
HIS H2   H N N 149 
HIS HA   H N N 150 
HIS HB2  H N N 151 
HIS HB3  H N N 152 
HIS HD1  H N N 153 
HIS HD2  H N N 154 
HIS HE1  H N N 155 
HIS HE2  H N N 156 
HIS HXT  H N N 157 
HOH O    O N N 158 
HOH H1   H N N 159 
HOH H2   H N N 160 
ILE N    N N N 161 
ILE CA   C N S 162 
ILE C    C N N 163 
ILE O    O N N 164 
ILE CB   C N S 165 
ILE CG1  C N N 166 
ILE CG2  C N N 167 
ILE CD1  C N N 168 
ILE OXT  O N N 169 
ILE H    H N N 170 
ILE H2   H N N 171 
ILE HA   H N N 172 
ILE HB   H N N 173 
ILE HG12 H N N 174 
ILE HG13 H N N 175 
ILE HG21 H N N 176 
ILE HG22 H N N 177 
ILE HG23 H N N 178 
ILE HD11 H N N 179 
ILE HD12 H N N 180 
ILE HD13 H N N 181 
ILE HXT  H N N 182 
LEU N    N N N 183 
LEU CA   C N S 184 
LEU C    C N N 185 
LEU O    O N N 186 
LEU CB   C N N 187 
LEU CG   C N N 188 
LEU CD1  C N N 189 
LEU CD2  C N N 190 
LEU OXT  O N N 191 
LEU H    H N N 192 
LEU H2   H N N 193 
LEU HA   H N N 194 
LEU HB2  H N N 195 
LEU HB3  H N N 196 
LEU HG   H N N 197 
LEU HD11 H N N 198 
LEU HD12 H N N 199 
LEU HD13 H N N 200 
LEU HD21 H N N 201 
LEU HD22 H N N 202 
LEU HD23 H N N 203 
LEU HXT  H N N 204 
LYS N    N N N 205 
LYS CA   C N S 206 
LYS C    C N N 207 
LYS O    O N N 208 
LYS CB   C N N 209 
LYS CG   C N N 210 
LYS CD   C N N 211 
LYS CE   C N N 212 
LYS NZ   N N N 213 
LYS OXT  O N N 214 
LYS H    H N N 215 
LYS H2   H N N 216 
LYS HA   H N N 217 
LYS HB2  H N N 218 
LYS HB3  H N N 219 
LYS HG2  H N N 220 
LYS HG3  H N N 221 
LYS HD2  H N N 222 
LYS HD3  H N N 223 
LYS HE2  H N N 224 
LYS HE3  H N N 225 
LYS HZ1  H N N 226 
LYS HZ2  H N N 227 
LYS HZ3  H N N 228 
LYS HXT  H N N 229 
MET N    N N N 230 
MET CA   C N S 231 
MET C    C N N 232 
MET O    O N N 233 
MET CB   C N N 234 
MET CG   C N N 235 
MET SD   S N N 236 
MET CE   C N N 237 
MET OXT  O N N 238 
MET H    H N N 239 
MET H2   H N N 240 
MET HA   H N N 241 
MET HB2  H N N 242 
MET HB3  H N N 243 
MET HG2  H N N 244 
MET HG3  H N N 245 
MET HE1  H N N 246 
MET HE2  H N N 247 
MET HE3  H N N 248 
MET HXT  H N N 249 
PHE N    N N N 250 
PHE CA   C N S 251 
PHE C    C N N 252 
PHE O    O N N 253 
PHE CB   C N N 254 
PHE CG   C Y N 255 
PHE CD1  C Y N 256 
PHE CD2  C Y N 257 
PHE CE1  C Y N 258 
PHE CE2  C Y N 259 
PHE CZ   C Y N 260 
PHE OXT  O N N 261 
PHE H    H N N 262 
PHE H2   H N N 263 
PHE HA   H N N 264 
PHE HB2  H N N 265 
PHE HB3  H N N 266 
PHE HD1  H N N 267 
PHE HD2  H N N 268 
PHE HE1  H N N 269 
PHE HE2  H N N 270 
PHE HZ   H N N 271 
PHE HXT  H N N 272 
PRO N    N N N 273 
PRO CA   C N S 274 
PRO C    C N N 275 
PRO O    O N N 276 
PRO CB   C N N 277 
PRO CG   C N N 278 
PRO CD   C N N 279 
PRO OXT  O N N 280 
PRO H    H N N 281 
PRO HA   H N N 282 
PRO HB2  H N N 283 
PRO HB3  H N N 284 
PRO HG2  H N N 285 
PRO HG3  H N N 286 
PRO HD2  H N N 287 
PRO HD3  H N N 288 
PRO HXT  H N N 289 
SER N    N N N 290 
SER CA   C N S 291 
SER C    C N N 292 
SER O    O N N 293 
SER CB   C N N 294 
SER OG   O N N 295 
SER OXT  O N N 296 
SER H    H N N 297 
SER H2   H N N 298 
SER HA   H N N 299 
SER HB2  H N N 300 
SER HB3  H N N 301 
SER HG   H N N 302 
SER HXT  H N N 303 
SO4 S    S N N 304 
SO4 O1   O N N 305 
SO4 O2   O N N 306 
SO4 O3   O N N 307 
SO4 O4   O N N 308 
THR N    N N N 309 
THR CA   C N S 310 
THR C    C N N 311 
THR O    O N N 312 
THR CB   C N R 313 
THR OG1  O N N 314 
THR CG2  C N N 315 
THR OXT  O N N 316 
THR H    H N N 317 
THR H2   H N N 318 
THR HA   H N N 319 
THR HB   H N N 320 
THR HG1  H N N 321 
THR HG21 H N N 322 
THR HG22 H N N 323 
THR HG23 H N N 324 
THR HXT  H N N 325 
TLA O1   O N N 326 
TLA O11  O N N 327 
TLA C1   C N N 328 
TLA C2   C N R 329 
TLA O2   O N N 330 
TLA C3   C N R 331 
TLA O3   O N N 332 
TLA C4   C N N 333 
TLA O4   O N N 334 
TLA O41  O N N 335 
TLA H11  H N N 336 
TLA H2   H N N 337 
TLA HA   H N N 338 
TLA H3   H N N 339 
TLA HB   H N N 340 
TLA H41  H N N 341 
TRP N    N N N 342 
TRP CA   C N S 343 
TRP C    C N N 344 
TRP O    O N N 345 
TRP CB   C N N 346 
TRP CG   C Y N 347 
TRP CD1  C Y N 348 
TRP CD2  C Y N 349 
TRP NE1  N Y N 350 
TRP CE2  C Y N 351 
TRP CE3  C Y N 352 
TRP CZ2  C Y N 353 
TRP CZ3  C Y N 354 
TRP CH2  C Y N 355 
TRP OXT  O N N 356 
TRP H    H N N 357 
TRP H2   H N N 358 
TRP HA   H N N 359 
TRP HB2  H N N 360 
TRP HB3  H N N 361 
TRP HD1  H N N 362 
TRP HE1  H N N 363 
TRP HE3  H N N 364 
TRP HZ2  H N N 365 
TRP HZ3  H N N 366 
TRP HH2  H N N 367 
TRP HXT  H N N 368 
TYR N    N N N 369 
TYR CA   C N S 370 
TYR C    C N N 371 
TYR O    O N N 372 
TYR CB   C N N 373 
TYR CG   C Y N 374 
TYR CD1  C Y N 375 
TYR CD2  C Y N 376 
TYR CE1  C Y N 377 
TYR CE2  C Y N 378 
TYR CZ   C Y N 379 
TYR OH   O N N 380 
TYR OXT  O N N 381 
TYR H    H N N 382 
TYR H2   H N N 383 
TYR HA   H N N 384 
TYR HB2  H N N 385 
TYR HB3  H N N 386 
TYR HD1  H N N 387 
TYR HD2  H N N 388 
TYR HE1  H N N 389 
TYR HE2  H N N 390 
TYR HH   H N N 391 
TYR HXT  H N N 392 
VAL N    N N N 393 
VAL CA   C N S 394 
VAL C    C N N 395 
VAL O    O N N 396 
VAL CB   C N N 397 
VAL CG1  C N N 398 
VAL CG2  C N N 399 
VAL OXT  O N N 400 
VAL H    H N N 401 
VAL H2   H N N 402 
VAL HA   H N N 403 
VAL HB   H N N 404 
VAL HG11 H N N 405 
VAL HG12 H N N 406 
VAL HG13 H N N 407 
VAL HG21 H N N 408 
VAL HG22 H N N 409 
VAL HG23 H N N 410 
VAL HXT  H N N 411 
# 
loop_
_chem_comp_bond.comp_id 
_chem_comp_bond.atom_id_1 
_chem_comp_bond.atom_id_2 
_chem_comp_bond.value_order 
_chem_comp_bond.pdbx_aromatic_flag 
_chem_comp_bond.pdbx_stereo_config 
_chem_comp_bond.pdbx_ordinal 
ALA N   CA   sing N N 1   
ALA N   H    sing N N 2   
ALA N   H2   sing N N 3   
ALA CA  C    sing N N 4   
ALA CA  CB   sing N N 5   
ALA CA  HA   sing N N 6   
ALA C   O    doub N N 7   
ALA C   OXT  sing N N 8   
ALA CB  HB1  sing N N 9   
ALA CB  HB2  sing N N 10  
ALA CB  HB3  sing N N 11  
ALA OXT HXT  sing N N 12  
ARG N   CA   sing N N 13  
ARG N   H    sing N N 14  
ARG N   H2   sing N N 15  
ARG CA  C    sing N N 16  
ARG CA  CB   sing N N 17  
ARG CA  HA   sing N N 18  
ARG C   O    doub N N 19  
ARG C   OXT  sing N N 20  
ARG CB  CG   sing N N 21  
ARG CB  HB2  sing N N 22  
ARG CB  HB3  sing N N 23  
ARG CG  CD   sing N N 24  
ARG CG  HG2  sing N N 25  
ARG CG  HG3  sing N N 26  
ARG CD  NE   sing N N 27  
ARG CD  HD2  sing N N 28  
ARG CD  HD3  sing N N 29  
ARG NE  CZ   sing N N 30  
ARG NE  HE   sing N N 31  
ARG CZ  NH1  sing N N 32  
ARG CZ  NH2  doub N N 33  
ARG NH1 HH11 sing N N 34  
ARG NH1 HH12 sing N N 35  
ARG NH2 HH21 sing N N 36  
ARG NH2 HH22 sing N N 37  
ARG OXT HXT  sing N N 38  
ASN N   CA   sing N N 39  
ASN N   H    sing N N 40  
ASN N   H2   sing N N 41  
ASN CA  C    sing N N 42  
ASN CA  CB   sing N N 43  
ASN CA  HA   sing N N 44  
ASN C   O    doub N N 45  
ASN C   OXT  sing N N 46  
ASN CB  CG   sing N N 47  
ASN CB  HB2  sing N N 48  
ASN CB  HB3  sing N N 49  
ASN CG  OD1  doub N N 50  
ASN CG  ND2  sing N N 51  
ASN ND2 HD21 sing N N 52  
ASN ND2 HD22 sing N N 53  
ASN OXT HXT  sing N N 54  
ASP N   CA   sing N N 55  
ASP N   H    sing N N 56  
ASP N   H2   sing N N 57  
ASP CA  C    sing N N 58  
ASP CA  CB   sing N N 59  
ASP CA  HA   sing N N 60  
ASP C   O    doub N N 61  
ASP C   OXT  sing N N 62  
ASP CB  CG   sing N N 63  
ASP CB  HB2  sing N N 64  
ASP CB  HB3  sing N N 65  
ASP CG  OD1  doub N N 66  
ASP CG  OD2  sing N N 67  
ASP OD2 HD2  sing N N 68  
ASP OXT HXT  sing N N 69  
CYS N   CA   sing N N 70  
CYS N   H    sing N N 71  
CYS N   H2   sing N N 72  
CYS CA  C    sing N N 73  
CYS CA  CB   sing N N 74  
CYS CA  HA   sing N N 75  
CYS C   O    doub N N 76  
CYS C   OXT  sing N N 77  
CYS CB  SG   sing N N 78  
CYS CB  HB2  sing N N 79  
CYS CB  HB3  sing N N 80  
CYS SG  HG   sing N N 81  
CYS OXT HXT  sing N N 82  
GLN N   CA   sing N N 83  
GLN N   H    sing N N 84  
GLN N   H2   sing N N 85  
GLN CA  C    sing N N 86  
GLN CA  CB   sing N N 87  
GLN CA  HA   sing N N 88  
GLN C   O    doub N N 89  
GLN C   OXT  sing N N 90  
GLN CB  CG   sing N N 91  
GLN CB  HB2  sing N N 92  
GLN CB  HB3  sing N N 93  
GLN CG  CD   sing N N 94  
GLN CG  HG2  sing N N 95  
GLN CG  HG3  sing N N 96  
GLN CD  OE1  doub N N 97  
GLN CD  NE2  sing N N 98  
GLN NE2 HE21 sing N N 99  
GLN NE2 HE22 sing N N 100 
GLN OXT HXT  sing N N 101 
GLU N   CA   sing N N 102 
GLU N   H    sing N N 103 
GLU N   H2   sing N N 104 
GLU CA  C    sing N N 105 
GLU CA  CB   sing N N 106 
GLU CA  HA   sing N N 107 
GLU C   O    doub N N 108 
GLU C   OXT  sing N N 109 
GLU CB  CG   sing N N 110 
GLU CB  HB2  sing N N 111 
GLU CB  HB3  sing N N 112 
GLU CG  CD   sing N N 113 
GLU CG  HG2  sing N N 114 
GLU CG  HG3  sing N N 115 
GLU CD  OE1  doub N N 116 
GLU CD  OE2  sing N N 117 
GLU OE2 HE2  sing N N 118 
GLU OXT HXT  sing N N 119 
GLY N   CA   sing N N 120 
GLY N   H    sing N N 121 
GLY N   H2   sing N N 122 
GLY CA  C    sing N N 123 
GLY CA  HA2  sing N N 124 
GLY CA  HA3  sing N N 125 
GLY C   O    doub N N 126 
GLY C   OXT  sing N N 127 
GLY OXT HXT  sing N N 128 
HIS N   CA   sing N N 129 
HIS N   H    sing N N 130 
HIS N   H2   sing N N 131 
HIS CA  C    sing N N 132 
HIS CA  CB   sing N N 133 
HIS CA  HA   sing N N 134 
HIS C   O    doub N N 135 
HIS C   OXT  sing N N 136 
HIS CB  CG   sing N N 137 
HIS CB  HB2  sing N N 138 
HIS CB  HB3  sing N N 139 
HIS CG  ND1  sing Y N 140 
HIS CG  CD2  doub Y N 141 
HIS ND1 CE1  doub Y N 142 
HIS ND1 HD1  sing N N 143 
HIS CD2 NE2  sing Y N 144 
HIS CD2 HD2  sing N N 145 
HIS CE1 NE2  sing Y N 146 
HIS CE1 HE1  sing N N 147 
HIS NE2 HE2  sing N N 148 
HIS OXT HXT  sing N N 149 
HOH O   H1   sing N N 150 
HOH O   H2   sing N N 151 
ILE N   CA   sing N N 152 
ILE N   H    sing N N 153 
ILE N   H2   sing N N 154 
ILE CA  C    sing N N 155 
ILE CA  CB   sing N N 156 
ILE CA  HA   sing N N 157 
ILE C   O    doub N N 158 
ILE C   OXT  sing N N 159 
ILE CB  CG1  sing N N 160 
ILE CB  CG2  sing N N 161 
ILE CB  HB   sing N N 162 
ILE CG1 CD1  sing N N 163 
ILE CG1 HG12 sing N N 164 
ILE CG1 HG13 sing N N 165 
ILE CG2 HG21 sing N N 166 
ILE CG2 HG22 sing N N 167 
ILE CG2 HG23 sing N N 168 
ILE CD1 HD11 sing N N 169 
ILE CD1 HD12 sing N N 170 
ILE CD1 HD13 sing N N 171 
ILE OXT HXT  sing N N 172 
LEU N   CA   sing N N 173 
LEU N   H    sing N N 174 
LEU N   H2   sing N N 175 
LEU CA  C    sing N N 176 
LEU CA  CB   sing N N 177 
LEU CA  HA   sing N N 178 
LEU C   O    doub N N 179 
LEU C   OXT  sing N N 180 
LEU CB  CG   sing N N 181 
LEU CB  HB2  sing N N 182 
LEU CB  HB3  sing N N 183 
LEU CG  CD1  sing N N 184 
LEU CG  CD2  sing N N 185 
LEU CG  HG   sing N N 186 
LEU CD1 HD11 sing N N 187 
LEU CD1 HD12 sing N N 188 
LEU CD1 HD13 sing N N 189 
LEU CD2 HD21 sing N N 190 
LEU CD2 HD22 sing N N 191 
LEU CD2 HD23 sing N N 192 
LEU OXT HXT  sing N N 193 
LYS N   CA   sing N N 194 
LYS N   H    sing N N 195 
LYS N   H2   sing N N 196 
LYS CA  C    sing N N 197 
LYS CA  CB   sing N N 198 
LYS CA  HA   sing N N 199 
LYS C   O    doub N N 200 
LYS C   OXT  sing N N 201 
LYS CB  CG   sing N N 202 
LYS CB  HB2  sing N N 203 
LYS CB  HB3  sing N N 204 
LYS CG  CD   sing N N 205 
LYS CG  HG2  sing N N 206 
LYS CG  HG3  sing N N 207 
LYS CD  CE   sing N N 208 
LYS CD  HD2  sing N N 209 
LYS CD  HD3  sing N N 210 
LYS CE  NZ   sing N N 211 
LYS CE  HE2  sing N N 212 
LYS CE  HE3  sing N N 213 
LYS NZ  HZ1  sing N N 214 
LYS NZ  HZ2  sing N N 215 
LYS NZ  HZ3  sing N N 216 
LYS OXT HXT  sing N N 217 
MET N   CA   sing N N 218 
MET N   H    sing N N 219 
MET N   H2   sing N N 220 
MET CA  C    sing N N 221 
MET CA  CB   sing N N 222 
MET CA  HA   sing N N 223 
MET C   O    doub N N 224 
MET C   OXT  sing N N 225 
MET CB  CG   sing N N 226 
MET CB  HB2  sing N N 227 
MET CB  HB3  sing N N 228 
MET CG  SD   sing N N 229 
MET CG  HG2  sing N N 230 
MET CG  HG3  sing N N 231 
MET SD  CE   sing N N 232 
MET CE  HE1  sing N N 233 
MET CE  HE2  sing N N 234 
MET CE  HE3  sing N N 235 
MET OXT HXT  sing N N 236 
PHE N   CA   sing N N 237 
PHE N   H    sing N N 238 
PHE N   H2   sing N N 239 
PHE CA  C    sing N N 240 
PHE CA  CB   sing N N 241 
PHE CA  HA   sing N N 242 
PHE C   O    doub N N 243 
PHE C   OXT  sing N N 244 
PHE CB  CG   sing N N 245 
PHE CB  HB2  sing N N 246 
PHE CB  HB3  sing N N 247 
PHE CG  CD1  doub Y N 248 
PHE CG  CD2  sing Y N 249 
PHE CD1 CE1  sing Y N 250 
PHE CD1 HD1  sing N N 251 
PHE CD2 CE2  doub Y N 252 
PHE CD2 HD2  sing N N 253 
PHE CE1 CZ   doub Y N 254 
PHE CE1 HE1  sing N N 255 
PHE CE2 CZ   sing Y N 256 
PHE CE2 HE2  sing N N 257 
PHE CZ  HZ   sing N N 258 
PHE OXT HXT  sing N N 259 
PRO N   CA   sing N N 260 
PRO N   CD   sing N N 261 
PRO N   H    sing N N 262 
PRO CA  C    sing N N 263 
PRO CA  CB   sing N N 264 
PRO CA  HA   sing N N 265 
PRO C   O    doub N N 266 
PRO C   OXT  sing N N 267 
PRO CB  CG   sing N N 268 
PRO CB  HB2  sing N N 269 
PRO CB  HB3  sing N N 270 
PRO CG  CD   sing N N 271 
PRO CG  HG2  sing N N 272 
PRO CG  HG3  sing N N 273 
PRO CD  HD2  sing N N 274 
PRO CD  HD3  sing N N 275 
PRO OXT HXT  sing N N 276 
SER N   CA   sing N N 277 
SER N   H    sing N N 278 
SER N   H2   sing N N 279 
SER CA  C    sing N N 280 
SER CA  CB   sing N N 281 
SER CA  HA   sing N N 282 
SER C   O    doub N N 283 
SER C   OXT  sing N N 284 
SER CB  OG   sing N N 285 
SER CB  HB2  sing N N 286 
SER CB  HB3  sing N N 287 
SER OG  HG   sing N N 288 
SER OXT HXT  sing N N 289 
SO4 S   O1   doub N N 290 
SO4 S   O2   doub N N 291 
SO4 S   O3   sing N N 292 
SO4 S   O4   sing N N 293 
THR N   CA   sing N N 294 
THR N   H    sing N N 295 
THR N   H2   sing N N 296 
THR CA  C    sing N N 297 
THR CA  CB   sing N N 298 
THR CA  HA   sing N N 299 
THR C   O    doub N N 300 
THR C   OXT  sing N N 301 
THR CB  OG1  sing N N 302 
THR CB  CG2  sing N N 303 
THR CB  HB   sing N N 304 
THR OG1 HG1  sing N N 305 
THR CG2 HG21 sing N N 306 
THR CG2 HG22 sing N N 307 
THR CG2 HG23 sing N N 308 
THR OXT HXT  sing N N 309 
TLA O1  C1   doub N N 310 
TLA O11 C1   sing N N 311 
TLA O11 H11  sing N N 312 
TLA C1  C2   sing N N 313 
TLA C2  O2   sing N N 314 
TLA C2  C3   sing N N 315 
TLA C2  H2   sing N N 316 
TLA O2  HA   sing N N 317 
TLA C3  O3   sing N N 318 
TLA C3  C4   sing N N 319 
TLA C3  H3   sing N N 320 
TLA O3  HB   sing N N 321 
TLA C4  O4   doub N N 322 
TLA C4  O41  sing N N 323 
TLA O41 H41  sing N N 324 
TRP N   CA   sing N N 325 
TRP N   H    sing N N 326 
TRP N   H2   sing N N 327 
TRP CA  C    sing N N 328 
TRP CA  CB   sing N N 329 
TRP CA  HA   sing N N 330 
TRP C   O    doub N N 331 
TRP C   OXT  sing N N 332 
TRP CB  CG   sing N N 333 
TRP CB  HB2  sing N N 334 
TRP CB  HB3  sing N N 335 
TRP CG  CD1  doub Y N 336 
TRP CG  CD2  sing Y N 337 
TRP CD1 NE1  sing Y N 338 
TRP CD1 HD1  sing N N 339 
TRP CD2 CE2  doub Y N 340 
TRP CD2 CE3  sing Y N 341 
TRP NE1 CE2  sing Y N 342 
TRP NE1 HE1  sing N N 343 
TRP CE2 CZ2  sing Y N 344 
TRP CE3 CZ3  doub Y N 345 
TRP CE3 HE3  sing N N 346 
TRP CZ2 CH2  doub Y N 347 
TRP CZ2 HZ2  sing N N 348 
TRP CZ3 CH2  sing Y N 349 
TRP CZ3 HZ3  sing N N 350 
TRP CH2 HH2  sing N N 351 
TRP OXT HXT  sing N N 352 
TYR N   CA   sing N N 353 
TYR N   H    sing N N 354 
TYR N   H2   sing N N 355 
TYR CA  C    sing N N 356 
TYR CA  CB   sing N N 357 
TYR CA  HA   sing N N 358 
TYR C   O    doub N N 359 
TYR C   OXT  sing N N 360 
TYR CB  CG   sing N N 361 
TYR CB  HB2  sing N N 362 
TYR CB  HB3  sing N N 363 
TYR CG  CD1  doub Y N 364 
TYR CG  CD2  sing Y N 365 
TYR CD1 CE1  sing Y N 366 
TYR CD1 HD1  sing N N 367 
TYR CD2 CE2  doub Y N 368 
TYR CD2 HD2  sing N N 369 
TYR CE1 CZ   doub Y N 370 
TYR CE1 HE1  sing N N 371 
TYR CE2 CZ   sing Y N 372 
TYR CE2 HE2  sing N N 373 
TYR CZ  OH   sing N N 374 
TYR OH  HH   sing N N 375 
TYR OXT HXT  sing N N 376 
VAL N   CA   sing N N 377 
VAL N   H    sing N N 378 
VAL N   H2   sing N N 379 
VAL CA  C    sing N N 380 
VAL CA  CB   sing N N 381 
VAL CA  HA   sing N N 382 
VAL C   O    doub N N 383 
VAL C   OXT  sing N N 384 
VAL CB  CG1  sing N N 385 
VAL CB  CG2  sing N N 386 
VAL CB  HB   sing N N 387 
VAL CG1 HG11 sing N N 388 
VAL CG1 HG12 sing N N 389 
VAL CG1 HG13 sing N N 390 
VAL CG2 HG21 sing N N 391 
VAL CG2 HG22 sing N N 392 
VAL CG2 HG23 sing N N 393 
VAL OXT HXT  sing N N 394 
# 
_atom_sites.entry_id                    1ALU 
_atom_sites.fract_transf_matrix[1][1]   0.00546551 
_atom_sites.fract_transf_matrix[1][2]   -0.00000758 
_atom_sites.fract_transf_matrix[1][3]   -0.02259239 
_atom_sites.fract_transf_matrix[2][1]   -0.01378696 
_atom_sites.fract_transf_matrix[2][2]   -0.01079133 
_atom_sites.fract_transf_matrix[2][3]   -0.01528890 
_atom_sites.fract_transf_matrix[3][1]   -0.00426905 
_atom_sites.fract_transf_matrix[3][2]   0.00692060 
_atom_sites.fract_transf_matrix[3][3]   -0.00103508 
_atom_sites.fract_transf_vector[1]      -0.183190 
_atom_sites.fract_transf_vector[2]      -0.463396 
_atom_sites.fract_transf_vector[3]      0.078465 
# 
loop_
_atom_type.symbol 
C 
N 
O 
S 
# 
loop_
_atom_site.group_PDB 
_atom_site.id 
_atom_site.type_symbol 
_atom_site.label_atom_id 
_atom_site.label_alt_id 
_atom_site.label_comp_id 
_atom_site.label_asym_id 
_atom_site.label_entity_id 
_atom_site.label_seq_id 
_atom_site.pdbx_PDB_ins_code 
_atom_site.Cartn_x 
_atom_site.Cartn_y 
_atom_site.Cartn_z 
_atom_site.occupancy 
_atom_site.B_iso_or_equiv 
_atom_site.pdbx_formal_charge 
_atom_site.auth_seq_id 
_atom_site.auth_comp_id 
_atom_site.auth_asym_id 
_atom_site.auth_atom_id 
_atom_site.pdbx_PDB_model_num 
ATOM   1    N N   . LEU A 1 21  ? -11.450 -14.485 -16.088 1.00 41.69 ? 19  LEU A N   1 
ATOM   2    C CA  . LEU A 1 21  ? -11.337 -13.993 -14.717 1.00 39.89 ? 19  LEU A CA  1 
ATOM   3    C C   . LEU A 1 21  ? -12.441 -13.009 -14.369 1.00 38.15 ? 19  LEU A C   1 
ATOM   4    O O   . LEU A 1 21  ? -12.571 -11.996 -15.068 1.00 38.49 ? 19  LEU A O   1 
ATOM   5    C CB  . LEU A 1 21  ? -10.019 -13.199 -14.570 1.00 42.60 ? 19  LEU A CB  1 
ATOM   6    C CG  . LEU A 1 21  ? -8.750  -14.038 -14.496 1.00 43.55 ? 19  LEU A CG  1 
ATOM   7    C CD1 . LEU A 1 21  ? -7.527  -13.137 -14.562 1.00 44.00 ? 19  LEU A CD1 1 
ATOM   8    C CD2 . LEU A 1 21  ? -8.759  -14.869 -13.216 1.00 46.58 ? 19  LEU A CD2 1 
ATOM   9    N N   . THR A 1 22  ? -13.125 -13.205 -13.240 1.00 36.62 ? 20  THR A N   1 
ATOM   10   C CA  . THR A 1 22  ? -14.083 -12.146 -12.875 1.00 34.21 ? 20  THR A CA  1 
ATOM   11   C C   . THR A 1 22  ? -13.342 -10.921 -12.364 1.00 33.82 ? 20  THR A C   1 
ATOM   12   O O   . THR A 1 22  ? -12.119 -10.941 -12.169 1.00 33.68 ? 20  THR A O   1 
ATOM   13   C CB  . THR A 1 22  ? -15.029 -12.660 -11.785 1.00 36.55 ? 20  THR A CB  1 
ATOM   14   O OG1 . THR A 1 22  ? -14.251 -12.897 -10.601 1.00 31.81 ? 20  THR A OG1 1 
ATOM   15   C CG2 . THR A 1 22  ? -15.684 -13.940 -12.295 1.00 35.75 ? 20  THR A CG2 1 
ATOM   16   N N   . SER A 1 23  ? -14.075 -9.883  -12.068 1.00 31.88 ? 21  SER A N   1 
ATOM   17   C CA  . SER A 1 23  ? -13.568 -8.655  -11.436 1.00 30.34 ? 21  SER A CA  1 
ATOM   18   C C   . SER A 1 23  ? -12.892 -9.018  -10.106 1.00 27.56 ? 21  SER A C   1 
ATOM   19   O O   . SER A 1 23  ? -11.766 -8.595  -9.782  1.00 23.58 ? 21  SER A O   1 
ATOM   20   C CB  . SER A 1 23  ? -14.821 -7.794  -11.194 1.00 35.25 ? 21  SER A CB  1 
ATOM   21   O OG  . SER A 1 23  ? -14.569 -6.653  -10.388 1.00 43.70 ? 21  SER A OG  1 
ATOM   22   N N   . SER A 1 24  ? -13.587 -9.858  -9.325  1.00 24.13 ? 22  SER A N   1 
ATOM   23   C CA  . SER A 1 24  ? -13.059 -10.244 -7.995  1.00 25.02 ? 22  SER A CA  1 
ATOM   24   C C   . SER A 1 24  ? -11.777 -11.024 -8.108  1.00 23.02 ? 22  SER A C   1 
ATOM   25   O O   . SER A 1 24  ? -10.812 -10.935 -7.312  1.00 21.82 ? 22  SER A O   1 
ATOM   26   C CB  . SER A 1 24  ? -14.126 -11.089 -7.261  1.00 28.68 ? 22  SER A CB  1 
ATOM   27   O OG  . SER A 1 24  ? -14.993 -10.202 -6.534  1.00 32.01 ? 22  SER A OG  1 
ATOM   28   N N   . GLU A 1 25  ? -11.762 -11.956 -9.071  1.00 21.72 ? 23  GLU A N   1 
ATOM   29   C CA  . GLU A 1 25  ? -10.596 -12.795 -9.325  1.00 21.76 ? 23  GLU A CA  1 
ATOM   30   C C   . GLU A 1 25  ? -9.409  -11.934 -9.741  1.00 21.06 ? 23  GLU A C   1 
ATOM   31   O O   . GLU A 1 25  ? -8.252  -12.140 -9.338  1.00 18.48 ? 23  GLU A O   1 
ATOM   32   C CB  . GLU A 1 25  ? -10.889 -13.830 -10.440 1.00 24.79 ? 23  GLU A CB  1 
ATOM   33   C CG  . GLU A 1 25  ? -11.731 -14.981 -9.957  1.00 31.86 ? 23  GLU A CG  1 
ATOM   34   C CD  . GLU A 1 25  ? -12.327 -15.880 -11.024 1.00 35.16 ? 23  GLU A CD  1 
ATOM   35   O OE1 . GLU A 1 25  ? -12.136 -15.693 -12.228 1.00 36.96 ? 23  GLU A OE1 1 
ATOM   36   O OE2 . GLU A 1 25  ? -13.000 -16.852 -10.610 1.00 39.85 ? 23  GLU A OE2 1 
ATOM   37   N N   . ARG A 1 26  ? -9.696  -10.965 -10.629 1.00 19.02 ? 24  ARG A N   1 
ATOM   38   C CA  . ARG A 1 26  ? -8.593  -10.090 -11.084 1.00 20.01 ? 24  ARG A CA  1 
ATOM   39   C C   . ARG A 1 26  ? -8.012  -9.294  -9.934  1.00 17.69 ? 24  ARG A C   1 
ATOM   40   O O   . ARG A 1 26  ? -6.776  -9.067  -9.877  1.00 18.11 ? 24  ARG A O   1 
ATOM   41   C CB  . ARG A 1 26  ? -9.123  -9.162  -12.195 1.00 24.33 ? 24  ARG A CB  1 
ATOM   42   C CG  . ARG A 1 26  ? -8.006  -8.613  -13.064 1.00 33.38 ? 24  ARG A CG  1 
ATOM   43   C CD  . ARG A 1 26  ? -8.508  -7.707  -14.175 1.00 39.79 ? 24  ARG A CD  1 
ATOM   44   N NE  . ARG A 1 26  ? -9.635  -6.880  -13.792 1.00 41.31 ? 24  ARG A NE  1 
ATOM   45   C CZ  . ARG A 1 26  ? -10.426 -6.199  -14.618 1.00 46.98 ? 24  ARG A CZ  1 
ATOM   46   N NH1 . ARG A 1 26  ? -10.174 -6.182  -15.920 1.00 45.22 ? 24  ARG A NH1 1 
ATOM   47   N NH2 . ARG A 1 26  ? -11.473 -5.533  -14.142 1.00 47.04 ? 24  ARG A NH2 1 
ATOM   48   N N   . ILE A 1 27  ? -8.837  -8.829  -9.030  1.00 15.86 ? 25  ILE A N   1 
ATOM   49   C CA  . ILE A 1 27  ? -8.406  -8.045  -7.880  1.00 15.92 ? 25  ILE A CA  1 
ATOM   50   C C   . ILE A 1 27  ? -7.528  -8.929  -6.970  1.00 15.12 ? 25  ILE A C   1 
ATOM   51   O O   . ILE A 1 27  ? -6.449  -8.502  -6.495  1.00 12.37 ? 25  ILE A O   1 
ATOM   52   C CB  . ILE A 1 27  ? -9.615  -7.452  -7.155  1.00 19.41 ? 25  ILE A CB  1 
ATOM   53   C CG1 . ILE A 1 27  ? -10.130 -6.253  -8.036  1.00 17.73 ? 25  ILE A CG1 1 
ATOM   54   C CG2 . ILE A 1 27  ? -9.268  -6.899  -5.769  1.00 16.10 ? 25  ILE A CG2 1 
ATOM   55   C CD1 . ILE A 1 27  ? -11.444 -5.692  -7.477  1.00 22.19 ? 25  ILE A CD1 1 
ATOM   56   N N   . ASP A 1 28  ? -8.067  -10.097 -6.676  1.00 14.65 ? 26  ASP A N   1 
ATOM   57   C CA  . ASP A 1 28  ? -7.242  -10.990 -5.796  1.00 15.54 ? 26  ASP A CA  1 
ATOM   58   C C   . ASP A 1 28  ? -5.883  -11.293 -6.386  1.00 16.57 ? 26  ASP A C   1 
ATOM   59   O O   . ASP A 1 28  ? -4.853  -11.311 -5.662  1.00 15.81 ? 26  ASP A O   1 
ATOM   60   C CB  A ASP A 1 28  ? -8.058  -12.271 -5.613  0.50 14.81 ? 26  ASP A CB  1 
ATOM   61   C CB  B ASP A 1 28  ? -8.056  -12.218 -5.472  0.50 15.77 ? 26  ASP A CB  1 
ATOM   62   C CG  A ASP A 1 28  ? -7.521  -13.285 -4.640  0.50 14.18 ? 26  ASP A CG  1 
ATOM   63   C CG  B ASP A 1 28  ? -9.173  -11.989 -4.494  0.50 17.43 ? 26  ASP A CG  1 
ATOM   64   O OD1 A ASP A 1 28  ? -6.521  -13.954 -4.912  0.50 17.23 ? 26  ASP A OD1 1 
ATOM   65   O OD1 B ASP A 1 28  ? -9.226  -11.005 -3.703  0.50 15.32 ? 26  ASP A OD1 1 
ATOM   66   O OD2 A ASP A 1 28  ? -8.167  -13.503 -3.585  0.50 14.67 ? 26  ASP A OD2 1 
ATOM   67   O OD2 B ASP A 1 28  ? -10.070 -12.891 -4.477  0.50 17.91 ? 26  ASP A OD2 1 
ATOM   68   N N   . LYS A 1 29  ? -5.821  -11.670 -7.681  1.00 15.83 ? 27  LYS A N   1 
ATOM   69   C CA  . LYS A 1 29  ? -4.531  -11.911 -8.299  1.00 16.30 ? 27  LYS A CA  1 
ATOM   70   C C   . LYS A 1 29  ? -3.633  -10.704 -8.283  1.00 15.18 ? 27  LYS A C   1 
ATOM   71   O O   . LYS A 1 29  ? -2.399  -10.838 -8.114  1.00 13.84 ? 27  LYS A O   1 
ATOM   72   C CB  . LYS A 1 29  ? -4.784  -12.334 -9.760  1.00 21.34 ? 27  LYS A CB  1 
ATOM   73   C CG  . LYS A 1 29  ? -3.557  -12.666 -10.583 1.00 29.92 ? 27  LYS A CG  1 
ATOM   74   C CD  . LYS A 1 29  ? -3.998  -13.509 -11.814 1.00 37.74 ? 27  LYS A CD  1 
ATOM   75   C CE  . LYS A 1 29  ? -4.821  -14.711 -11.348 1.00 42.77 ? 27  LYS A CE  1 
ATOM   76   N NZ  . LYS A 1 29  ? -5.029  -15.718 -12.434 1.00 51.51 ? 27  LYS A NZ  1 
ATOM   77   N N   . GLN A 1 30  ? -4.220  -9.490  -8.435  1.00 14.46 ? 28  GLN A N   1 
ATOM   78   C CA  . GLN A 1 30  ? -3.368  -8.287  -8.475  1.00 13.39 ? 28  GLN A CA  1 
ATOM   79   C C   . GLN A 1 30  ? -2.762  -8.057  -7.099  1.00 12.77 ? 28  GLN A C   1 
ATOM   80   O O   . GLN A 1 30  ? -1.601  -7.647  -6.984  1.00 11.88 ? 28  GLN A O   1 
ATOM   81   C CB  . GLN A 1 30  ? -4.193  -7.067  -8.904  1.00 14.17 ? 28  GLN A CB  1 
ATOM   82   C CG  . GLN A 1 30  ? -3.381  -5.767  -9.036  1.00 15.68 ? 28  GLN A CG  1 
ATOM   83   C CD  . GLN A 1 30  ? -2.688  -5.695  -10.381 1.00 21.16 ? 28  GLN A CD  1 
ATOM   84   O OE1 . GLN A 1 30  ? -1.909  -4.767  -10.644 1.00 21.30 ? 28  GLN A OE1 1 
ATOM   85   N NE2 . GLN A 1 30  ? -2.956  -6.646  -11.239 1.00 15.53 ? 28  GLN A NE2 1 
ATOM   86   N N   . ILE A 1 31  ? -3.540  -8.251  -6.029  1.00 11.71 ? 29  ILE A N   1 
ATOM   87   C CA  . ILE A 1 31  ? -2.991  -8.056  -4.666  1.00 11.46 ? 29  ILE A CA  1 
ATOM   88   C C   . ILE A 1 31  ? -1.881  -9.078  -4.401  1.00 10.42 ? 29  ILE A C   1 
ATOM   89   O O   . ILE A 1 31  ? -0.812  -8.765  -3.851  1.00 8.91  ? 29  ILE A O   1 
ATOM   90   C CB  . ILE A 1 31  ? -4.098  -8.175  -3.620  1.00 12.91 ? 29  ILE A CB  1 
ATOM   91   C CG1 . ILE A 1 31  ? -5.000  -6.923  -3.722  1.00 13.26 ? 29  ILE A CG1 1 
ATOM   92   C CG2 . ILE A 1 31  ? -3.529  -8.319  -2.184  1.00 12.55 ? 29  ILE A CG2 1 
ATOM   93   C CD1 . ILE A 1 31  ? -6.333  -7.157  -2.948  1.00 16.45 ? 29  ILE A CD1 1 
ATOM   94   N N   . ARG A 1 32  ? -2.136  -10.326 -4.771  1.00 11.43 ? 30  ARG A N   1 
ATOM   95   C CA  . ARG A 1 32  ? -1.125  -11.382 -4.556  1.00 12.51 ? 30  ARG A CA  1 
ATOM   96   C C   . ARG A 1 32  ? 0.174   -11.005 -5.283  1.00 12.79 ? 30  ARG A C   1 
ATOM   97   O O   . ARG A 1 32  ? 1.301   -11.148 -4.794  1.00 13.62 ? 30  ARG A O   1 
ATOM   98   C CB  A ARG A 1 32  ? -1.663  -12.722 -5.034  0.50 9.00  ? 30  ARG A CB  1 
ATOM   99   C CB  B ARG A 1 32  ? -1.574  -12.678 -5.251  0.50 11.13 ? 30  ARG A CB  1 
ATOM   100  C CG  A ARG A 1 32  ? -2.866  -13.208 -4.176  0.50 9.44  ? 30  ARG A CG  1 
ATOM   101  C CG  B ARG A 1 32  ? -2.028  -13.894 -4.492  0.50 18.36 ? 30  ARG A CG  1 
ATOM   102  C CD  A ARG A 1 32  ? -3.107  -14.684 -4.560  0.50 11.78 ? 30  ARG A CD  1 
ATOM   103  C CD  B ARG A 1 32  ? -2.808  -14.816 -5.501  0.50 15.98 ? 30  ARG A CD  1 
ATOM   104  N NE  A ARG A 1 32  ? -4.255  -15.237 -3.832  0.50 13.27 ? 30  ARG A NE  1 
ATOM   105  N NE  B ARG A 1 32  ? -4.164  -14.923 -5.195  0.50 20.64 ? 30  ARG A NE  1 
ATOM   106  C CZ  A ARG A 1 32  ? -4.052  -16.361 -3.127  0.50 17.05 ? 30  ARG A CZ  1 
ATOM   107  C CZ  B ARG A 1 32  ? -5.344  -15.071 -5.713  0.50 18.98 ? 30  ARG A CZ  1 
ATOM   108  N NH1 A ARG A 1 32  ? -2.819  -16.854 -3.163  0.50 15.80 ? 30  ARG A NH1 1 
ATOM   109  N NH1 B ARG A 1 32  ? -5.567  -15.187 -7.030  0.50 17.02 ? 30  ARG A NH1 1 
ATOM   110  N NH2 A ARG A 1 32  ? -5.056  -16.873 -2.449  0.50 17.64 ? 30  ARG A NH2 1 
ATOM   111  N NH2 B ARG A 1 32  ? -6.383  -15.112 -4.878  0.50 20.77 ? 30  ARG A NH2 1 
ATOM   112  N N   . TYR A 1 33  ? 0.026   -10.483 -6.476  1.00 13.86 ? 31  TYR A N   1 
ATOM   113  C CA  . TYR A 1 33  ? 1.197   -10.060 -7.302  1.00 13.56 ? 31  TYR A CA  1 
ATOM   114  C C   . TYR A 1 33  ? 1.984   -9.008  -6.598  1.00 13.02 ? 31  TYR A C   1 
ATOM   115  O O   . TYR A 1 33  ? 3.204   -8.992  -6.437  1.00 11.55 ? 31  TYR A O   1 
ATOM   116  C CB  . TYR A 1 33  ? 0.652   -9.635  -8.664  1.00 13.77 ? 31  TYR A CB  1 
ATOM   117  C CG  . TYR A 1 33  ? 1.648   -9.184  -9.704  1.00 14.84 ? 31  TYR A CG  1 
ATOM   118  C CD1 . TYR A 1 33  ? 2.428   -10.155 -10.356 1.00 19.22 ? 31  TYR A CD1 1 
ATOM   119  C CD2 . TYR A 1 33  ? 1.894   -7.841  -10.002 1.00 17.15 ? 31  TYR A CD2 1 
ATOM   120  C CE1 . TYR A 1 33  ? 3.371   -9.778  -11.313 1.00 16.70 ? 31  TYR A CE1 1 
ATOM   121  C CE2 . TYR A 1 33  ? 2.805   -7.477  -10.998 1.00 17.30 ? 31  TYR A CE2 1 
ATOM   122  C CZ  . TYR A 1 33  ? 3.515   -8.458  -11.644 1.00 18.88 ? 31  TYR A CZ  1 
ATOM   123  O OH  . TYR A 1 33  ? 4.462   -8.169  -12.634 1.00 18.79 ? 31  TYR A OH  1 
ATOM   124  N N   . ILE A 1 34  ? 1.270   -7.934  -6.154  1.00 12.83 ? 32  ILE A N   1 
ATOM   125  C CA  . ILE A 1 34  ? 1.927   -6.874  -5.427  1.00 10.44 ? 32  ILE A CA  1 
ATOM   126  C C   . ILE A 1 34  ? 2.572   -7.378  -4.126  1.00 12.77 ? 32  ILE A C   1 
ATOM   127  O O   . ILE A 1 34  ? 3.653   -6.910  -3.777  1.00 11.83 ? 32  ILE A O   1 
ATOM   128  C CB  . ILE A 1 34  ? 0.933   -5.743  -5.119  1.00 13.36 ? 32  ILE A CB  1 
ATOM   129  C CG1 . ILE A 1 34  ? 0.435   -5.197  -6.506  1.00 14.23 ? 32  ILE A CG1 1 
ATOM   130  C CG2 . ILE A 1 34  ? 1.571   -4.672  -4.236  1.00 11.90 ? 32  ILE A CG2 1 
ATOM   131  C CD1 . ILE A 1 34  ? -0.808  -4.309  -6.254  1.00 13.65 ? 32  ILE A CD1 1 
ATOM   132  N N   . LEU A 1 35  ? 1.879   -8.286  -3.422  1.00 10.75 ? 33  LEU A N   1 
ATOM   133  C CA  . LEU A 1 35  ? 2.541   -8.807  -2.197  1.00 10.99 ? 33  LEU A CA  1 
ATOM   134  C C   . LEU A 1 35  ? 3.842   -9.507  -2.525  1.00 12.75 ? 33  LEU A C   1 
ATOM   135  O O   . LEU A 1 35  ? 4.771   -9.467  -1.728  1.00 11.66 ? 33  LEU A O   1 
ATOM   136  C CB  . LEU A 1 35  ? 1.516   -9.796  -1.549  1.00 10.21 ? 33  LEU A CB  1 
ATOM   137  C CG  . LEU A 1 35  ? 0.490   -8.944  -0.697  1.00 11.68 ? 33  LEU A CG  1 
ATOM   138  C CD1 . LEU A 1 35  ? -0.728  -9.812  -0.425  1.00 12.48 ? 33  LEU A CD1 1 
ATOM   139  C CD2 . LEU A 1 35  ? 1.145   -8.424  0.597   1.00 11.14 ? 33  LEU A CD2 1 
ATOM   140  N N   . ASP A 1 36  ? 3.840   -10.278 -3.633  1.00 11.90 ? 34  ASP A N   1 
ATOM   141  C CA  . ASP A 1 36  ? 5.098   -10.942 -4.004  1.00 13.67 ? 34  ASP A CA  1 
ATOM   142  C C   . ASP A 1 36  ? 6.180   -9.906  -4.331  1.00 13.16 ? 34  ASP A C   1 
ATOM   143  O O   . ASP A 1 36  ? 7.364   -10.090 -3.966  1.00 12.53 ? 34  ASP A O   1 
ATOM   144  C CB  . ASP A 1 36  ? 4.832   -11.851 -5.224  1.00 13.51 ? 34  ASP A CB  1 
ATOM   145  C CG  . ASP A 1 36  ? 4.093   -13.120 -4.762  1.00 21.89 ? 34  ASP A CG  1 
ATOM   146  O OD1 . ASP A 1 36  ? 4.221   -13.506 -3.581  1.00 19.50 ? 34  ASP A OD1 1 
ATOM   147  O OD2 . ASP A 1 36  ? 3.502   -13.769 -5.610  1.00 17.76 ? 34  ASP A OD2 1 
ATOM   148  N N   . GLY A 1 37  ? 5.826   -8.772  -4.907  1.00 12.45 ? 35  GLY A N   1 
ATOM   149  C CA  . GLY A 1 37  ? 6.729   -7.654  -5.211  1.00 11.27 ? 35  GLY A CA  1 
ATOM   150  C C   . GLY A 1 37  ? 7.245   -7.023  -3.922  1.00 13.67 ? 35  GLY A C   1 
ATOM   151  O O   . GLY A 1 37  ? 8.449   -6.785  -3.768  1.00 13.73 ? 35  GLY A O   1 
ATOM   152  N N   . ILE A 1 38  ? 6.354   -6.807  -2.966  1.00 11.40 ? 36  ILE A N   1 
ATOM   153  C CA  . ILE A 1 38  ? 6.784   -6.291  -1.646  1.00 13.94 ? 36  ILE A CA  1 
ATOM   154  C C   . ILE A 1 38  ? 7.742   -7.270  -0.995  1.00 14.93 ? 36  ILE A C   1 
ATOM   155  O O   . ILE A 1 38  ? 8.744   -6.838  -0.349  1.00 14.31 ? 36  ILE A O   1 
ATOM   156  C CB  . ILE A 1 38  ? 5.507   -6.081  -0.785  1.00 13.03 ? 36  ILE A CB  1 
ATOM   157  C CG1 . ILE A 1 38  ? 4.700   -4.919  -1.435  1.00 16.00 ? 36  ILE A CG1 1 
ATOM   158  C CG2 . ILE A 1 38  ? 5.875   -5.681  0.664   1.00 14.56 ? 36  ILE A CG2 1 
ATOM   159  C CD1 . ILE A 1 38  ? 3.280   -4.961  -0.835  1.00 19.21 ? 36  ILE A CD1 1 
ATOM   160  N N   . SER A 1 39  ? 7.415   -8.570  -1.091  1.00 14.57 ? 37  SER A N   1 
ATOM   161  C CA  . SER A 1 39  ? 8.297   -9.570  -0.433  1.00 16.45 ? 37  SER A CA  1 
ATOM   162  C C   . SER A 1 39  ? 9.683   -9.578  -1.050  1.00 17.01 ? 37  SER A C   1 
ATOM   163  O O   . SER A 1 39  ? 10.719  -9.643  -0.303  1.00 17.48 ? 37  SER A O   1 
ATOM   164  C CB  . SER A 1 39  ? 7.586   -10.955 -0.485  1.00 14.81 ? 37  SER A CB  1 
ATOM   165  O OG  . SER A 1 39  ? 8.491   -11.973 -0.090  1.00 22.83 ? 37  SER A OG  1 
ATOM   166  N N   . ALA A 1 40  ? 9.809   -9.281  -2.319  1.00 17.37 ? 38  ALA A N   1 
ATOM   167  C CA  . ALA A 1 40  ? 11.147  -9.184  -2.976  1.00 19.52 ? 38  ALA A CA  1 
ATOM   168  C C   . ALA A 1 40  ? 11.872  -7.927  -2.549  1.00 19.68 ? 38  ALA A C   1 
ATOM   169  O O   . ALA A 1 40  ? 13.086  -7.963  -2.182  1.00 19.18 ? 38  ALA A O   1 
ATOM   170  C CB  . ALA A 1 40  ? 10.959  -9.152  -4.490  1.00 17.14 ? 38  ALA A CB  1 
ATOM   171  N N   . LEU A 1 41  ? 11.154  -6.816  -2.378  1.00 18.37 ? 39  LEU A N   1 
ATOM   172  C CA  . LEU A 1 41  ? 11.803  -5.592  -1.916  1.00 19.55 ? 39  LEU A CA  1 
ATOM   173  C C   . LEU A 1 41  ? 12.201  -5.731  -0.440  1.00 21.30 ? 39  LEU A C   1 
ATOM   174  O O   . LEU A 1 41  ? 13.270  -5.220  -0.077  1.00 20.26 ? 39  LEU A O   1 
ATOM   175  C CB  . LEU A 1 41  ? 10.901  -4.350  -2.048  1.00 19.35 ? 39  LEU A CB  1 
ATOM   176  C CG  . LEU A 1 41  ? 10.602  -3.918  -3.487  1.00 18.69 ? 39  LEU A CG  1 
ATOM   177  C CD1 . LEU A 1 41  ? 9.617   -2.767  -3.518  1.00 19.79 ? 39  LEU A CD1 1 
ATOM   178  C CD2 . LEU A 1 41  ? 11.916  -3.535  -4.161  1.00 19.23 ? 39  LEU A CD2 1 
ATOM   179  N N   . ARG A 1 42  ? 11.378  -6.392  0.331   1.00 17.75 ? 40  ARG A N   1 
ATOM   180  C CA  . ARG A 1 42  ? 11.669  -6.585  1.762   1.00 20.20 ? 40  ARG A CA  1 
ATOM   181  C C   . ARG A 1 42  ? 12.927  -7.440  1.911   1.00 22.90 ? 40  ARG A C   1 
ATOM   182  O O   . ARG A 1 42  ? 13.832  -7.068  2.679   1.00 22.75 ? 40  ARG A O   1 
ATOM   183  C CB  . ARG A 1 42  ? 10.494  -7.328  2.419   1.00 23.85 ? 40  ARG A CB  1 
ATOM   184  C CG  . ARG A 1 42  ? 10.848  -7.876  3.786   1.00 25.98 ? 40  ARG A CG  1 
ATOM   185  C CD  . ARG A 1 42  ? 9.728   -8.712  4.390   1.00 30.34 ? 40  ARG A CD  1 
ATOM   186  N NE  . ARG A 1 42  ? 10.105  -9.006  5.790   1.00 32.83 ? 40  ARG A NE  1 
ATOM   187  C CZ  . ARG A 1 42  ? 10.767  -10.092 6.149   1.00 37.00 ? 40  ARG A CZ  1 
ATOM   188  N NH1 . ARG A 1 42  ? 10.987  -11.046 5.249   1.00 33.62 ? 40  ARG A NH1 1 
ATOM   189  N NH2 . ARG A 1 42  ? 11.150  -10.257 7.418   1.00 35.99 ? 40  ARG A NH2 1 
ATOM   190  N N   . LYS A 1 43  ? 12.986  -8.533  1.146   1.00 22.98 ? 41  LYS A N   1 
ATOM   191  C CA  . LYS A 1 43  ? 14.222  -9.358  1.244   1.00 26.57 ? 41  LYS A CA  1 
ATOM   192  C C   . LYS A 1 43  ? 15.472  -8.525  0.959   1.00 28.65 ? 41  LYS A C   1 
ATOM   193  O O   . LYS A 1 43  ? 16.525  -8.655  1.616   1.00 30.03 ? 41  LYS A O   1 
ATOM   194  C CB  . LYS A 1 43  ? 14.111  -10.467 0.212   1.00 29.43 ? 41  LYS A CB  1 
ATOM   195  C CG  . LYS A 1 43  ? 15.096  -11.614 0.398   1.00 35.30 ? 41  LYS A CG  1 
ATOM   196  C CD  . LYS A 1 43  ? 14.831  -12.676 -0.672  1.00 37.51 ? 41  LYS A CD  1 
ATOM   197  C CE  . LYS A 1 43  ? 15.618  -12.323 -1.928  1.00 41.61 ? 41  LYS A CE  1 
ATOM   198  N NZ  . LYS A 1 43  ? 15.857  -13.531 -2.772  1.00 46.22 ? 41  LYS A NZ  1 
ATOM   199  N N   . GLU A 1 44  ? 15.436  -7.732  -0.091  1.00 28.40 ? 42  GLU A N   1 
ATOM   200  C CA  . GLU A 1 44  ? 16.545  -6.913  -0.485  1.00 30.75 ? 42  GLU A CA  1 
ATOM   201  C C   . GLU A 1 44  ? 16.966  -5.938  0.611   1.00 30.46 ? 42  GLU A C   1 
ATOM   202  O O   . GLU A 1 44  ? 18.152  -5.884  0.953   1.00 29.91 ? 42  GLU A O   1 
ATOM   203  C CB  . GLU A 1 44  ? 16.255  -6.092  -1.754  1.00 31.06 ? 42  GLU A CB  1 
ATOM   204  C CG  . GLU A 1 44  ? 17.525  -5.264  -2.076  1.00 37.52 ? 42  GLU A CG  1 
ATOM   205  C CD  . GLU A 1 44  ? 17.418  -4.693  -3.470  1.00 40.23 ? 42  GLU A CD  1 
ATOM   206  O OE1 . GLU A 1 44  ? 16.674  -5.316  -4.263  1.00 41.21 ? 42  GLU A OE1 1 
ATOM   207  O OE2 . GLU A 1 44  ? 18.008  -3.633  -3.729  1.00 44.43 ? 42  GLU A OE2 1 
ATOM   208  N N   . THR A 1 45  ? 16.042  -5.096  1.065   1.00 29.44 ? 43  THR A N   1 
ATOM   209  C CA  . THR A 1 45  ? 16.457  -4.061  2.028   1.00 29.64 ? 43  THR A CA  1 
ATOM   210  C C   . THR A 1 45  ? 16.832  -4.709  3.351   1.00 30.47 ? 43  THR A C   1 
ATOM   211  O O   . THR A 1 45  ? 17.819  -4.292  4.002   1.00 29.93 ? 43  THR A O   1 
ATOM   212  C CB  . THR A 1 45  ? 15.359  -2.987  2.164   1.00 32.24 ? 43  THR A CB  1 
ATOM   213  O OG1 . THR A 1 45  ? 15.787  -1.951  3.083   1.00 31.06 ? 43  THR A OG1 1 
ATOM   214  C CG2 . THR A 1 45  ? 14.082  -3.611  2.677   1.00 27.14 ? 43  THR A CG2 1 
ATOM   215  N N   . CYS A 1 46  ? 16.086  -5.700  3.796   1.00 29.88 ? 44  CYS A N   1 
ATOM   216  C CA  . CYS A 1 46  ? 16.334  -6.413  5.031   1.00 32.38 ? 44  CYS A CA  1 
ATOM   217  C C   . CYS A 1 46  ? 17.663  -7.168  4.982   1.00 32.19 ? 44  CYS A C   1 
ATOM   218  O O   . CYS A 1 46  ? 18.371  -7.130  5.992   1.00 31.96 ? 44  CYS A O   1 
ATOM   219  C CB  . CYS A 1 46  ? 15.240  -7.391  5.429   1.00 37.09 ? 44  CYS A CB  1 
ATOM   220  S SG  . CYS A 1 46  ? 13.605  -6.605  5.715   1.00 40.93 ? 44  CYS A SG  1 
ATOM   221  N N   . ASN A 1 47  ? 18.092  -7.669  3.820   1.00 32.63 ? 45  ASN A N   1 
ATOM   222  C CA  . ASN A 1 47  ? 19.407  -8.324  3.820   1.00 34.25 ? 45  ASN A CA  1 
ATOM   223  C C   . ASN A 1 47  ? 20.484  -7.252  4.048   1.00 34.89 ? 45  ASN A C   1 
ATOM   224  O O   . ASN A 1 47  ? 21.560  -7.621  4.542   1.00 35.67 ? 45  ASN A O   1 
ATOM   225  C CB  . ASN A 1 47  ? 19.737  -9.049  2.539   1.00 38.46 ? 45  ASN A CB  1 
ATOM   226  C CG  . ASN A 1 47  ? 18.905  -10.225 2.141   1.00 42.12 ? 45  ASN A CG  1 
ATOM   227  O OD1 . ASN A 1 47  ? 18.147  -10.798 2.933   1.00 48.74 ? 45  ASN A OD1 1 
ATOM   228  N ND2 . ASN A 1 47  ? 19.012  -10.630 0.865   1.00 45.44 ? 45  ASN A ND2 1 
ATOM   229  N N   . LYS A 1 48  ? 20.261  -6.014  3.598   1.00 33.53 ? 46  LYS A N   1 
ATOM   230  C CA  . LYS A 1 48  ? 21.227  -4.958  3.781   1.00 33.10 ? 46  LYS A CA  1 
ATOM   231  C C   . LYS A 1 48  ? 21.154  -4.231  5.124   1.00 32.71 ? 46  LYS A C   1 
ATOM   232  O O   . LYS A 1 48  ? 22.202  -3.799  5.617   1.00 30.73 ? 46  LYS A O   1 
ATOM   233  C CB  . LYS A 1 48  ? 21.107  -3.879  2.683   1.00 37.48 ? 46  LYS A CB  1 
ATOM   234  C CG  . LYS A 1 48  ? 21.312  -4.430  1.283   1.00 41.04 ? 46  LYS A CG  1 
ATOM   235  C CD  . LYS A 1 48  ? 21.137  -3.366  0.212   1.00 42.73 ? 46  LYS A CD  1 
ATOM   236  C CE  . LYS A 1 48  ? 20.638  -3.992  -1.085  1.00 47.35 ? 46  LYS A CE  1 
ATOM   237  N NZ  . LYS A 1 48  ? 21.722  -4.696  -1.832  1.00 46.75 ? 46  LYS A NZ  1 
ATOM   238  N N   . SER A 1 49  ? 19.966  -3.848  5.626   1.00 29.80 ? 47  SER A N   1 
ATOM   239  C CA  . SER A 1 49  ? 19.957  -3.058  6.869   1.00 29.26 ? 47  SER A CA  1 
ATOM   240  C C   . SER A 1 49  ? 19.884  -3.937  8.108   1.00 28.84 ? 47  SER A C   1 
ATOM   241  O O   . SER A 1 49  ? 20.081  -3.463  9.243   1.00 29.12 ? 47  SER A O   1 
ATOM   242  C CB  . SER A 1 49  ? 18.710  -2.132  6.827   1.00 27.00 ? 47  SER A CB  1 
ATOM   243  O OG  . SER A 1 49  ? 17.609  -3.066  6.930   1.00 24.64 ? 47  SER A OG  1 
ATOM   244  N N   . ASN A 1 50  ? 19.366  -5.146  7.994   1.00 28.57 ? 48  ASN A N   1 
ATOM   245  C CA  . ASN A 1 50  ? 19.209  -6.052  9.137   1.00 29.45 ? 48  ASN A CA  1 
ATOM   246  C C   . ASN A 1 50  ? 18.175  -5.587  10.134  1.00 30.57 ? 48  ASN A C   1 
ATOM   247  O O   . ASN A 1 50  ? 18.201  -5.968  11.319  1.00 30.39 ? 48  ASN A O   1 
ATOM   248  C CB  . ASN A 1 50  ? 20.590  -6.186  9.824   1.00 31.47 ? 48  ASN A CB  1 
ATOM   249  C CG  . ASN A 1 50  ? 21.500  -7.113  9.015   1.00 33.15 ? 48  ASN A CG  1 
ATOM   250  O OD1 . ASN A 1 50  ? 22.526  -6.702  8.485   1.00 32.01 ? 48  ASN A OD1 1 
ATOM   251  N ND2 . ASN A 1 50  ? 21.089  -8.361  8.926   1.00 34.71 ? 48  ASN A ND2 1 
ATOM   252  N N   . MET A 1 51  ? 17.223  -4.752  9.728   1.00 30.88 ? 49  MET A N   1 
ATOM   253  C CA  . MET A 1 51  ? 16.237  -4.134  10.600  1.00 31.88 ? 49  MET A CA  1 
ATOM   254  C C   . MET A 1 51  ? 14.916  -4.866  10.660  1.00 34.83 ? 49  MET A C   1 
ATOM   255  O O   . MET A 1 51  ? 13.900  -4.367  11.148  1.00 34.12 ? 49  MET A O   1 
ATOM   256  C CB  . MET A 1 51  ? 15.910  -2.735  9.985   1.00 28.18 ? 49  MET A CB  1 
ATOM   257  C CG  . MET A 1 51  ? 17.136  -1.818  10.191  1.00 24.62 ? 49  MET A CG  1 
ATOM   258  S SD  . MET A 1 51  ? 16.732  -0.207  9.469   1.00 26.06 ? 49  MET A SD  1 
ATOM   259  C CE  . MET A 1 51  ? 18.156  0.771   9.990   1.00 24.48 ? 49  MET A CE  1 
ATOM   260  N N   . CYS A 1 52  ? 14.897  -6.076  10.081  1.00 37.09 ? 50  CYS A N   1 
ATOM   261  C CA  . CYS A 1 52  ? 13.617  -6.778  10.069  1.00 41.14 ? 50  CYS A CA  1 
ATOM   262  C C   . CYS A 1 52  ? 13.630  -8.071  10.856  1.00 43.54 ? 50  CYS A C   1 
ATOM   263  O O   . CYS A 1 52  ? 14.654  -8.722  10.988  1.00 44.69 ? 50  CYS A O   1 
ATOM   264  C CB  . CYS A 1 52  ? 13.227  -7.096  8.619   1.00 40.95 ? 50  CYS A CB  1 
ATOM   265  S SG  . CYS A 1 52  ? 13.817  -5.746  7.538   1.00 41.70 ? 50  CYS A SG  1 
ATOM   266  N N   . GLU A 1 53  ? 12.449  -8.408  11.321  1.00 46.47 ? 51  GLU A N   1 
ATOM   267  C CA  . GLU A 1 53  ? 12.151  -9.621  12.039  1.00 49.77 ? 51  GLU A CA  1 
ATOM   268  C C   . GLU A 1 53  ? 10.860  -9.534  12.837  1.00 50.54 ? 51  GLU A C   1 
ATOM   269  O O   . GLU A 1 53  ? 9.795   -9.857  12.272  1.00 52.03 ? 51  GLU A O   1 
ATOM   270  C CB  . GLU A 1 53  ? 13.337  -10.146 12.852  1.00 53.41 ? 51  GLU A CB  1 
ATOM   271  C CG  . GLU A 1 53  ? 13.997  -11.368 12.168  1.00 57.68 ? 51  GLU A CG  1 
ATOM   272  C CD  . GLU A 1 53  ? 12.953  -12.174 11.401  1.00 61.45 ? 51  GLU A CD  1 
ATOM   273  O OE1 . GLU A 1 53  ? 12.073  -12.748 12.085  1.00 64.12 ? 51  GLU A OE1 1 
ATOM   274  O OE2 . GLU A 1 53  ? 12.978  -12.159 10.152  1.00 63.34 ? 51  GLU A OE2 1 
ATOM   275  N N   . ASN A 1 63  ? 4.422   9.446   14.199  1.00 48.66 ? 61  ASN A N   1 
ATOM   276  C CA  . ASN A 1 63  ? 5.561   8.860   13.477  1.00 47.69 ? 61  ASN A CA  1 
ATOM   277  C C   . ASN A 1 63  ? 5.320   9.008   11.988  1.00 47.27 ? 61  ASN A C   1 
ATOM   278  O O   . ASN A 1 63  ? 4.749   10.028  11.544  1.00 47.58 ? 61  ASN A O   1 
ATOM   279  C CB  . ASN A 1 63  ? 5.713   7.408   13.895  1.00 46.84 ? 61  ASN A CB  1 
ATOM   280  N N   . LEU A 1 64  ? 5.693   8.002   11.201  1.00 45.73 ? 62  LEU A N   1 
ATOM   281  C CA  . LEU A 1 64  ? 5.107   7.914   9.845   1.00 43.89 ? 62  LEU A CA  1 
ATOM   282  C C   . LEU A 1 64  ? 3.628   7.703   10.107  1.00 42.53 ? 62  LEU A C   1 
ATOM   283  O O   . LEU A 1 64  ? 3.351   7.063   11.144  1.00 44.72 ? 62  LEU A O   1 
ATOM   284  C CB  . LEU A 1 64  ? 5.715   6.728   9.115   1.00 44.55 ? 62  LEU A CB  1 
ATOM   285  C CG  . LEU A 1 64  ? 7.242   6.708   8.975   1.00 44.20 ? 62  LEU A CG  1 
ATOM   286  C CD1 . LEU A 1 64  ? 7.667   5.406   8.290   1.00 42.44 ? 62  LEU A CD1 1 
ATOM   287  C CD2 . LEU A 1 64  ? 7.719   7.905   8.170   1.00 43.63 ? 62  LEU A CD2 1 
ATOM   288  N N   . ASN A 1 65  ? 2.676   8.205   9.352   1.00 40.46 ? 63  ASN A N   1 
ATOM   289  C CA  . ASN A 1 65  ? 1.283   7.922   9.833   1.00 38.02 ? 63  ASN A CA  1 
ATOM   290  C C   . ASN A 1 65  ? 0.635   6.878   8.944   1.00 35.13 ? 63  ASN A C   1 
ATOM   291  O O   . ASN A 1 65  ? -0.223  7.285   8.152   1.00 36.36 ? 63  ASN A O   1 
ATOM   292  C CB  . ASN A 1 65  ? 0.535   9.255   9.717   1.00 42.87 ? 63  ASN A CB  1 
ATOM   293  N N   . LEU A 1 66  ? 1.284   5.718   8.727   1.00 30.86 ? 64  LEU A N   1 
ATOM   294  C CA  . LEU A 1 66  ? 0.864   4.873   7.590   1.00 26.89 ? 64  LEU A CA  1 
ATOM   295  C C   . LEU A 1 66  ? -0.537  4.349   7.733   1.00 23.92 ? 64  LEU A C   1 
ATOM   296  O O   . LEU A 1 66  ? -1.001  4.054   8.826   1.00 22.28 ? 64  LEU A O   1 
ATOM   297  C CB  . LEU A 1 66  ? 1.877   3.709   7.472   1.00 23.95 ? 64  LEU A CB  1 
ATOM   298  C CG  . LEU A 1 66  ? 3.323   4.171   7.365   1.00 26.31 ? 64  LEU A CG  1 
ATOM   299  C CD1 . LEU A 1 66  ? 4.318   3.019   7.380   1.00 23.16 ? 64  LEU A CD1 1 
ATOM   300  C CD2 . LEU A 1 66  ? 3.499   4.985   6.083   1.00 30.02 ? 64  LEU A CD2 1 
ATOM   301  N N   . PRO A 1 67  ? -1.264  4.206   6.636   1.00 22.20 ? 65  PRO A N   1 
ATOM   302  C CA  . PRO A 1 67  ? -2.604  3.631   6.671   1.00 21.81 ? 65  PRO A CA  1 
ATOM   303  C C   . PRO A 1 67  ? -2.568  2.292   7.398   1.00 21.61 ? 65  PRO A C   1 
ATOM   304  O O   . PRO A 1 67  ? -1.613  1.494   7.232   1.00 21.93 ? 65  PRO A O   1 
ATOM   305  C CB  . PRO A 1 67  ? -3.050  3.425   5.206   1.00 21.24 ? 65  PRO A CB  1 
ATOM   306  C CG  . PRO A 1 67  ? -2.122  4.387   4.478   1.00 21.81 ? 65  PRO A CG  1 
ATOM   307  C CD  . PRO A 1 67  ? -0.828  4.510   5.274   1.00 22.45 ? 65  PRO A CD  1 
ATOM   308  N N   . LYS A 1 68  ? -3.641  2.015   8.123   1.00 20.40 ? 66  LYS A N   1 
ATOM   309  C CA  . LYS A 1 68  ? -3.776  0.752   8.834   1.00 22.34 ? 66  LYS A CA  1 
ATOM   310  C C   . LYS A 1 68  ? -5.259  0.453   9.064   1.00 23.84 ? 66  LYS A C   1 
ATOM   311  O O   . LYS A 1 68  ? -6.023  1.379   9.349   1.00 23.85 ? 66  LYS A O   1 
ATOM   312  C CB  . LYS A 1 68  ? -3.077  0.814   10.177  1.00 27.59 ? 66  LYS A CB  1 
ATOM   313  C CG  . LYS A 1 68  ? -2.955  -0.431  11.011  1.00 30.47 ? 66  LYS A CG  1 
ATOM   314  C CD  . LYS A 1 68  ? -2.255  -0.061  12.331  1.00 36.04 ? 66  LYS A CD  1 
ATOM   315  C CE  . LYS A 1 68  ? -1.555  -1.263  12.962  1.00 40.71 ? 66  LYS A CE  1 
ATOM   316  N NZ  . LYS A 1 68  ? -2.503  -1.928  13.927  1.00 41.83 ? 66  LYS A NZ  1 
ATOM   317  N N   . MET A 1 69  ? -5.655  -0.798  8.946   1.00 24.68 ? 67  MET A N   1 
ATOM   318  C CA  . MET A 1 69  ? -7.051  -1.146  9.162   1.00 25.24 ? 67  MET A CA  1 
ATOM   319  C C   . MET A 1 69  ? -7.382  -1.044  10.653  1.00 25.90 ? 67  MET A C   1 
ATOM   320  O O   . MET A 1 69  ? -6.618  -1.546  11.466  1.00 27.29 ? 67  MET A O   1 
ATOM   321  C CB  . MET A 1 69  ? -7.286  -2.618  8.772   1.00 26.16 ? 67  MET A CB  1 
ATOM   322  C CG  . MET A 1 69  ? -7.119  -2.844  7.273   1.00 30.38 ? 67  MET A CG  1 
ATOM   323  S SD  . MET A 1 69  ? -8.553  -2.116  6.420   1.00 29.81 ? 67  MET A SD  1 
ATOM   324  C CE  . MET A 1 69  ? -8.139  -2.749  4.759   1.00 32.01 ? 67  MET A CE  1 
ATOM   325  N N   . ALA A 1 70  ? -8.578  -0.603  10.976  1.00 26.87 ? 68  ALA A N   1 
ATOM   326  C CA  . ALA A 1 70  ? -9.003  -0.657  12.392  1.00 27.85 ? 68  ALA A CA  1 
ATOM   327  C C   . ALA A 1 70  ? -10.377 -1.294  12.414  1.00 29.00 ? 68  ALA A C   1 
ATOM   328  O O   . ALA A 1 70  ? -11.074 -1.379  11.385  1.00 26.50 ? 68  ALA A O   1 
ATOM   329  C CB  . ALA A 1 70  ? -8.951  0.704   13.039  1.00 27.09 ? 68  ALA A CB  1 
ATOM   330  N N   . GLU A 1 71  ? -10.800 -1.686  13.632  1.00 30.63 ? 69  GLU A N   1 
ATOM   331  C CA  . GLU A 1 71  ? -12.100 -2.361  13.721  1.00 31.48 ? 69  GLU A CA  1 
ATOM   332  C C   . GLU A 1 71  ? -13.214 -1.522  13.155  1.00 29.83 ? 69  GLU A C   1 
ATOM   333  O O   . GLU A 1 71  ? -14.126 -2.080  12.516  1.00 29.71 ? 69  GLU A O   1 
ATOM   334  C CB  . GLU A 1 71  ? -12.378 -2.821  15.158  1.00 37.14 ? 69  GLU A CB  1 
ATOM   335  C CG  . GLU A 1 71  ? -13.740 -3.516  15.252  1.00 44.97 ? 69  GLU A CG  1 
ATOM   336  C CD  . GLU A 1 71  ? -14.459 -3.271  16.565  1.00 47.76 ? 69  GLU A CD  1 
ATOM   337  O OE1 . GLU A 1 71  ? -15.145 -2.236  16.732  1.00 50.23 ? 69  GLU A OE1 1 
ATOM   338  O OE2 . GLU A 1 71  ? -14.350 -4.159  17.438  1.00 50.49 ? 69  GLU A OE2 1 
ATOM   339  N N   . LYS A 1 72  ? -13.142 -0.202  13.222  1.00 30.61 ? 70  LYS A N   1 
ATOM   340  C CA  . LYS A 1 72  ? -14.173 0.693   12.736  1.00 30.43 ? 70  LYS A CA  1 
ATOM   341  C C   . LYS A 1 72  ? -14.335 0.739   11.234  1.00 29.62 ? 70  LYS A C   1 
ATOM   342  O O   . LYS A 1 72  ? -15.379 1.181   10.710  1.00 27.90 ? 70  LYS A O   1 
ATOM   343  C CB  . LYS A 1 72  ? -13.985 2.105   13.272  1.00 35.09 ? 70  LYS A CB  1 
ATOM   344  C CG  . LYS A 1 72  ? -12.975 2.975   12.542  1.00 41.34 ? 70  LYS A CG  1 
ATOM   345  C CD  . LYS A 1 72  ? -12.836 4.320   13.242  1.00 45.36 ? 70  LYS A CD  1 
ATOM   346  C CE  . LYS A 1 72  ? -12.257 5.401   12.350  1.00 48.08 ? 70  LYS A CE  1 
ATOM   347  N NZ  . LYS A 1 72  ? -13.037 6.675   12.438  1.00 50.41 ? 70  LYS A NZ  1 
ATOM   348  N N   . ASP A 1 73  ? -13.288 0.333   10.496  1.00 27.84 ? 71  ASP A N   1 
ATOM   349  C CA  . ASP A 1 73  ? -13.364 0.342   9.044   1.00 27.07 ? 71  ASP A CA  1 
ATOM   350  C C   . ASP A 1 73  ? -14.249 -0.737  8.474   1.00 26.25 ? 71  ASP A C   1 
ATOM   351  O O   . ASP A 1 73  ? -14.658 -0.643  7.313   1.00 25.91 ? 71  ASP A O   1 
ATOM   352  C CB  . ASP A 1 73  ? -11.917 0.187   8.474   1.00 25.25 ? 71  ASP A CB  1 
ATOM   353  C CG  . ASP A 1 73  ? -11.058 1.333   9.000   1.00 24.83 ? 71  ASP A CG  1 
ATOM   354  O OD1 . ASP A 1 73  ? -11.540 2.472   8.859   1.00 28.85 ? 71  ASP A OD1 1 
ATOM   355  O OD2 . ASP A 1 73  ? -9.934  1.101   9.488   1.00 28.05 ? 71  ASP A OD2 1 
ATOM   356  N N   . GLY A 1 74  ? -14.675 -1.733  9.258   1.00 26.14 ? 72  GLY A N   1 
ATOM   357  C CA  . GLY A 1 74  ? -15.601 -2.727  8.707   1.00 26.26 ? 72  GLY A CA  1 
ATOM   358  C C   . GLY A 1 74  ? -14.956 -3.858  7.916   1.00 25.10 ? 72  GLY A C   1 
ATOM   359  O O   . GLY A 1 74  ? -15.646 -4.577  7.193   1.00 24.76 ? 72  GLY A O   1 
ATOM   360  N N   . CYS A 1 75  ? -13.637 -3.995  7.948   1.00 24.97 ? 73  CYS A N   1 
ATOM   361  C CA  . CYS A 1 75  ? -12.957 -5.027  7.130   1.00 24.49 ? 73  CYS A CA  1 
ATOM   362  C C   . CYS A 1 75  ? -12.694 -6.323  7.896   1.00 25.56 ? 73  CYS A C   1 
ATOM   363  O O   . CYS A 1 75  ? -12.197 -7.306  7.324   1.00 23.19 ? 73  CYS A O   1 
ATOM   364  C CB  . CYS A 1 75  ? -11.624 -4.418  6.648   1.00 21.40 ? 73  CYS A CB  1 
ATOM   365  S SG  . CYS A 1 75  ? -11.805 -3.227  5.292   1.00 22.91 ? 73  CYS A SG  1 
ATOM   366  N N   . PHE A 1 76  ? -12.942 -6.324  9.212   1.00 26.87 ? 74  PHE A N   1 
ATOM   367  C CA  . PHE A 1 76  ? -12.685 -7.511  10.056  1.00 28.98 ? 74  PHE A CA  1 
ATOM   368  C C   . PHE A 1 76  ? -14.006 -8.254  10.265  1.00 30.78 ? 74  PHE A C   1 
ATOM   369  O O   . PHE A 1 76  ? -15.065 -7.621  10.138  1.00 27.47 ? 74  PHE A O   1 
ATOM   370  C CB  . PHE A 1 76  ? -12.088 -7.078  11.381  1.00 29.31 ? 74  PHE A CB  1 
ATOM   371  C CG  . PHE A 1 76  ? -10.813 -6.302  11.377  1.00 33.65 ? 74  PHE A CG  1 
ATOM   372  C CD1 . PHE A 1 76  ? -9.875  -6.420  10.362  1.00 32.88 ? 74  PHE A CD1 1 
ATOM   373  C CD2 . PHE A 1 76  ? -10.523 -5.464  12.456  1.00 32.28 ? 74  PHE A CD2 1 
ATOM   374  C CE1 . PHE A 1 76  ? -8.707  -5.687  10.395  1.00 33.53 ? 74  PHE A CE1 1 
ATOM   375  C CE2 . PHE A 1 76  ? -9.355  -4.728  12.497  1.00 32.92 ? 74  PHE A CE2 1 
ATOM   376  C CZ  . PHE A 1 76  ? -8.426  -4.844  11.461  1.00 31.87 ? 74  PHE A CZ  1 
ATOM   377  N N   . GLN A 1 77  ? -13.993 -9.564  10.546  1.00 33.12 ? 75  GLN A N   1 
ATOM   378  C CA  . GLN A 1 77  ? -15.241 -10.313 10.644  1.00 36.55 ? 75  GLN A CA  1 
ATOM   379  C C   . GLN A 1 77  ? -16.255 -9.717  11.612  1.00 38.11 ? 75  GLN A C   1 
ATOM   380  O O   . GLN A 1 77  ? -17.455 -9.685  11.295  1.00 39.01 ? 75  GLN A O   1 
ATOM   381  C CB  . GLN A 1 77  ? -15.063 -11.795 10.964  1.00 39.69 ? 75  GLN A CB  1 
ATOM   382  C CG  . GLN A 1 77  ? -13.767 -12.440 10.637  1.00 42.61 ? 75  GLN A CG  1 
ATOM   383  C CD  . GLN A 1 77  ? -13.661 -13.263 9.373   1.00 45.67 ? 75  GLN A CD  1 
ATOM   384  O OE1 . GLN A 1 77  ? -14.603 -13.900 8.893   1.00 44.47 ? 75  GLN A OE1 1 
ATOM   385  N NE2 . GLN A 1 77  ? -12.430 -13.263 8.803   1.00 42.25 ? 75  GLN A NE2 1 
ATOM   386  N N   . SER A 1 78  ? -15.813 -9.384  12.808  1.00 39.87 ? 76  SER A N   1 
ATOM   387  C CA  . SER A 1 78  ? -16.657 -8.671  13.771  1.00 41.19 ? 76  SER A CA  1 
ATOM   388  C C   . SER A 1 78  ? -16.746 -7.201  13.403  1.00 40.38 ? 76  SER A C   1 
ATOM   389  O O   . SER A 1 78  ? -15.776 -6.457  13.403  1.00 41.60 ? 76  SER A O   1 
ATOM   390  C CB  . SER A 1 78  ? -16.114 -8.891  15.184  1.00 44.53 ? 76  SER A CB  1 
ATOM   391  O OG  . SER A 1 78  ? -15.940 -10.291 15.422  1.00 45.95 ? 76  SER A OG  1 
ATOM   392  N N   . GLY A 1 79  ? -17.941 -6.758  13.005  1.00 39.97 ? 77  GLY A N   1 
ATOM   393  C CA  . GLY A 1 79  ? -18.216 -5.402  12.575  1.00 37.25 ? 77  GLY A CA  1 
ATOM   394  C C   . GLY A 1 79  ? -18.046 -5.273  11.058  1.00 35.65 ? 77  GLY A C   1 
ATOM   395  O O   . GLY A 1 79  ? -18.184 -4.188  10.504  1.00 34.80 ? 77  GLY A O   1 
ATOM   396  N N   . PHE A 1 80  ? -17.914 -6.409  10.382  1.00 34.48 ? 78  PHE A N   1 
ATOM   397  C CA  . PHE A 1 80  ? -17.753 -6.426  8.938   1.00 32.99 ? 78  PHE A CA  1 
ATOM   398  C C   . PHE A 1 80  ? -18.839 -5.590  8.262   1.00 33.82 ? 78  PHE A C   1 
ATOM   399  O O   . PHE A 1 80  ? -20.012 -5.689  8.618   1.00 33.31 ? 78  PHE A O   1 
ATOM   400  C CB  . PHE A 1 80  ? -17.811 -7.844  8.368   1.00 32.21 ? 78  PHE A CB  1 
ATOM   401  C CG  . PHE A 1 80  ? -17.334 -7.874  6.928   1.00 31.35 ? 78  PHE A CG  1 
ATOM   402  C CD1 . PHE A 1 80  ? -15.960 -7.863  6.688   1.00 28.34 ? 78  PHE A CD1 1 
ATOM   403  C CD2 . PHE A 1 80  ? -18.207 -7.903  5.877   1.00 29.16 ? 78  PHE A CD2 1 
ATOM   404  C CE1 . PHE A 1 80  ? -15.495 -7.924  5.388   1.00 28.88 ? 78  PHE A CE1 1 
ATOM   405  C CE2 . PHE A 1 80  ? -17.752 -7.935  4.578   1.00 32.54 ? 78  PHE A CE2 1 
ATOM   406  C CZ  . PHE A 1 80  ? -16.373 -7.934  4.332   1.00 31.41 ? 78  PHE A CZ  1 
ATOM   407  N N   . ASN A 1 81  ? -18.441 -4.784  7.283   1.00 31.33 ? 79  ASN A N   1 
ATOM   408  C CA  . ASN A 1 81  ? -19.389 -3.940  6.525   1.00 30.32 ? 79  ASN A CA  1 
ATOM   409  C C   . ASN A 1 81  ? -18.769 -3.737  5.141   1.00 29.97 ? 79  ASN A C   1 
ATOM   410  O O   . ASN A 1 81  ? -17.738 -3.040  5.106   1.00 29.51 ? 79  ASN A O   1 
ATOM   411  C CB  . ASN A 1 81  ? -19.531 -2.612  7.247   1.00 32.26 ? 79  ASN A CB  1 
ATOM   412  C CG  . ASN A 1 81  ? -20.411 -1.578  6.600   1.00 32.36 ? 79  ASN A CG  1 
ATOM   413  O OD1 . ASN A 1 81  ? -20.390 -1.308  5.408   1.00 29.40 ? 79  ASN A OD1 1 
ATOM   414  N ND2 . ASN A 1 81  ? -21.248 -0.975  7.437   1.00 34.84 ? 79  ASN A ND2 1 
ATOM   415  N N   . GLU A 1 82  ? -19.241 -4.412  4.121   1.00 29.14 ? 80  GLU A N   1 
ATOM   416  C CA  . GLU A 1 82  ? -18.599 -4.361  2.803   1.00 30.67 ? 80  GLU A CA  1 
ATOM   417  C C   . GLU A 1 82  ? -18.317 -2.946  2.293   1.00 29.65 ? 80  GLU A C   1 
ATOM   418  O O   . GLU A 1 82  ? -17.224 -2.622  1.807   1.00 27.77 ? 80  GLU A O   1 
ATOM   419  C CB  . GLU A 1 82  ? -19.471 -5.085  1.777   1.00 35.55 ? 80  GLU A CB  1 
ATOM   420  C CG  . GLU A 1 82  ? -19.086 -4.807  0.317   1.00 38.35 ? 80  GLU A CG  1 
ATOM   421  C CD  . GLU A 1 82  ? -19.718 -5.845  -0.593  1.00 42.63 ? 80  GLU A CD  1 
ATOM   422  O OE1 . GLU A 1 82  ? -20.366 -6.754  -0.023  1.00 44.21 ? 80  GLU A OE1 1 
ATOM   423  O OE2 . GLU A 1 82  ? -19.569 -5.750  -1.826  1.00 47.13 ? 80  GLU A OE2 1 
ATOM   424  N N   . GLU A 1 83  ? -19.332 -2.087  2.330   1.00 28.43 ? 81  GLU A N   1 
ATOM   425  C CA  . GLU A 1 83  ? -19.236 -0.719  1.863   1.00 26.27 ? 81  GLU A CA  1 
ATOM   426  C C   . GLU A 1 83  ? -18.234 0.174   2.529   1.00 25.29 ? 81  GLU A C   1 
ATOM   427  O O   . GLU A 1 83  ? -17.427 0.842   1.813   1.00 24.96 ? 81  GLU A O   1 
ATOM   428  C CB  . GLU A 1 83  ? -20.650 -0.091  1.965   1.00 33.77 ? 81  GLU A CB  1 
ATOM   429  N N   . THR A 1 84  ? -18.166 0.233   3.850   1.00 24.56 ? 82  THR A N   1 
ATOM   430  C CA  . THR A 1 84  ? -17.171 1.035   4.514   1.00 25.19 ? 82  THR A CA  1 
ATOM   431  C C   . THR A 1 84  ? -15.761 0.417   4.284   1.00 24.16 ? 82  THR A C   1 
ATOM   432  O O   . THR A 1 84  ? -14.760 1.138   4.214   1.00 22.80 ? 82  THR A O   1 
ATOM   433  C CB  . THR A 1 84  ? -17.396 1.225   6.013   1.00 29.62 ? 82  THR A CB  1 
ATOM   434  O OG1 . THR A 1 84  ? -17.381 0.025   6.775   1.00 33.18 ? 82  THR A OG1 1 
ATOM   435  C CG2 . THR A 1 84  ? -18.803 1.858   6.217   1.00 31.67 ? 82  THR A CG2 1 
ATOM   436  N N   . CYS A 1 85  ? -15.764 -0.897  4.271   1.00 22.27 ? 83  CYS A N   1 
ATOM   437  C CA  . CYS A 1 85  ? -14.464 -1.607  4.101   1.00 22.09 ? 83  CYS A CA  1 
ATOM   438  C C   . CYS A 1 85  ? -13.869 -1.318  2.752   1.00 20.59 ? 83  CYS A C   1 
ATOM   439  O O   . CYS A 1 85  ? -12.675 -0.924  2.679   1.00 19.89 ? 83  CYS A O   1 
ATOM   440  C CB  . CYS A 1 85  ? -14.654 -3.095  4.357   1.00 20.79 ? 83  CYS A CB  1 
ATOM   441  S SG  . CYS A 1 85  ? -13.060 -3.970  3.941   1.00 20.24 ? 83  CYS A SG  1 
ATOM   442  N N   . LEU A 1 86  ? -14.637 -1.377  1.698   1.00 19.73 ? 84  LEU A N   1 
ATOM   443  C CA  . LEU A 1 86  ? -14.176 -1.110  0.341   1.00 21.91 ? 84  LEU A CA  1 
ATOM   444  C C   . LEU A 1 86  ? -13.681 0.317   0.190   1.00 22.10 ? 84  LEU A C   1 
ATOM   445  O O   . LEU A 1 86  ? -12.645 0.586   -0.454  1.00 20.49 ? 84  LEU A O   1 
ATOM   446  C CB  . LEU A 1 86  ? -15.275 -1.490  -0.647  1.00 25.36 ? 84  LEU A CB  1 
ATOM   447  C CG  . LEU A 1 86  ? -14.949 -1.391  -2.123  1.00 28.91 ? 84  LEU A CG  1 
ATOM   448  C CD1 . LEU A 1 86  ? -13.651 -2.116  -2.448  1.00 32.18 ? 84  LEU A CD1 1 
ATOM   449  C CD2 . LEU A 1 86  ? -16.114 -1.937  -2.972  1.00 29.95 ? 84  LEU A CD2 1 
ATOM   450  N N   . VAL A 1 87  ? -14.361 1.265   0.842   1.00 21.48 ? 85  VAL A N   1 
ATOM   451  C CA  . VAL A 1 87  ? -13.949 2.668   0.854   1.00 21.07 ? 85  VAL A CA  1 
ATOM   452  C C   . VAL A 1 87  ? -12.626 2.820   1.597   1.00 19.40 ? 85  VAL A C   1 
ATOM   453  O O   . VAL A 1 87  ? -11.697 3.506   1.130   1.00 17.13 ? 85  VAL A O   1 
ATOM   454  C CB  . VAL A 1 87  ? -15.045 3.541   1.559   1.00 21.83 ? 85  VAL A CB  1 
ATOM   455  C CG1 . VAL A 1 87  ? -14.519 4.906   1.927   1.00 22.44 ? 85  VAL A CG1 1 
ATOM   456  C CG2 . VAL A 1 87  ? -16.170 3.685   0.532   1.00 25.56 ? 85  VAL A CG2 1 
ATOM   457  N N   . LYS A 1 88  ? -12.501 2.059   2.704   1.00 18.53 ? 86  LYS A N   1 
ATOM   458  C CA  . LYS A 1 88  ? -11.248 2.144   3.465   1.00 17.65 ? 86  LYS A CA  1 
ATOM   459  C C   . LYS A 1 88  ? -10.080 1.564   2.616   1.00 16.84 ? 86  LYS A C   1 
ATOM   460  O O   . LYS A 1 88  ? -8.997  2.151   2.595   1.00 15.90 ? 86  LYS A O   1 
ATOM   461  C CB  . LYS A 1 88  ? -11.364 1.366   4.781   1.00 20.39 ? 86  LYS A CB  1 
ATOM   462  C CG  . LYS A 1 88  ? -10.035 1.279   5.539   1.00 21.73 ? 86  LYS A CG  1 
ATOM   463  C CD  . LYS A 1 88  ? -9.518  2.692   5.883   1.00 26.56 ? 86  LYS A CD  1 
ATOM   464  C CE  . LYS A 1 88  ? -8.146  2.584   6.476   1.00 28.79 ? 86  LYS A CE  1 
ATOM   465  N NZ  . LYS A 1 88  ? -7.902  3.344   7.707   1.00 30.75 ? 86  LYS A NZ  1 
ATOM   466  N N   . ILE A 1 89  ? -10.344 0.459   1.926   1.00 15.18 ? 87  ILE A N   1 
ATOM   467  C CA  . ILE A 1 89  ? -9.233  -0.128  1.120   1.00 15.70 ? 87  ILE A CA  1 
ATOM   468  C C   . ILE A 1 89  ? -8.748  0.853   0.089   1.00 15.42 ? 87  ILE A C   1 
ATOM   469  O O   . ILE A 1 89  ? -7.561  1.108   -0.096  1.00 13.40 ? 87  ILE A O   1 
ATOM   470  C CB  . ILE A 1 89  ? -9.694  -1.435  0.453   1.00 15.32 ? 87  ILE A CB  1 
ATOM   471  C CG1 . ILE A 1 89  ? -9.977  -2.476  1.555   1.00 17.06 ? 87  ILE A CG1 1 
ATOM   472  C CG2 . ILE A 1 89  ? -8.604  -1.961  -0.507  1.00 16.84 ? 87  ILE A CG2 1 
ATOM   473  C CD1 . ILE A 1 89  ? -10.628 -3.751  0.972   1.00 16.26 ? 87  ILE A CD1 1 
ATOM   474  N N   . ILE A 1 90  ? -9.695  1.451   -0.662  1.00 14.53 ? 88  ILE A N   1 
ATOM   475  C CA  . ILE A 1 90  ? -9.334  2.381   -1.723  1.00 17.41 ? 88  ILE A CA  1 
ATOM   476  C C   . ILE A 1 90  ? -8.629  3.597   -1.133  1.00 17.54 ? 88  ILE A C   1 
ATOM   477  O O   . ILE A 1 90  ? -7.566  4.023   -1.620  1.00 17.77 ? 88  ILE A O   1 
ATOM   478  C CB  . ILE A 1 90  ? -10.558 2.792   -2.574  1.00 19.37 ? 88  ILE A CB  1 
ATOM   479  C CG1 . ILE A 1 90  ? -11.073 1.593   -3.352  1.00 21.69 ? 88  ILE A CG1 1 
ATOM   480  C CG2 . ILE A 1 90  ? -10.120 3.854   -3.601  1.00 21.90 ? 88  ILE A CG2 1 
ATOM   481  C CD1 . ILE A 1 90  ? -12.457 1.700   -3.960  1.00 19.42 ? 88  ILE A CD1 1 
ATOM   482  N N   . THR A 1 91  ? -9.192  4.196   -0.103  1.00 16.88 ? 89  THR A N   1 
ATOM   483  C CA  . THR A 1 91  ? -8.634  5.317   0.590   1.00 18.94 ? 89  THR A CA  1 
ATOM   484  C C   . THR A 1 91  ? -7.195  5.079   1.046   1.00 18.82 ? 89  THR A C   1 
ATOM   485  O O   . THR A 1 91  ? -6.296  5.880   0.857   1.00 16.32 ? 89  THR A O   1 
ATOM   486  C CB  . THR A 1 91  ? -9.500  5.707   1.824   1.00 24.22 ? 89  THR A CB  1 
ATOM   487  O OG1 . THR A 1 91  ? -10.803 6.177   1.307   1.00 24.44 ? 89  THR A OG1 1 
ATOM   488  C CG2 . THR A 1 91  ? -8.894  6.863   2.574   1.00 26.51 ? 89  THR A CG2 1 
ATOM   489  N N   . GLY A 1 92  ? -7.007  3.909   1.702   1.00 17.40 ? 90  GLY A N   1 
ATOM   490  C CA  . GLY A 1 92  ? -5.670  3.599   2.238   1.00 17.68 ? 90  GLY A CA  1 
ATOM   491  C C   . GLY A 1 92  ? -4.688  3.332   1.112   1.00 14.12 ? 90  GLY A C   1 
ATOM   492  O O   . GLY A 1 92  ? -3.559  3.861   1.163   1.00 13.98 ? 90  GLY A O   1 
ATOM   493  N N   . LEU A 1 93  ? -5.136  2.736   -0.007  1.00 14.90 ? 91  LEU A N   1 
ATOM   494  C CA  . LEU A 1 93  ? -4.180  2.532   -1.106  1.00 11.54 ? 91  LEU A CA  1 
ATOM   495  C C   . LEU A 1 93  ? -3.816  3.911   -1.669  1.00 14.13 ? 91  LEU A C   1 
ATOM   496  O O   . LEU A 1 93  ? -2.675  4.138   -2.031  1.00 12.48 ? 91  LEU A O   1 
ATOM   497  C CB  . LEU A 1 93  ? -4.741  1.684   -2.263  1.00 12.76 ? 91  LEU A CB  1 
ATOM   498  C CG  . LEU A 1 93  ? -4.990  0.186   -1.800  1.00 14.54 ? 91  LEU A CG  1 
ATOM   499  C CD1 . LEU A 1 93  ? -5.719  -0.594  -2.861  1.00 15.42 ? 91  LEU A CD1 1 
ATOM   500  C CD2 . LEU A 1 93  ? -3.659  -0.499  -1.469  1.00 14.35 ? 91  LEU A CD2 1 
ATOM   501  N N   . LEU A 1 94  ? -4.840  4.805   -1.814  1.00 13.11 ? 92  LEU A N   1 
ATOM   502  C CA  . LEU A 1 94  ? -4.421  6.134   -2.362  1.00 13.67 ? 92  LEU A CA  1 
ATOM   503  C C   . LEU A 1 94  ? -3.480  6.815   -1.380  1.00 13.81 ? 92  LEU A C   1 
ATOM   504  O O   . LEU A 1 94  ? -2.530  7.521   -1.815  1.00 15.02 ? 92  LEU A O   1 
ATOM   505  C CB  . LEU A 1 94  ? -5.699  7.035   -2.518  1.00 16.22 ? 92  LEU A CB  1 
ATOM   506  C CG  . LEU A 1 94  ? -6.645  6.578   -3.628  1.00 17.89 ? 92  LEU A CG  1 
ATOM   507  C CD1 . LEU A 1 94  ? -8.027  7.236   -3.474  1.00 22.77 ? 92  LEU A CD1 1 
ATOM   508  C CD2 . LEU A 1 94  ? -6.108  6.858   -5.010  1.00 17.61 ? 92  LEU A CD2 1 
ATOM   509  N N   . GLU A 1 95  ? -3.657  6.683   -0.078  1.00 16.18 ? 93  GLU A N   1 
ATOM   510  C CA  . GLU A 1 95  ? -2.713  7.262   0.872   1.00 16.72 ? 93  GLU A CA  1 
ATOM   511  C C   . GLU A 1 95  ? -1.315  6.680   0.826   1.00 17.74 ? 93  GLU A C   1 
ATOM   512  O O   . GLU A 1 95  ? -0.323  7.309   1.205   1.00 16.57 ? 93  GLU A O   1 
ATOM   513  C CB  . GLU A 1 95  ? -3.272  7.219   2.288   1.00 19.59 ? 93  GLU A CB  1 
ATOM   514  C CG  . GLU A 1 95  ? -4.556  8.043   2.430   1.00 24.16 ? 93  GLU A CG  1 
ATOM   515  C CD  . GLU A 1 95  ? -5.265  7.803   3.740   1.00 31.47 ? 93  GLU A CD  1 
ATOM   516  O OE1 . GLU A 1 95  ? -5.136  6.727   4.335   1.00 29.15 ? 93  GLU A OE1 1 
ATOM   517  O OE2 . GLU A 1 95  ? -6.046  8.699   4.174   1.00 34.17 ? 93  GLU A OE2 1 
ATOM   518  N N   . PHE A 1 96  ? -1.194  5.413   0.363   1.00 16.15 ? 94  PHE A N   1 
ATOM   519  C CA  . PHE A 1 96  ? 0.110   4.777   0.327   1.00 14.80 ? 94  PHE A CA  1 
ATOM   520  C C   . PHE A 1 96  ? 0.954   5.269   -0.826  1.00 15.31 ? 94  PHE A C   1 
ATOM   521  O O   . PHE A 1 96  ? 2.159   5.053   -0.872  1.00 15.42 ? 94  PHE A O   1 
ATOM   522  C CB  . PHE A 1 96  ? -0.114  3.228   0.185   1.00 14.63 ? 94  PHE A CB  1 
ATOM   523  C CG  . PHE A 1 96  ? -0.003  2.516   1.510   1.00 12.19 ? 94  PHE A CG  1 
ATOM   524  C CD1 . PHE A 1 96  ? 1.200   2.495   2.227   1.00 13.44 ? 94  PHE A CD1 1 
ATOM   525  C CD2 . PHE A 1 96  ? -1.068  1.853   2.063   1.00 16.71 ? 94  PHE A CD2 1 
ATOM   526  C CE1 . PHE A 1 96  ? 1.295   1.798   3.391   1.00 13.46 ? 94  PHE A CE1 1 
ATOM   527  C CE2 . PHE A 1 96  ? -0.987  1.148   3.244   1.00 14.57 ? 94  PHE A CE2 1 
ATOM   528  C CZ  . PHE A 1 96  ? 0.199   1.122   3.963   1.00 16.96 ? 94  PHE A CZ  1 
ATOM   529  N N   . GLU A 1 97  ? 0.303   5.920   -1.815  1.00 15.47 ? 95  GLU A N   1 
ATOM   530  C CA  . GLU A 1 97  ? 1.039   6.188   -3.062  1.00 14.49 ? 95  GLU A CA  1 
ATOM   531  C C   . GLU A 1 97  ? 2.262   7.079   -2.802  1.00 13.75 ? 95  GLU A C   1 
ATOM   532  O O   . GLU A 1 97  ? 3.292   6.773   -3.404  1.00 13.35 ? 95  GLU A O   1 
ATOM   533  C CB  . GLU A 1 97  ? 0.073   6.711   -4.116  1.00 19.24 ? 95  GLU A CB  1 
ATOM   534  C CG  . GLU A 1 97  ? -0.919  5.578   -4.600  1.00 22.66 ? 95  GLU A CG  1 
ATOM   535  C CD  . GLU A 1 97  ? -1.407  6.030   -5.985  1.00 29.98 ? 95  GLU A CD  1 
ATOM   536  O OE1 . GLU A 1 97  ? -0.707  5.727   -6.978  1.00 30.37 ? 95  GLU A OE1 1 
ATOM   537  O OE2 . GLU A 1 97  ? -2.425  6.749   -6.004  1.00 25.22 ? 95  GLU A OE2 1 
ATOM   538  N N   . VAL A 1 98  ? 2.187   8.075   -1.938  1.00 14.42 ? 96  VAL A N   1 
ATOM   539  C CA  . VAL A 1 98  ? 3.388   8.914   -1.700  1.00 15.82 ? 96  VAL A CA  1 
ATOM   540  C C   . VAL A 1 98  ? 4.520   8.063   -1.120  1.00 14.81 ? 96  VAL A C   1 
ATOM   541  O O   . VAL A 1 98  ? 5.704   8.266   -1.447  1.00 15.39 ? 96  VAL A O   1 
ATOM   542  C CB  . VAL A 1 98  ? 3.121   10.140  -0.830  1.00 18.17 ? 96  VAL A CB  1 
ATOM   543  C CG1 . VAL A 1 98  ? 2.768   9.805   0.612   1.00 20.80 ? 96  VAL A CG1 1 
ATOM   544  C CG2 . VAL A 1 98  ? 4.341   11.084  -0.880  1.00 20.16 ? 96  VAL A CG2 1 
ATOM   545  N N   . TYR A 1 99  ? 4.189   7.075   -0.270  1.00 13.21 ? 97  TYR A N   1 
ATOM   546  C CA  . TYR A 1 99  ? 5.280   6.219   0.276   1.00 13.38 ? 97  TYR A CA  1 
ATOM   547  C C   . TYR A 1 99  ? 5.844   5.282   -0.763  1.00 14.51 ? 97  TYR A C   1 
ATOM   548  O O   . TYR A 1 99  ? 7.016   4.918   -0.746  1.00 13.35 ? 97  TYR A O   1 
ATOM   549  C CB  . TYR A 1 99  ? 4.741   5.384   1.462   1.00 15.86 ? 97  TYR A CB  1 
ATOM   550  C CG  . TYR A 1 99  ? 4.223   6.327   2.528   1.00 17.35 ? 97  TYR A CG  1 
ATOM   551  C CD1 . TYR A 1 99  ? 5.157   6.994   3.329   1.00 17.66 ? 97  TYR A CD1 1 
ATOM   552  C CD2 . TYR A 1 99  ? 2.885   6.526   2.740   1.00 19.18 ? 97  TYR A CD2 1 
ATOM   553  C CE1 . TYR A 1 99  ? 4.690   7.867   4.299   1.00 21.62 ? 97  TYR A CE1 1 
ATOM   554  C CE2 . TYR A 1 99  ? 2.415   7.425   3.694   1.00 21.89 ? 97  TYR A CE2 1 
ATOM   555  C CZ  . TYR A 1 99  ? 3.359   8.072   4.484   1.00 23.74 ? 97  TYR A CZ  1 
ATOM   556  O OH  . TYR A 1 99  ? 2.908   8.927   5.470   1.00 26.34 ? 97  TYR A OH  1 
ATOM   557  N N   . LEU A 1 100 ? 4.991   4.871   -1.755  1.00 13.21 ? 98  LEU A N   1 
ATOM   558  C CA  . LEU A 1 100 ? 5.575   4.066   -2.847  1.00 15.59 ? 98  LEU A CA  1 
ATOM   559  C C   . LEU A 1 100 ? 6.453   4.911   -3.752  1.00 15.50 ? 98  LEU A C   1 
ATOM   560  O O   . LEU A 1 100 ? 7.407   4.440   -4.359  1.00 17.13 ? 98  LEU A O   1 
ATOM   561  C CB  . LEU A 1 100 ? 4.492   3.305   -3.626  1.00 13.63 ? 98  LEU A CB  1 
ATOM   562  C CG  . LEU A 1 100 ? 3.486   2.527   -2.769  1.00 14.37 ? 98  LEU A CG  1 
ATOM   563  C CD1 . LEU A 1 100 ? 2.440   1.834   -3.688  1.00 15.06 ? 98  LEU A CD1 1 
ATOM   564  C CD2 . LEU A 1 100 ? 4.274   1.459   -1.978  1.00 13.06 ? 98  LEU A CD2 1 
ATOM   565  N N   . GLU A 1 101 ? 6.084   6.204   -3.912  1.00 17.39 ? 99  GLU A N   1 
ATOM   566  C CA  . GLU A 1 101 ? 6.965   7.116   -4.645  1.00 17.74 ? 99  GLU A CA  1 
ATOM   567  C C   . GLU A 1 101 ? 8.286   7.249   -3.838  1.00 17.75 ? 99  GLU A C   1 
ATOM   568  O O   . GLU A 1 101 ? 9.370   7.179   -4.441  1.00 18.38 ? 99  GLU A O   1 
ATOM   569  C CB  . GLU A 1 101 ? 6.352   8.510   -4.761  1.00 22.22 ? 99  GLU A CB  1 
ATOM   570  C CG  . GLU A 1 101 ? 7.226   9.454   -5.594  1.00 28.92 ? 99  GLU A CG  1 
ATOM   571  C CD  . GLU A 1 101 ? 6.461   10.671  -6.083  1.00 34.26 ? 99  GLU A CD  1 
ATOM   572  O OE1 . GLU A 1 101 ? 5.251   10.788  -5.813  1.00 35.03 ? 99  GLU A OE1 1 
ATOM   573  O OE2 . GLU A 1 101 ? 7.088   11.534  -6.742  1.00 38.56 ? 99  GLU A OE2 1 
ATOM   574  N N   . TYR A 1 102 ? 8.236   7.374   -2.533  1.00 17.10 ? 100 TYR A N   1 
ATOM   575  C CA  . TYR A 1 102 ? 9.459   7.304   -1.713  1.00 17.29 ? 100 TYR A CA  1 
ATOM   576  C C   . TYR A 1 102 ? 10.306  6.089   -2.007  1.00 17.79 ? 100 TYR A C   1 
ATOM   577  O O   . TYR A 1 102 ? 11.575  6.192   -2.235  1.00 19.50 ? 100 TYR A O   1 
ATOM   578  C CB  . TYR A 1 102 ? 9.127   7.464   -0.218  1.00 17.97 ? 100 TYR A CB  1 
ATOM   579  C CG  . TYR A 1 102 ? 10.371  7.206   0.614   1.00 18.88 ? 100 TYR A CG  1 
ATOM   580  C CD1 . TYR A 1 102 ? 11.293  8.201   0.819   1.00 20.27 ? 100 TYR A CD1 1 
ATOM   581  C CD2 . TYR A 1 102 ? 10.603  5.932   1.164   1.00 21.25 ? 100 TYR A CD2 1 
ATOM   582  C CE1 . TYR A 1 102 ? 12.471  7.959   1.511   1.00 20.05 ? 100 TYR A CE1 1 
ATOM   583  C CE2 . TYR A 1 102 ? 11.760  5.708   1.916   1.00 20.32 ? 100 TYR A CE2 1 
ATOM   584  C CZ  . TYR A 1 102 ? 12.678  6.726   2.063   1.00 23.45 ? 100 TYR A CZ  1 
ATOM   585  O OH  . TYR A 1 102 ? 13.861  6.472   2.757   1.00 24.37 ? 100 TYR A OH  1 
ATOM   586  N N   . LEU A 1 103 ? 9.744   4.891   -2.035  1.00 17.26 ? 101 LEU A N   1 
ATOM   587  C CA  . LEU A 1 103 ? 10.490  3.688   -2.344  1.00 18.44 ? 101 LEU A CA  1 
ATOM   588  C C   . LEU A 1 103 ? 11.147  3.739   -3.733  1.00 20.24 ? 101 LEU A C   1 
ATOM   589  O O   . LEU A 1 103 ? 12.267  3.249   -3.864  1.00 21.31 ? 101 LEU A O   1 
ATOM   590  C CB  . LEU A 1 103 ? 9.551   2.478   -2.364  1.00 15.81 ? 101 LEU A CB  1 
ATOM   591  C CG  . LEU A 1 103 ? 8.871   2.116   -1.023  1.00 15.98 ? 101 LEU A CG  1 
ATOM   592  C CD1 . LEU A 1 103 ? 8.050   0.862   -1.288  1.00 19.69 ? 101 LEU A CD1 1 
ATOM   593  C CD2 . LEU A 1 103 ? 9.864   1.987   0.102   1.00 19.44 ? 101 LEU A CD2 1 
ATOM   594  N N   . GLN A 1 104 ? 10.432  4.260   -4.749  1.00 21.93 ? 102 GLN A N   1 
ATOM   595  C CA  . GLN A 1 104 ? 11.006  4.296   -6.096  1.00 24.38 ? 102 GLN A CA  1 
ATOM   596  C C   . GLN A 1 104 ? 12.224  5.212   -6.189  1.00 26.65 ? 102 GLN A C   1 
ATOM   597  O O   . GLN A 1 104 ? 13.250  4.956   -6.851  1.00 25.55 ? 102 GLN A O   1 
ATOM   598  C CB  . GLN A 1 104 ? 9.934   4.856   -7.099  1.00 26.64 ? 102 GLN A CB  1 
ATOM   599  C CG  . GLN A 1 104 ? 10.305  4.295   -8.500  1.00 30.75 ? 102 GLN A CG  1 
ATOM   600  C CD  . GLN A 1 104 ? 11.005  5.305   -9.363  1.00 41.25 ? 102 GLN A CD  1 
ATOM   601  O OE1 . GLN A 1 104 ? 11.256  6.452   -8.983  1.00 44.13 ? 102 GLN A OE1 1 
ATOM   602  N NE2 . GLN A 1 104 ? 11.336  4.903   -10.612 1.00 44.64 ? 102 GLN A NE2 1 
ATOM   603  N N   . ASN A 1 105 ? 12.151  6.282   -5.408  1.00 28.37 ? 103 ASN A N   1 
ATOM   604  C CA  . ASN A 1 105 ? 13.287  7.219   -5.350  1.00 31.14 ? 103 ASN A CA  1 
ATOM   605  C C   . ASN A 1 105 ? 14.399  6.632   -4.478  1.00 33.03 ? 103 ASN A C   1 
ATOM   606  O O   . ASN A 1 105 ? 15.574  7.007   -4.631  1.00 33.88 ? 103 ASN A O   1 
ATOM   607  C CB  . ASN A 1 105 ? 12.830  8.561   -4.876  1.00 31.43 ? 103 ASN A CB  1 
ATOM   608  C CG  . ASN A 1 105 ? 11.830  9.312   -5.732  1.00 34.65 ? 103 ASN A CG  1 
ATOM   609  O OD1 . ASN A 1 105 ? 11.173  10.229  -5.231  1.00 36.45 ? 103 ASN A OD1 1 
ATOM   610  N ND2 . ASN A 1 105 ? 11.567  8.870   -6.940  1.00 35.25 ? 103 ASN A ND2 1 
ATOM   611  N N   . ARG A 1 106 ? 14.076  5.717   -3.581  1.00 34.45 ? 104 ARG A N   1 
ATOM   612  C CA  . ARG A 1 106 ? 15.087  5.140   -2.673  1.00 35.47 ? 104 ARG A CA  1 
ATOM   613  C C   . ARG A 1 106 ? 15.774  3.913   -3.216  1.00 37.73 ? 104 ARG A C   1 
ATOM   614  O O   . ARG A 1 106 ? 17.047  3.878   -3.149  1.00 38.04 ? 104 ARG A O   1 
ATOM   615  C CB  . ARG A 1 106 ? 14.457  4.929   -1.301  1.00 37.08 ? 104 ARG A CB  1 
ATOM   616  C CG  . ARG A 1 106 ? 15.261  4.152   -0.284  1.00 36.45 ? 104 ARG A CG  1 
ATOM   617  C CD  . ARG A 1 106 ? 16.198  5.106   0.451   1.00 32.32 ? 104 ARG A CD  1 
ATOM   618  N NE  . ARG A 1 106 ? 17.077  4.397   1.377   1.00 31.13 ? 104 ARG A NE  1 
ATOM   619  C CZ  . ARG A 1 106 ? 18.285  4.849   1.686   1.00 34.19 ? 104 ARG A CZ  1 
ATOM   620  N NH1 . ARG A 1 106 ? 18.679  5.989   1.105   1.00 31.12 ? 104 ARG A NH1 1 
ATOM   621  N NH2 . ARG A 1 106 ? 19.091  4.191   2.529   1.00 31.30 ? 104 ARG A NH2 1 
ATOM   622  N N   . PHE A 1 107 ? 15.103  2.941   -3.814  1.00 37.72 ? 105 PHE A N   1 
ATOM   623  C CA  . PHE A 1 107 ? 15.768  1.759   -4.355  1.00 37.99 ? 105 PHE A CA  1 
ATOM   624  C C   . PHE A 1 107 ? 16.534  2.141   -5.625  1.00 40.34 ? 105 PHE A C   1 
ATOM   625  O O   . PHE A 1 107 ? 15.997  2.689   -6.595  1.00 40.80 ? 105 PHE A O   1 
ATOM   626  C CB  . PHE A 1 107 ? 14.810  0.605   -4.604  1.00 33.76 ? 105 PHE A CB  1 
ATOM   627  C CG  . PHE A 1 107 ? 14.304  -0.141  -3.390  1.00 31.18 ? 105 PHE A CG  1 
ATOM   628  C CD1 . PHE A 1 107 ? 15.048  -1.180  -2.844  1.00 29.04 ? 105 PHE A CD1 1 
ATOM   629  C CD2 . PHE A 1 107 ? 13.130  0.181   -2.771  1.00 28.02 ? 105 PHE A CD2 1 
ATOM   630  C CE1 . PHE A 1 107 ? 14.609  -1.863  -1.714  1.00 30.27 ? 105 PHE A CE1 1 
ATOM   631  C CE2 . PHE A 1 107 ? 12.685  -0.478  -1.639  1.00 27.88 ? 105 PHE A CE2 1 
ATOM   632  C CZ  . PHE A 1 107 ? 13.408  -1.534  -1.107  1.00 23.70 ? 105 PHE A CZ  1 
ATOM   633  N N   . GLU A 1 108 ? 17.826  1.800   -5.671  1.00 40.81 ? 106 GLU A N   1 
ATOM   634  C CA  . GLU A 1 108 ? 18.607  2.148   -6.864  1.00 41.85 ? 106 GLU A CA  1 
ATOM   635  C C   . GLU A 1 108 ? 18.792  0.976   -7.792  1.00 41.58 ? 106 GLU A C   1 
ATOM   636  O O   . GLU A 1 108 ? 18.088  0.918   -8.814  1.00 41.28 ? 106 GLU A O   1 
ATOM   637  C CB  . GLU A 1 108 ? 19.902  2.859   -6.440  1.00 45.99 ? 106 GLU A CB  1 
ATOM   638  C CG  . GLU A 1 108 ? 19.586  4.360   -6.322  1.00 50.86 ? 106 GLU A CG  1 
ATOM   639  C CD  . GLU A 1 108 ? 20.735  5.234   -5.914  1.00 55.34 ? 106 GLU A CD  1 
ATOM   640  O OE1 . GLU A 1 108 ? 21.918  4.889   -6.130  1.00 57.04 ? 106 GLU A OE1 1 
ATOM   641  O OE2 . GLU A 1 108 ? 20.437  6.325   -5.355  1.00 59.12 ? 106 GLU A OE2 1 
ATOM   642  N N   . SER A 1 109 ? 19.348  -0.122  -7.276  1.00 41.49 ? 107 SER A N   1 
ATOM   643  C CA  . SER A 1 109 ? 19.400  -1.377  -7.994  1.00 41.65 ? 107 SER A CA  1 
ATOM   644  C C   . SER A 1 109 ? 18.015  -1.872  -8.396  1.00 41.44 ? 107 SER A C   1 
ATOM   645  O O   . SER A 1 109 ? 17.733  -2.002  -9.599  1.00 41.79 ? 107 SER A O   1 
ATOM   646  C CB  . SER A 1 109 ? 20.113  -2.433  -7.133  1.00 43.97 ? 107 SER A CB  1 
ATOM   647  O OG  . SER A 1 109 ? 20.078  -3.685  -7.803  1.00 47.94 ? 107 SER A OG  1 
ATOM   648  N N   . SER A 1 110 ? 17.081  -2.020  -7.443  1.00 39.86 ? 108 SER A N   1 
ATOM   649  C CA  . SER A 1 110 ? 15.739  -2.459  -7.815  1.00 39.09 ? 108 SER A CA  1 
ATOM   650  C C   . SER A 1 110 ? 14.784  -1.292  -7.934  1.00 37.51 ? 108 SER A C   1 
ATOM   651  O O   . SER A 1 110 ? 13.650  -1.351  -7.462  1.00 37.84 ? 108 SER A O   1 
ATOM   652  C CB  . SER A 1 110 ? 15.150  -3.464  -6.825  1.00 41.75 ? 108 SER A CB  1 
ATOM   653  O OG  . SER A 1 110 ? 16.143  -3.837  -5.924  1.00 42.41 ? 108 SER A OG  1 
ATOM   654  N N   . GLU A 1 111 ? 15.223  -0.236  -8.607  1.00 35.81 ? 109 GLU A N   1 
ATOM   655  C CA  . GLU A 1 111 ? 14.328  0.917   -8.803  1.00 33.60 ? 109 GLU A CA  1 
ATOM   656  C C   . GLU A 1 111 ? 13.161  0.446   -9.685  1.00 30.97 ? 109 GLU A C   1 
ATOM   657  O O   . GLU A 1 111 ? 12.021  0.862   -9.473  1.00 30.40 ? 109 GLU A O   1 
ATOM   658  C CB  . GLU A 1 111 ? 15.114  2.040   -9.436  1.00 37.32 ? 109 GLU A CB  1 
ATOM   659  C CG  . GLU A 1 111 ? 14.371  3.338   -9.715  1.00 44.02 ? 109 GLU A CG  1 
ATOM   660  C CD  . GLU A 1 111 ? 15.287  4.242   -10.555 1.00 46.56 ? 109 GLU A CD  1 
ATOM   661  O OE1 . GLU A 1 111 ? 16.076  4.987   -9.939  1.00 47.55 ? 109 GLU A OE1 1 
ATOM   662  O OE2 . GLU A 1 111 ? 15.225  4.114   -11.792 1.00 47.83 ? 109 GLU A OE2 1 
ATOM   663  N N   . GLU A 1 112 ? 13.436  -0.487  -10.596 1.00 28.24 ? 110 GLU A N   1 
ATOM   664  C CA  . GLU A 1 112 ? 12.393  -1.012  -11.468 1.00 28.29 ? 110 GLU A CA  1 
ATOM   665  C C   . GLU A 1 112 ? 11.362  -1.827  -10.688 1.00 25.79 ? 110 GLU A C   1 
ATOM   666  O O   . GLU A 1 112 ? 10.186  -1.766  -11.039 1.00 25.87 ? 110 GLU A O   1 
ATOM   667  C CB  . GLU A 1 112 ? 12.995  -1.914  -12.575 1.00 29.99 ? 110 GLU A CB  1 
ATOM   668  C CG  . GLU A 1 112 ? 13.513  -0.990  -13.684 1.00 37.73 ? 110 GLU A CG  1 
ATOM   669  C CD  . GLU A 1 112 ? 14.306  -1.742  -14.742 1.00 39.24 ? 110 GLU A CD  1 
ATOM   670  O OE1 . GLU A 1 112 ? 15.011  -2.697  -14.362 1.00 42.65 ? 110 GLU A OE1 1 
ATOM   671  O OE2 . GLU A 1 112 ? 14.251  -1.300  -15.905 1.00 38.00 ? 110 GLU A OE2 1 
ATOM   672  N N   . GLN A 1 113 ? 11.828  -2.604  -9.717  1.00 23.85 ? 111 GLN A N   1 
ATOM   673  C CA  . GLN A 1 113 ? 10.854  -3.370  -8.915  1.00 23.36 ? 111 GLN A CA  1 
ATOM   674  C C   . GLN A 1 113 ? 10.013  -2.394  -8.109  1.00 22.51 ? 111 GLN A C   1 
ATOM   675  O O   . GLN A 1 113 ? 8.775   -2.549  -8.001  1.00 20.70 ? 111 GLN A O   1 
ATOM   676  C CB  . GLN A 1 113 ? 11.509  -4.416  -8.021  1.00 22.39 ? 111 GLN A CB  1 
ATOM   677  C CG  . GLN A 1 113 ? 11.969  -5.681  -8.677  1.00 30.23 ? 111 GLN A CG  1 
ATOM   678  C CD  . GLN A 1 113 ? 12.339  -6.764  -7.672  1.00 27.03 ? 111 GLN A CD  1 
ATOM   679  O OE1 . GLN A 1 113 ? 13.426  -6.675  -7.055  1.00 35.90 ? 111 GLN A OE1 1 
ATOM   680  N NE2 . GLN A 1 113 ? 11.495  -7.712  -7.425  1.00 30.46 ? 111 GLN A NE2 1 
ATOM   681  N N   . ALA A 1 114 ? 10.650  -1.379  -7.518  1.00 20.71 ? 112 ALA A N   1 
ATOM   682  C CA  . ALA A 1 114 ? 9.920   -0.337  -6.794  1.00 20.27 ? 112 ALA A CA  1 
ATOM   683  C C   . ALA A 1 114 ? 8.906   0.374   -7.657  1.00 19.10 ? 112 ALA A C   1 
ATOM   684  O O   . ALA A 1 114 ? 7.768   0.728   -7.306  1.00 18.15 ? 112 ALA A O   1 
ATOM   685  C CB  . ALA A 1 114 ? 10.893  0.717   -6.233  1.00 18.33 ? 112 ALA A CB  1 
ATOM   686  N N   . ARG A 1 115 ? 9.321   0.735   -8.881  1.00 18.56 ? 113 ARG A N   1 
ATOM   687  C CA  . ARG A 1 115 ? 8.391   1.355   -9.820  1.00 19.30 ? 113 ARG A CA  1 
ATOM   688  C C   . ARG A 1 115 ? 7.243   0.415   -10.168 1.00 18.09 ? 113 ARG A C   1 
ATOM   689  O O   . ARG A 1 115 ? 6.062   0.813   -10.302 1.00 18.62 ? 113 ARG A O   1 
ATOM   690  C CB  . ARG A 1 115 ? 9.220   1.600   -11.133 1.00 22.59 ? 113 ARG A CB  1 
ATOM   691  C CG  . ARG A 1 115 ? 8.325   2.119   -12.253 1.00 28.52 ? 113 ARG A CG  1 
ATOM   692  C CD  . ARG A 1 115 ? 9.174   2.536   -13.458 1.00 35.98 ? 113 ARG A CD  1 
ATOM   693  N NE  . ARG A 1 115 ? 8.397   3.296   -14.417 1.00 42.33 ? 113 ARG A NE  1 
ATOM   694  C CZ  . ARG A 1 115 ? 7.592   2.808   -15.350 1.00 45.10 ? 113 ARG A CZ  1 
ATOM   695  N NH1 . ARG A 1 115 ? 7.376   1.512   -15.529 1.00 45.04 ? 113 ARG A NH1 1 
ATOM   696  N NH2 . ARG A 1 115 ? 6.952   3.676   -16.145 1.00 47.64 ? 113 ARG A NH2 1 
ATOM   697  N N   . ALA A 1 116 ? 7.547   -0.879  -10.392 1.00 16.88 ? 114 ALA A N   1 
ATOM   698  C CA  . ALA A 1 116 ? 6.470   -1.830  -10.685 1.00 17.50 ? 114 ALA A CA  1 
ATOM   699  C C   . ALA A 1 116 ? 5.496   -1.954  -9.528  1.00 15.41 ? 114 ALA A C   1 
ATOM   700  O O   . ALA A 1 116 ? 4.303   -2.156  -9.738  1.00 15.67 ? 114 ALA A O   1 
ATOM   701  C CB  . ALA A 1 116 ? 7.033   -3.233  -11.069 1.00 17.22 ? 114 ALA A CB  1 
ATOM   702  N N   . VAL A 1 117 ? 5.968   -1.911  -8.279  1.00 15.64 ? 115 VAL A N   1 
ATOM   703  C CA  . VAL A 1 117 ? 4.963   -1.934  -7.177  1.00 14.90 ? 115 VAL A CA  1 
ATOM   704  C C   . VAL A 1 117 ? 4.065   -0.709  -7.234  1.00 16.64 ? 115 VAL A C   1 
ATOM   705  O O   . VAL A 1 117 ? 2.840   -0.691  -7.043  1.00 13.16 ? 115 VAL A O   1 
ATOM   706  C CB  . VAL A 1 117 ? 5.742   -1.957  -5.843  1.00 17.07 ? 115 VAL A CB  1 
ATOM   707  C CG1 . VAL A 1 117 ? 4.731   -1.636  -4.705  1.00 14.03 ? 115 VAL A CG1 1 
ATOM   708  C CG2 . VAL A 1 117 ? 6.376   -3.309  -5.615  1.00 17.85 ? 115 VAL A CG2 1 
ATOM   709  N N   . GLN A 1 118 ? 4.707   0.445   -7.464  1.00 16.74 ? 116 GLN A N   1 
ATOM   710  C CA  . GLN A 1 118 ? 3.992   1.732   -7.571  1.00 17.75 ? 116 GLN A CA  1 
ATOM   711  C C   . GLN A 1 118 ? 2.933   1.623   -8.654  1.00 17.12 ? 116 GLN A C   1 
ATOM   712  O O   . GLN A 1 118 ? 1.742   1.915   -8.394  1.00 16.75 ? 116 GLN A O   1 
ATOM   713  C CB  . GLN A 1 118 ? 5.094   2.762   -7.784  1.00 25.62 ? 116 GLN A CB  1 
ATOM   714  C CG  . GLN A 1 118 ? 4.839   4.114   -8.341  1.00 28.79 ? 116 GLN A CG  1 
ATOM   715  C CD  . GLN A 1 118 ? 6.085   5.024   -8.334  1.00 31.27 ? 116 GLN A CD  1 
ATOM   716  O OE1 . GLN A 1 118 ? 6.053   6.082   -7.713  1.00 28.78 ? 116 GLN A OE1 1 
ATOM   717  N NE2 . GLN A 1 118 ? 7.197   4.682   -8.979  1.00 30.55 ? 116 GLN A NE2 1 
ATOM   718  N N   . MET A 1 119 ? 3.248   1.231   -9.882  1.00 17.57 ? 117 MET A N   1 
ATOM   719  C CA  . MET A 1 119 ? 2.319   1.178   -10.997 1.00 18.11 ? 117 MET A CA  1 
ATOM   720  C C   . MET A 1 119 ? 1.266   0.100   -10.877 1.00 18.07 ? 117 MET A C   1 
ATOM   721  O O   . MET A 1 119 ? 0.100   0.253   -11.229 1.00 16.73 ? 117 MET A O   1 
ATOM   722  C CB  A MET A 1 119 ? 3.086   1.052   -12.329 0.50 20.02 ? 117 MET A CB  1 
ATOM   723  C CB  B MET A 1 119 ? 3.066   0.985   -12.333 0.50 19.24 ? 117 MET A CB  1 
ATOM   724  C CG  A MET A 1 119 ? 4.222   2.051   -12.455 0.50 26.49 ? 117 MET A CG  1 
ATOM   725  C CG  B MET A 1 119 ? 4.140   2.007   -12.591 0.50 24.76 ? 117 MET A CG  1 
ATOM   726  S SD  A MET A 1 119 ? 4.572   2.517   -14.157 0.50 29.37 ? 117 MET A SD  1 
ATOM   727  S SD  B MET A 1 119 ? 3.529   3.706   -12.508 0.50 26.45 ? 117 MET A SD  1 
ATOM   728  C CE  A MET A 1 119 ? 4.406   4.302   -14.066 0.50 29.74 ? 117 MET A CE  1 
ATOM   729  C CE  B MET A 1 119 ? 5.071   4.589   -12.706 0.50 27.08 ? 117 MET A CE  1 
ATOM   730  N N   . SER A 1 120 ? 1.627   -1.071  -10.287 1.00 15.23 ? 118 SER A N   1 
ATOM   731  C CA  . SER A 1 120 ? 0.687   -2.151  -10.096 1.00 15.39 ? 118 SER A CA  1 
ATOM   732  C C   . SER A 1 120 ? -0.366  -1.787  -9.045  1.00 14.27 ? 118 SER A C   1 
ATOM   733  O O   . SER A 1 120 ? -1.513  -2.253  -9.111  1.00 14.87 ? 118 SER A O   1 
ATOM   734  C CB  . SER A 1 120 ? 1.495   -3.399  -9.517  1.00 17.63 ? 118 SER A CB  1 
ATOM   735  O OG  . SER A 1 120 ? 2.066   -3.997  -10.684 1.00 21.24 ? 118 SER A OG  1 
ATOM   736  N N   . THR A 1 121 ? 0.028   -0.968  -8.071  1.00 13.68 ? 119 THR A N   1 
ATOM   737  C CA  . THR A 1 121 ? -0.885  -0.465  -7.059  1.00 13.32 ? 119 THR A CA  1 
ATOM   738  C C   . THR A 1 121 ? -1.881  0.521   -7.716  1.00 15.34 ? 119 THR A C   1 
ATOM   739  O O   . THR A 1 121 ? -3.077  0.439   -7.456  1.00 13.09 ? 119 THR A O   1 
ATOM   740  C CB  . THR A 1 121 ? -0.098  0.137   -5.894  1.00 14.47 ? 119 THR A CB  1 
ATOM   741  O OG1 . THR A 1 121 ? 0.721   -0.885  -5.259  1.00 13.64 ? 119 THR A OG1 1 
ATOM   742  C CG2 . THR A 1 121 ? -1.016  0.811   -4.897  1.00 14.59 ? 119 THR A CG2 1 
ATOM   743  N N   . LYS A 1 122 ? -1.435  1.301   -8.709  1.00 15.87 ? 120 LYS A N   1 
ATOM   744  C CA  . LYS A 1 122 ? -2.404  2.195   -9.401  1.00 17.50 ? 120 LYS A CA  1 
ATOM   745  C C   . LYS A 1 122 ? -3.373  1.365   -10.226 1.00 17.59 ? 120 LYS A C   1 
ATOM   746  O O   . LYS A 1 122 ? -4.574  1.676   -10.233 1.00 21.12 ? 120 LYS A O   1 
ATOM   747  C CB  . LYS A 1 122 ? -1.668  3.180   -10.333 1.00 22.81 ? 120 LYS A CB  1 
ATOM   748  C CG  . LYS A 1 122 ? -0.740  4.167   -9.607  1.00 25.46 ? 120 LYS A CG  1 
ATOM   749  C CD  . LYS A 1 122 ? 0.096   4.960   -10.560 1.00 24.98 ? 120 LYS A CD  1 
ATOM   750  C CE  . LYS A 1 122 ? 0.736   6.237   -10.034 1.00 28.45 ? 120 LYS A CE  1 
ATOM   751  N NZ  . LYS A 1 122 ? -0.087  6.987   -9.060  1.00 24.12 ? 120 LYS A NZ  1 
ATOM   752  N N   . VAL A 1 123 ? -2.960  0.240   -10.764 1.00 16.25 ? 121 VAL A N   1 
ATOM   753  C CA  . VAL A 1 123 ? -3.846  -0.676  -11.486 1.00 17.55 ? 121 VAL A CA  1 
ATOM   754  C C   . VAL A 1 123 ? -4.846  -1.311  -10.533 1.00 17.76 ? 121 VAL A C   1 
ATOM   755  O O   . VAL A 1 123 ? -6.044  -1.461  -10.840 1.00 17.64 ? 121 VAL A O   1 
ATOM   756  C CB  . VAL A 1 123 ? -3.015  -1.738  -12.224 1.00 16.54 ? 121 VAL A CB  1 
ATOM   757  C CG1 . VAL A 1 123 ? -3.918  -2.843  -12.773 1.00 20.87 ? 121 VAL A CG1 1 
ATOM   758  C CG2 . VAL A 1 123 ? -2.245  -1.072  -13.393 1.00 20.24 ? 121 VAL A CG2 1 
ATOM   759  N N   . LEU A 1 124 ? -4.370  -1.709  -9.317  1.00 15.15 ? 122 LEU A N   1 
ATOM   760  C CA  . LEU A 1 124 ? -5.283  -2.270  -8.340  1.00 14.02 ? 122 LEU A CA  1 
ATOM   761  C C   . LEU A 1 124 ? -6.380  -1.284  -7.948  1.00 15.25 ? 122 LEU A C   1 
ATOM   762  O O   . LEU A 1 124 ? -7.561  -1.625  -7.838  1.00 14.87 ? 122 LEU A O   1 
ATOM   763  C CB  . LEU A 1 124 ? -4.438  -2.636  -7.057  1.00 9.80  ? 122 LEU A CB  1 
ATOM   764  C CG  . LEU A 1 124 ? -5.295  -3.061  -5.877  1.00 10.38 ? 122 LEU A CG  1 
ATOM   765  C CD1 . LEU A 1 124 ? -6.193  -4.257  -6.169  1.00 11.65 ? 122 LEU A CD1 1 
ATOM   766  C CD2 . LEU A 1 124 ? -4.354  -3.362  -4.682  1.00 11.47 ? 122 LEU A CD2 1 
ATOM   767  N N   . ILE A 1 125 ? -5.997  -0.026  -7.680  1.00 15.78 ? 123 ILE A N   1 
ATOM   768  C CA  . ILE A 1 125 ? -6.970  1.020   -7.352  1.00 17.23 ? 123 ILE A CA  1 
ATOM   769  C C   . ILE A 1 125 ? -7.966  1.197   -8.498  1.00 17.64 ? 123 ILE A C   1 
ATOM   770  O O   . ILE A 1 125 ? -9.193  1.233   -8.252  1.00 19.92 ? 123 ILE A O   1 
ATOM   771  C CB  . ILE A 1 125 ? -6.246  2.362   -7.098  1.00 17.05 ? 123 ILE A CB  1 
ATOM   772  C CG1 . ILE A 1 125 ? -5.526  2.285   -5.736  1.00 15.82 ? 123 ILE A CG1 1 
ATOM   773  C CG2 . ILE A 1 125 ? -7.257  3.525   -7.064  1.00 17.98 ? 123 ILE A CG2 1 
ATOM   774  C CD1 . ILE A 1 125 ? -4.428  3.317   -5.553  1.00 18.59 ? 123 ILE A CD1 1 
ATOM   775  N N   . GLN A 1 126 ? -7.483  1.204   -9.731  1.00 19.33 ? 124 GLN A N   1 
ATOM   776  C CA  . GLN A 1 126 ? -8.430  1.203   -10.868 1.00 19.93 ? 124 GLN A CA  1 
ATOM   777  C C   . GLN A 1 126 ? -9.408  0.065   -10.833 1.00 20.73 ? 124 GLN A C   1 
ATOM   778  O O   . GLN A 1 126 ? -10.623 0.253   -11.048 1.00 20.42 ? 124 GLN A O   1 
ATOM   779  C CB  . GLN A 1 126 ? -7.661  1.141   -12.203 1.00 20.32 ? 124 GLN A CB  1 
ATOM   780  C CG  . GLN A 1 126 ? -6.865  2.432   -12.478 1.00 27.58 ? 124 GLN A CG  1 
ATOM   781  C CD  . GLN A 1 126 ? -6.122  2.430   -13.793 1.00 29.46 ? 124 GLN A CD  1 
ATOM   782  O OE1 . GLN A 1 126 ? -5.069  3.045   -13.999 1.00 32.05 ? 124 GLN A OE1 1 
ATOM   783  N NE2 . GLN A 1 126 ? -6.684  1.722   -14.777 1.00 33.70 ? 124 GLN A NE2 1 
ATOM   784  N N   . PHE A 1 127 ? -8.986  -1.176  -10.582 1.00 20.82 ? 125 PHE A N   1 
ATOM   785  C CA  . PHE A 1 127 ? -9.852  -2.327  -10.493 1.00 19.62 ? 125 PHE A CA  1 
ATOM   786  C C   . PHE A 1 127 ? -10.824 -2.198  -9.348  1.00 18.99 ? 125 PHE A C   1 
ATOM   787  O O   . PHE A 1 127 ? -12.025 -2.509  -9.521  1.00 20.71 ? 125 PHE A O   1 
ATOM   788  C CB  . PHE A 1 127 ? -9.084  -3.662  -10.334 1.00 20.23 ? 125 PHE A CB  1 
ATOM   789  C CG  . PHE A 1 127 ? -8.225  -4.091  -11.460 1.00 24.98 ? 125 PHE A CG  1 
ATOM   790  C CD1 . PHE A 1 127 ? -8.367  -3.657  -12.750 1.00 24.95 ? 125 PHE A CD1 1 
ATOM   791  C CD2 . PHE A 1 127 ? -7.193  -5.032  -11.187 1.00 26.91 ? 125 PHE A CD2 1 
ATOM   792  C CE1 . PHE A 1 127 ? -7.543  -4.096  -13.759 1.00 25.50 ? 125 PHE A CE1 1 
ATOM   793  C CE2 . PHE A 1 127 ? -6.359  -5.475  -12.191 1.00 23.67 ? 125 PHE A CE2 1 
ATOM   794  C CZ  . PHE A 1 127 ? -6.564  -5.044  -13.500 1.00 26.34 ? 125 PHE A CZ  1 
ATOM   795  N N   . LEU A 1 128 ? -10.412 -1.676  -8.191  1.00 17.50 ? 126 LEU A N   1 
ATOM   796  C CA  . LEU A 1 128 ? -11.326 -1.497  -7.091  1.00 19.14 ? 126 LEU A CA  1 
ATOM   797  C C   . LEU A 1 128 ? -12.353 -0.371  -7.338  1.00 21.87 ? 126 LEU A C   1 
ATOM   798  O O   . LEU A 1 128 ? -13.475 -0.546  -6.788  1.00 23.17 ? 126 LEU A O   1 
ATOM   799  C CB  . LEU A 1 128 ? -10.582 -1.235  -5.793  1.00 18.35 ? 126 LEU A CB  1 
ATOM   800  C CG  . LEU A 1 128 ? -9.773  -2.482  -5.322  1.00 17.76 ? 126 LEU A CG  1 
ATOM   801  C CD1 . LEU A 1 128 ? -8.677  -1.940  -4.362  1.00 16.77 ? 126 LEU A CD1 1 
ATOM   802  C CD2 . LEU A 1 128 ? -10.663 -3.449  -4.569  1.00 21.06 ? 126 LEU A CD2 1 
ATOM   803  N N   . GLN A 1 129 ? -12.024 0.630   -8.105  1.00 24.54 ? 127 GLN A N   1 
ATOM   804  C CA  . GLN A 1 129 ? -12.962 1.718   -8.462  1.00 27.93 ? 127 GLN A CA  1 
ATOM   805  C C   . GLN A 1 129 ? -14.129 1.181   -9.242  1.00 33.37 ? 127 GLN A C   1 
ATOM   806  O O   . GLN A 1 129 ? -15.305 1.299   -8.835  1.00 34.28 ? 127 GLN A O   1 
ATOM   807  C CB  . GLN A 1 129 ? -12.180 2.867   -9.140  1.00 31.45 ? 127 GLN A CB  1 
ATOM   808  C CG  . GLN A 1 129 ? -11.451 3.663   -8.059  1.00 31.31 ? 127 GLN A CG  1 
ATOM   809  C CD  . GLN A 1 129 ? -10.510 4.758   -8.412  1.00 34.14 ? 127 GLN A CD  1 
ATOM   810  O OE1 . GLN A 1 129 ? -9.992  5.463   -7.510  1.00 41.65 ? 127 GLN A OE1 1 
ATOM   811  N NE2 . GLN A 1 129 ? -10.220 5.012   -9.667  1.00 35.39 ? 127 GLN A NE2 1 
ATOM   812  N N   . LYS A 1 130 ? -13.864 0.269   -10.177 1.00 35.90 ? 128 LYS A N   1 
ATOM   813  C CA  . LYS A 1 130 ? -14.868 -0.588  -10.798 1.00 38.09 ? 128 LYS A CA  1 
ATOM   814  C C   . LYS A 1 130 ? -15.653 -1.374  -9.785  1.00 39.02 ? 128 LYS A C   1 
ATOM   815  O O   . LYS A 1 130 ? -16.927 -1.317  -9.762  1.00 40.03 ? 128 LYS A O   1 
ATOM   816  C CB  . LYS A 1 130 ? -14.140 -1.412  -11.864 1.00 42.20 ? 128 LYS A CB  1 
ATOM   817  C CG  . LYS A 1 130 ? -13.859 -0.700  -13.152 1.00 41.90 ? 128 LYS A CG  1 
ATOM   818  C CD  . LYS A 1 130 ? -12.456 -0.263  -13.451 1.00 43.05 ? 128 LYS A CD  1 
ATOM   819  C CE  . LYS A 1 130 ? -11.761 -1.119  -14.510 1.00 44.54 ? 128 LYS A CE  1 
ATOM   820  N NZ  . LYS A 1 130 ? -10.915 -0.309  -15.453 1.00 45.16 ? 128 LYS A NZ  1 
ATOM   821  N N   . LYS A 1 131 ? -15.105 -2.067  -8.789  1.00 39.18 ? 129 LYS A N   1 
ATOM   822  C CA  . LYS A 1 131 ? -15.931 -2.755  -7.801  1.00 38.52 ? 129 LYS A CA  1 
ATOM   823  C C   . LYS A 1 131 ? -16.817 -1.818  -6.992  1.00 38.68 ? 129 LYS A C   1 
ATOM   824  O O   . LYS A 1 131 ? -17.946 -2.181  -6.587  1.00 37.95 ? 129 LYS A O   1 
ATOM   825  C CB  . LYS A 1 131 ? -15.086 -3.598  -6.838  1.00 38.89 ? 129 LYS A CB  1 
ATOM   826  C CG  . LYS A 1 131 ? -15.824 -4.749  -6.197  1.00 40.61 ? 129 LYS A CG  1 
ATOM   827  C CD  . LYS A 1 131 ? -14.921 -5.514  -5.229  1.00 40.01 ? 129 LYS A CD  1 
ATOM   828  C CE  . LYS A 1 131 ? -15.778 -6.380  -4.291  1.00 39.30 ? 129 LYS A CE  1 
ATOM   829  N NZ  . LYS A 1 131 ? -16.111 -7.668  -4.959  1.00 42.04 ? 129 LYS A NZ  1 
ATOM   830  N N   . ALA A 1 132 ? -16.357 -0.628  -6.643  1.00 37.79 ? 130 ALA A N   1 
ATOM   831  C CA  . ALA A 1 132 ? -17.133 0.313   -5.853  1.00 38.66 ? 130 ALA A CA  1 
ATOM   832  C C   . ALA A 1 132 ? -17.962 1.214   -6.780  1.00 39.33 ? 130 ALA A C   1 
ATOM   833  O O   . ALA A 1 132 ? -18.141 2.386   -6.491  1.00 38.61 ? 130 ALA A O   1 
ATOM   834  C CB  . ALA A 1 132 ? -16.249 1.145   -4.953  1.00 36.40 ? 130 ALA A CB  1 
ATOM   835  N N   . LYS A 1 133 ? -18.481 0.660   -7.855  1.00 40.34 ? 131 LYS A N   1 
ATOM   836  C CA  . LYS A 1 133 ? -19.074 1.375   -8.970  1.00 43.50 ? 131 LYS A CA  1 
ATOM   837  C C   . LYS A 1 133 ? -20.321 2.134   -8.518  1.00 45.98 ? 131 LYS A C   1 
ATOM   838  O O   . LYS A 1 133 ? -20.682 3.174   -9.051  1.00 46.35 ? 131 LYS A O   1 
ATOM   839  C CB  . LYS A 1 133 ? -19.405 0.434   -10.108 1.00 41.58 ? 131 LYS A CB  1 
ATOM   840  N N   . ASN A 1 134 ? -21.002 1.550   -7.526  1.00 48.19 ? 132 ASN A N   1 
ATOM   841  C CA  . ASN A 1 134 ? -22.109 2.245   -6.886  1.00 50.16 ? 132 ASN A CA  1 
ATOM   842  C C   . ASN A 1 134 ? -21.536 3.397   -6.054  1.00 51.71 ? 132 ASN A C   1 
ATOM   843  O O   . ASN A 1 134 ? -21.685 4.568   -6.435  1.00 53.32 ? 132 ASN A O   1 
ATOM   844  C CB  . ASN A 1 134 ? -22.873 1.277   -5.996  1.00 51.37 ? 132 ASN A CB  1 
ATOM   845  N N   . LEU A 1 135 ? -20.670 3.065   -5.110  1.00 51.91 ? 133 LEU A N   1 
ATOM   846  C CA  . LEU A 1 135 ? -20.147 3.940   -4.099  1.00 51.65 ? 133 LEU A CA  1 
ATOM   847  C C   . LEU A 1 135 ? -19.708 5.320   -4.568  1.00 52.19 ? 133 LEU A C   1 
ATOM   848  O O   . LEU A 1 135 ? -19.383 5.584   -5.721  1.00 52.29 ? 133 LEU A O   1 
ATOM   849  C CB  . LEU A 1 135 ? -18.974 3.271   -3.351  1.00 52.00 ? 133 LEU A CB  1 
ATOM   850  C CG  . LEU A 1 135 ? -19.319 2.137   -2.398  1.00 52.09 ? 133 LEU A CG  1 
ATOM   851  C CD1 . LEU A 1 135 ? -18.084 1.625   -1.658  1.00 49.48 ? 133 LEU A CD1 1 
ATOM   852  C CD2 . LEU A 1 135 ? -20.364 2.574   -1.374  1.00 52.58 ? 133 LEU A CD2 1 
ATOM   853  N N   . ASP A 1 136 ? -19.568 6.207   -3.602  1.00 51.94 ? 134 ASP A N   1 
ATOM   854  C CA  . ASP A 1 136 ? -19.276 7.628   -3.839  1.00 52.43 ? 134 ASP A CA  1 
ATOM   855  C C   . ASP A 1 136 ? -17.834 7.831   -4.269  1.00 51.22 ? 134 ASP A C   1 
ATOM   856  O O   . ASP A 1 136 ? -17.084 6.863   -4.395  1.00 51.48 ? 134 ASP A O   1 
ATOM   857  C CB  . ASP A 1 136 ? -19.635 8.355   -2.546  1.00 55.73 ? 134 ASP A CB  1 
ATOM   858  C CG  . ASP A 1 136 ? -19.059 9.727   -2.340  1.00 57.50 ? 134 ASP A CG  1 
ATOM   859  O OD1 . ASP A 1 136 ? -17.915 9.803   -1.826  1.00 56.21 ? 134 ASP A OD1 1 
ATOM   860  O OD2 . ASP A 1 136 ? -19.734 10.719  -2.701  1.00 58.94 ? 134 ASP A OD2 1 
ATOM   861  N N   . ALA A 1 137 ? -17.421 9.057   -4.529  1.00 50.46 ? 135 ALA A N   1 
ATOM   862  C CA  . ALA A 1 137 ? -16.037 9.328   -4.916  1.00 49.90 ? 135 ALA A CA  1 
ATOM   863  C C   . ALA A 1 137 ? -15.195 9.391   -3.633  1.00 49.14 ? 135 ALA A C   1 
ATOM   864  O O   . ALA A 1 137 ? -15.657 9.855   -2.596  1.00 48.07 ? 135 ALA A O   1 
ATOM   865  C CB  . ALA A 1 137 ? -15.903 10.622  -5.679  1.00 49.03 ? 135 ALA A CB  1 
ATOM   866  N N   . ILE A 1 138 ? -13.953 8.943   -3.756  1.00 48.03 ? 136 ILE A N   1 
ATOM   867  C CA  . ILE A 1 138 ? -13.094 8.870   -2.592  1.00 47.50 ? 136 ILE A CA  1 
ATOM   868  C C   . ILE A 1 138 ? -12.130 10.035  -2.513  1.00 47.36 ? 136 ILE A C   1 
ATOM   869  O O   . ILE A 1 138 ? -11.447 10.440  -3.459  1.00 47.82 ? 136 ILE A O   1 
ATOM   870  C CB  . ILE A 1 138 ? -12.356 7.517   -2.562  1.00 45.62 ? 136 ILE A CB  1 
ATOM   871  C CG1 . ILE A 1 138 ? -13.396 6.396   -2.408  1.00 43.69 ? 136 ILE A CG1 1 
ATOM   872  C CG2 . ILE A 1 138 ? -11.283 7.501   -1.499  1.00 46.28 ? 136 ILE A CG2 1 
ATOM   873  C CD1 . ILE A 1 138 ? -13.632 5.648   -3.710  1.00 43.85 ? 136 ILE A CD1 1 
ATOM   874  N N   . THR A 1 139 ? -12.085 10.595  -1.304  1.00 47.77 ? 137 THR A N   1 
ATOM   875  C CA  . THR A 1 139 ? -11.142 11.682  -1.055  1.00 46.88 ? 137 THR A CA  1 
ATOM   876  C C   . THR A 1 139 ? -9.724  11.160  -1.307  1.00 45.91 ? 137 THR A C   1 
ATOM   877  O O   . THR A 1 139 ? -9.345  10.067  -0.890  1.00 45.70 ? 137 THR A O   1 
ATOM   878  C CB  . THR A 1 139 ? -11.245 12.265  0.356   1.00 49.94 ? 137 THR A CB  1 
ATOM   879  O OG1 . THR A 1 139 ? -10.082 11.912  1.135   1.00 51.28 ? 137 THR A OG1 1 
ATOM   880  C CG2 . THR A 1 139 ? -12.493 11.780  1.063   1.00 47.99 ? 137 THR A CG2 1 
ATOM   881  N N   . THR A 1 140 ? -8.996  11.968  -2.036  1.00 45.16 ? 138 THR A N   1 
ATOM   882  C CA  . THR A 1 140 ? -7.636  11.740  -2.439  1.00 44.29 ? 138 THR A CA  1 
ATOM   883  C C   . THR A 1 140 ? -6.696  12.718  -1.733  1.00 44.83 ? 138 THR A C   1 
ATOM   884  O O   . THR A 1 140 ? -7.050  13.867  -1.475  1.00 44.23 ? 138 THR A O   1 
ATOM   885  C CB  . THR A 1 140 ? -7.485  11.993  -3.960  1.00 45.68 ? 138 THR A CB  1 
ATOM   886  O OG1 . THR A 1 140 ? -8.157  13.242  -4.241  1.00 42.06 ? 138 THR A OG1 1 
ATOM   887  C CG2 . THR A 1 140 ? -8.096  10.864  -4.762  1.00 42.43 ? 138 THR A CG2 1 
ATOM   888  N N   . PRO A 1 141 ? -5.507  12.233  -1.422  1.00 44.44 ? 139 PRO A N   1 
ATOM   889  C CA  . PRO A 1 141 ? -4.439  12.993  -0.818  1.00 44.34 ? 139 PRO A CA  1 
ATOM   890  C C   . PRO A 1 141 ? -4.074  14.218  -1.656  1.00 44.04 ? 139 PRO A C   1 
ATOM   891  O O   . PRO A 1 141 ? -4.063  14.132  -2.892  1.00 43.40 ? 139 PRO A O   1 
ATOM   892  C CB  . PRO A 1 141 ? -3.196  12.069  -0.775  1.00 44.12 ? 139 PRO A CB  1 
ATOM   893  C CG  . PRO A 1 141 ? -3.808  10.708  -0.944  1.00 44.54 ? 139 PRO A CG  1 
ATOM   894  C CD  . PRO A 1 141 ? -5.104  10.851  -1.719  1.00 44.40 ? 139 PRO A CD  1 
ATOM   895  N N   . ASP A 1 142 ? -3.599  15.263  -1.004  1.00 44.48 ? 140 ASP A N   1 
ATOM   896  C CA  . ASP A 1 142 ? -3.102  16.470  -1.661  1.00 44.66 ? 140 ASP A CA  1 
ATOM   897  C C   . ASP A 1 142 ? -1.746  16.261  -2.299  1.00 44.81 ? 140 ASP A C   1 
ATOM   898  O O   . ASP A 1 142 ? -0.747  16.075  -1.599  1.00 44.75 ? 140 ASP A O   1 
ATOM   899  C CB  . ASP A 1 142 ? -2.906  17.519  -0.523  1.00 48.37 ? 140 ASP A CB  1 
ATOM   900  C CG  . ASP A 1 142 ? -3.024  18.936  -1.020  1.00 50.27 ? 140 ASP A CG  1 
ATOM   901  O OD1 . ASP A 1 142 ? -4.041  19.252  -1.656  1.00 50.58 ? 140 ASP A OD1 1 
ATOM   902  O OD2 . ASP A 1 142 ? -2.127  19.782  -0.795  1.00 53.17 ? 140 ASP A OD2 1 
ATOM   903  N N   . PRO A 1 143 ? -1.597  16.389  -3.597  1.00 45.17 ? 141 PRO A N   1 
ATOM   904  C CA  . PRO A 1 143 ? -0.338  16.207  -4.286  1.00 45.53 ? 141 PRO A CA  1 
ATOM   905  C C   . PRO A 1 143 ? 0.774   17.069  -3.734  1.00 46.28 ? 141 PRO A C   1 
ATOM   906  O O   . PRO A 1 143 ? 1.943   16.627  -3.763  1.00 46.82 ? 141 PRO A O   1 
ATOM   907  C CB  . PRO A 1 143 ? -0.567  16.486  -5.786  1.00 46.38 ? 141 PRO A CB  1 
ATOM   908  C CG  . PRO A 1 143 ? -2.035  16.788  -5.852  1.00 45.81 ? 141 PRO A CG  1 
ATOM   909  C CD  . PRO A 1 143 ? -2.708  16.630  -4.522  1.00 45.50 ? 141 PRO A CD  1 
ATOM   910  N N   . THR A 1 144 ? 0.485   18.298  -3.315  1.00 46.07 ? 142 THR A N   1 
ATOM   911  C CA  . THR A 1 144 ? 1.471   19.241  -2.800  1.00 45.48 ? 142 THR A CA  1 
ATOM   912  C C   . THR A 1 144 ? 1.911   18.879  -1.386  1.00 44.28 ? 142 THR A C   1 
ATOM   913  O O   . THR A 1 144 ? 3.082   19.009  -1.027  1.00 44.04 ? 142 THR A O   1 
ATOM   914  C CB  . THR A 1 144 ? 0.899   20.678  -2.759  1.00 48.73 ? 142 THR A CB  1 
ATOM   915  O OG1 . THR A 1 144 ? -0.340  20.717  -3.469  1.00 50.27 ? 142 THR A OG1 1 
ATOM   916  C CG2 . THR A 1 144 ? 1.880   21.666  -3.360  1.00 50.52 ? 142 THR A CG2 1 
ATOM   917  N N   . THR A 1 145 ? 0.975   18.394  -0.563  1.00 43.09 ? 143 THR A N   1 
ATOM   918  C CA  . THR A 1 145 ? 1.359   17.923  0.769   1.00 41.92 ? 143 THR A CA  1 
ATOM   919  C C   . THR A 1 145 ? 2.240   16.661  0.645   1.00 40.93 ? 143 THR A C   1 
ATOM   920  O O   . THR A 1 145 ? 3.193   16.485  1.398   1.00 40.57 ? 143 THR A O   1 
ATOM   921  C CB  . THR A 1 145 ? 0.139   17.554  1.621   1.00 43.30 ? 143 THR A CB  1 
ATOM   922  O OG1 . THR A 1 145 ? -0.800  18.634  1.627   1.00 48.00 ? 143 THR A OG1 1 
ATOM   923  C CG2 . THR A 1 145 ? 0.602   17.281  3.053   1.00 42.83 ? 143 THR A CG2 1 
ATOM   924  N N   . ASN A 1 146 ? 1.959   15.841  -0.361  1.00 39.12 ? 144 ASN A N   1 
ATOM   925  C CA  . ASN A 1 146 ? 2.754   14.656  -0.650  1.00 38.44 ? 144 ASN A CA  1 
ATOM   926  C C   . ASN A 1 146 ? 4.174   15.057  -1.008  1.00 37.78 ? 144 ASN A C   1 
ATOM   927  O O   . ASN A 1 146 ? 5.127   14.502  -0.435  1.00 36.62 ? 144 ASN A O   1 
ATOM   928  C CB  . ASN A 1 146 ? 2.102   13.770  -1.719  1.00 37.67 ? 144 ASN A CB  1 
ATOM   929  C CG  . ASN A 1 146 ? 0.995   12.896  -1.146  1.00 37.38 ? 144 ASN A CG  1 
ATOM   930  O OD1 . ASN A 1 146 ? 0.802   12.809  0.061   1.00 38.50 ? 144 ASN A OD1 1 
ATOM   931  N ND2 . ASN A 1 146 ? 0.254   12.190  -2.004  1.00 36.42 ? 144 ASN A ND2 1 
ATOM   932  N N   . ALA A 1 147 ? 4.360   16.061  -1.848  1.00 36.05 ? 145 ALA A N   1 
ATOM   933  C CA  . ALA A 1 147 ? 5.676   16.563  -2.234  1.00 35.80 ? 145 ALA A CA  1 
ATOM   934  C C   . ALA A 1 147 ? 6.522   17.023  -1.049  1.00 35.38 ? 145 ALA A C   1 
ATOM   935  O O   . ALA A 1 147 ? 7.774   16.929  -1.047  1.00 36.40 ? 145 ALA A O   1 
ATOM   936  C CB  . ALA A 1 147 ? 5.448   17.774  -3.163  1.00 35.65 ? 145 ALA A CB  1 
ATOM   937  N N   . SER A 1 148 ? 5.887   17.629  -0.061  1.00 33.78 ? 146 SER A N   1 
ATOM   938  C CA  . SER A 1 148 ? 6.619   18.117  1.111   1.00 34.27 ? 146 SER A CA  1 
ATOM   939  C C   . SER A 1 148 ? 7.069   16.912  1.974   1.00 32.83 ? 146 SER A C   1 
ATOM   940  O O   . SER A 1 148 ? 8.131   16.926  2.560   1.00 32.19 ? 146 SER A O   1 
ATOM   941  C CB  . SER A 1 148 ? 5.738   19.006  1.976   1.00 36.47 ? 146 SER A CB  1 
ATOM   942  O OG  . SER A 1 148 ? 5.559   20.280  1.347   1.00 42.87 ? 146 SER A OG  1 
ATOM   943  N N   . LEU A 1 149 ? 6.157   15.954  2.117   1.00 31.99 ? 147 LEU A N   1 
ATOM   944  C CA  . LEU A 1 149 ? 6.499   14.757  2.885   1.00 31.00 ? 147 LEU A CA  1 
ATOM   945  C C   . LEU A 1 149 ? 7.718   14.104  2.262   1.00 30.99 ? 147 LEU A C   1 
ATOM   946  O O   . LEU A 1 149 ? 8.641   13.745  2.971   1.00 30.11 ? 147 LEU A O   1 
ATOM   947  C CB  . LEU A 1 149 ? 5.301   13.808  2.918   1.00 31.50 ? 147 LEU A CB  1 
ATOM   948  C CG  . LEU A 1 149 ? 5.576   12.485  3.632   1.00 29.38 ? 147 LEU A CG  1 
ATOM   949  C CD1 . LEU A 1 149 ? 6.093   12.760  5.046   1.00 28.45 ? 147 LEU A CD1 1 
ATOM   950  C CD2 . LEU A 1 149 ? 4.332   11.619  3.642   1.00 27.80 ? 147 LEU A CD2 1 
ATOM   951  N N   . LEU A 1 150 ? 7.666   13.807  0.957   1.00 29.68 ? 148 LEU A N   1 
ATOM   952  C CA  . LEU A 1 150 ? 8.764   13.218  0.229   1.00 30.53 ? 148 LEU A CA  1 
ATOM   953  C C   . LEU A 1 150 ? 10.108  13.875  0.463   1.00 31.34 ? 148 LEU A C   1 
ATOM   954  O O   . LEU A 1 150 ? 11.131  13.225  0.721   1.00 28.13 ? 148 LEU A O   1 
ATOM   955  C CB  . LEU A 1 150 ? 8.416   13.204  -1.251  1.00 32.36 ? 148 LEU A CB  1 
ATOM   956  C CG  . LEU A 1 150 ? 8.778   12.045  -2.129  1.00 32.66 ? 148 LEU A CG  1 
ATOM   957  C CD1 . LEU A 1 150 ? 8.428   10.713  -1.475  1.00 32.69 ? 148 LEU A CD1 1 
ATOM   958  C CD2 . LEU A 1 150 ? 8.038   12.172  -3.472  1.00 35.91 ? 148 LEU A CD2 1 
ATOM   959  N N   . THR A 1 151 ? 10.175  15.221  0.400   1.00 30.85 ? 149 THR A N   1 
ATOM   960  C CA  . THR A 1 151 ? 11.426  15.925  0.642   1.00 30.70 ? 149 THR A CA  1 
ATOM   961  C C   . THR A 1 151 ? 11.965  15.696  2.052   1.00 29.67 ? 149 THR A C   1 
ATOM   962  O O   . THR A 1 151 ? 13.173  15.411  2.200   1.00 29.98 ? 149 THR A O   1 
ATOM   963  C CB  . THR A 1 151 ? 11.259  17.439  0.325   1.00 34.07 ? 149 THR A CB  1 
ATOM   964  O OG1 . THR A 1 151 ? 9.880   17.804  0.415   1.00 33.95 ? 149 THR A OG1 1 
ATOM   965  C CG2 . THR A 1 151 ? 11.620  17.732  -1.128  1.00 30.57 ? 149 THR A CG2 1 
ATOM   966  N N   . LYS A 1 152 ? 11.132  15.690  3.048   1.00 28.78 ? 150 LYS A N   1 
ATOM   967  C CA  . LYS A 1 152 ? 11.473  15.429  4.435   1.00 29.81 ? 150 LYS A CA  1 
ATOM   968  C C   . LYS A 1 152 ? 12.040  14.009  4.623   1.00 28.70 ? 150 LYS A C   1 
ATOM   969  O O   . LYS A 1 152 ? 12.883  13.764  5.495   1.00 27.07 ? 150 LYS A O   1 
ATOM   970  C CB  . LYS A 1 152 ? 10.217  15.587  5.288   1.00 33.72 ? 150 LYS A CB  1 
ATOM   971  C CG  . LYS A 1 152 ? 10.297  15.557  6.764   1.00 35.68 ? 150 LYS A CG  1 
ATOM   972  C CD  . LYS A 1 152 ? 9.085   14.963  7.453   1.00 43.47 ? 150 LYS A CD  1 
ATOM   973  C CE  . LYS A 1 152 ? 9.431   13.815  8.411   1.00 46.36 ? 150 LYS A CE  1 
ATOM   974  N NZ  . LYS A 1 152 ? 8.268   12.847  8.489   1.00 46.80 ? 150 LYS A NZ  1 
ATOM   975  N N   . LEU A 1 153 ? 11.280  13.056  4.077   1.00 26.49 ? 151 LEU A N   1 
ATOM   976  C CA  . LEU A 1 153 ? 11.728  11.644  4.200   1.00 25.44 ? 151 LEU A CA  1 
ATOM   977  C C   . LEU A 1 153 ? 13.020  11.404  3.475   1.00 24.28 ? 151 LEU A C   1 
ATOM   978  O O   . LEU A 1 153 ? 13.863  10.615  3.926   1.00 22.68 ? 151 LEU A O   1 
ATOM   979  C CB  . LEU A 1 153 ? 10.632  10.756  3.631   1.00 26.07 ? 151 LEU A CB  1 
ATOM   980  C CG  . LEU A 1 153 ? 9.283   10.722  4.339   1.00 27.60 ? 151 LEU A CG  1 
ATOM   981  C CD1 . LEU A 1 153 ? 8.399   9.689   3.646   1.00 29.17 ? 151 LEU A CD1 1 
ATOM   982  C CD2 . LEU A 1 153 ? 9.389   10.411  5.826   1.00 31.50 ? 151 LEU A CD2 1 
ATOM   983  N N   . GLN A 1 154 ? 13.288  12.116  2.357   1.00 23.04 ? 152 GLN A N   1 
ATOM   984  C CA  . GLN A 1 154 ? 14.511  11.938  1.604   1.00 22.91 ? 152 GLN A CA  1 
ATOM   985  C C   . GLN A 1 154 ? 15.685  12.756  2.170   1.00 23.30 ? 152 GLN A C   1 
ATOM   986  O O   . GLN A 1 154 ? 16.809  12.412  1.790   1.00 23.29 ? 152 GLN A O   1 
ATOM   987  C CB  . GLN A 1 154 ? 14.335  12.314  0.111   1.00 27.73 ? 152 GLN A CB  1 
ATOM   988  C CG  . GLN A 1 154 ? 13.502  11.307  -0.659  1.00 32.24 ? 152 GLN A CG  1 
ATOM   989  C CD  . GLN A 1 154 ? 12.837  11.804  -1.927  1.00 37.14 ? 152 GLN A CD  1 
ATOM   990  O OE1 . GLN A 1 154 ? 12.912  12.983  -2.282  1.00 37.20 ? 152 GLN A OE1 1 
ATOM   991  N NE2 . GLN A 1 154 ? 12.075  10.926  -2.579  1.00 38.80 ? 152 GLN A NE2 1 
ATOM   992  N N   . ALA A 1 155 ? 15.446  13.610  3.119   1.00 23.44 ? 153 ALA A N   1 
ATOM   993  C CA  . ALA A 1 155 ? 16.446  14.386  3.813   1.00 26.12 ? 153 ALA A CA  1 
ATOM   994  C C   . ALA A 1 155 ? 17.077  13.623  4.990   1.00 25.60 ? 153 ALA A C   1 
ATOM   995  O O   . ALA A 1 155 ? 18.068  14.105  5.539   1.00 25.88 ? 153 ALA A O   1 
ATOM   996  C CB  . ALA A 1 155 ? 15.860  15.670  4.395   1.00 25.05 ? 153 ALA A CB  1 
ATOM   997  N N   . GLN A 1 156 ? 16.439  12.552  5.444   1.00 23.90 ? 154 GLN A N   1 
ATOM   998  C CA  . GLN A 1 156 ? 16.946  11.797  6.619   1.00 22.11 ? 154 GLN A CA  1 
ATOM   999  C C   . GLN A 1 156 ? 18.259  11.101  6.354   1.00 19.60 ? 154 GLN A C   1 
ATOM   1000 O O   . GLN A 1 156 ? 18.635  10.752  5.228   1.00 19.53 ? 154 GLN A O   1 
ATOM   1001 C CB  . GLN A 1 156 ? 15.901  10.752  7.015   1.00 22.94 ? 154 GLN A CB  1 
ATOM   1002 C CG  . GLN A 1 156 ? 14.485  11.279  7.318   1.00 25.57 ? 154 GLN A CG  1 
ATOM   1003 C CD  . GLN A 1 156 ? 13.586  10.032  7.505   1.00 22.67 ? 154 GLN A CD  1 
ATOM   1004 O OE1 . GLN A 1 156 ? 13.346  9.775   8.656   1.00 26.64 ? 154 GLN A OE1 1 
ATOM   1005 N NE2 . GLN A 1 156 ? 13.253  9.299   6.411   1.00 20.30 ? 154 GLN A NE2 1 
ATOM   1006 N N   . ASN A 1 157 ? 18.991  10.746  7.446   1.00 17.72 ? 155 ASN A N   1 
ATOM   1007 C CA  . ASN A 1 157 ? 20.258  10.035  7.182   1.00 17.36 ? 155 ASN A CA  1 
ATOM   1008 C C   . ASN A 1 157 ? 19.976  8.611   6.736   1.00 16.45 ? 155 ASN A C   1 
ATOM   1009 O O   . ASN A 1 157 ? 18.801  8.182   6.704   1.00 17.29 ? 155 ASN A O   1 
ATOM   1010 C CB  . ASN A 1 157 ? 21.123  10.056  8.455   1.00 18.33 ? 155 ASN A CB  1 
ATOM   1011 C CG  . ASN A 1 157 ? 20.447  9.376   9.626   1.00 20.02 ? 155 ASN A CG  1 
ATOM   1012 O OD1 . ASN A 1 157 ? 19.985  8.226   9.545   1.00 18.91 ? 155 ASN A OD1 1 
ATOM   1013 N ND2 . ASN A 1 157 ? 20.479  10.006  10.784  1.00 16.90 ? 155 ASN A ND2 1 
ATOM   1014 N N   . GLN A 1 158 ? 20.964  7.866   6.283   1.00 17.27 ? 156 GLN A N   1 
ATOM   1015 C CA  . GLN A 1 158 ? 20.739  6.539   5.703   1.00 16.94 ? 156 GLN A CA  1 
ATOM   1016 C C   . GLN A 1 158 ? 20.115  5.562   6.678   1.00 17.15 ? 156 GLN A C   1 
ATOM   1017 O O   . GLN A 1 158 ? 19.258  4.747   6.255   1.00 15.68 ? 156 GLN A O   1 
ATOM   1018 C CB  . GLN A 1 158 ? 22.038  5.948   5.123   1.00 21.41 ? 156 GLN A CB  1 
ATOM   1019 C CG  . GLN A 1 158 ? 22.603  6.848   4.001   1.00 26.82 ? 156 GLN A CG  1 
ATOM   1020 C CD  . GLN A 1 158 ? 21.617  7.010   2.851   1.00 29.47 ? 156 GLN A CD  1 
ATOM   1021 O OE1 . GLN A 1 158 ? 21.235  8.156   2.557   1.00 34.39 ? 156 GLN A OE1 1 
ATOM   1022 N NE2 . GLN A 1 158 ? 21.127  5.927   2.263   1.00 25.68 ? 156 GLN A NE2 1 
ATOM   1023 N N   . TRP A 1 159 ? 20.415  5.639   7.969   1.00 15.37 ? 157 TRP A N   1 
ATOM   1024 C CA  . TRP A 1 159 ? 19.778  4.700   8.932   1.00 16.32 ? 157 TRP A CA  1 
ATOM   1025 C C   . TRP A 1 159 ? 18.280  4.953   8.975   1.00 14.85 ? 157 TRP A C   1 
ATOM   1026 O O   . TRP A 1 159 ? 17.456  4.002   8.970   1.00 14.76 ? 157 TRP A O   1 
ATOM   1027 C CB  . TRP A 1 159 ? 20.370  4.961   10.348  1.00 15.14 ? 157 TRP A CB  1 
ATOM   1028 C CG  . TRP A 1 159 ? 19.822  4.055   11.412  1.00 15.87 ? 157 TRP A CG  1 
ATOM   1029 C CD1 . TRP A 1 159 ? 18.721  4.191   12.193  1.00 17.99 ? 157 TRP A CD1 1 
ATOM   1030 C CD2 . TRP A 1 159 ? 20.415  2.784   11.758  1.00 17.97 ? 157 TRP A CD2 1 
ATOM   1031 N NE1 . TRP A 1 159 ? 18.592  3.093   13.052  1.00 16.66 ? 157 TRP A NE1 1 
ATOM   1032 C CE2 . TRP A 1 159 ? 19.636  2.245   12.783  1.00 16.44 ? 157 TRP A CE2 1 
ATOM   1033 C CE3 . TRP A 1 159 ? 21.557  2.120   11.342  1.00 17.89 ? 157 TRP A CE3 1 
ATOM   1034 C CZ2 . TRP A 1 159 ? 19.959  1.022   13.403  1.00 16.43 ? 157 TRP A CZ2 1 
ATOM   1035 C CZ3 . TRP A 1 159 ? 21.869  0.880   11.922  1.00 18.58 ? 157 TRP A CZ3 1 
ATOM   1036 C CH2 . TRP A 1 159 ? 21.062  0.352   12.944  1.00 14.75 ? 157 TRP A CH2 1 
ATOM   1037 N N   . LEU A 1 160 ? 17.869  6.230   9.125   1.00 13.55 ? 158 LEU A N   1 
ATOM   1038 C CA  . LEU A 1 160 ? 16.449  6.547   9.257   1.00 15.71 ? 158 LEU A CA  1 
ATOM   1039 C C   . LEU A 1 160 ? 15.707  6.151   7.966   1.00 14.84 ? 158 LEU A C   1 
ATOM   1040 O O   . LEU A 1 160 ? 14.532  5.797   8.048   1.00 14.72 ? 158 LEU A O   1 
ATOM   1041 C CB  . LEU A 1 160 ? 16.238  8.059   9.541   1.00 18.16 ? 158 LEU A CB  1 
ATOM   1042 C CG  . LEU A 1 160 ? 16.782  8.458   10.953  1.00 23.69 ? 158 LEU A CG  1 
ATOM   1043 C CD1 . LEU A 1 160 ? 16.695  9.964   11.133  1.00 26.02 ? 158 LEU A CD1 1 
ATOM   1044 C CD2 . LEU A 1 160 ? 16.001  7.717   12.011  1.00 23.12 ? 158 LEU A CD2 1 
ATOM   1045 N N   . GLN A 1 161 ? 16.364  6.397   6.850   1.00 13.68 ? 159 GLN A N   1 
ATOM   1046 C CA  . GLN A 1 161 ? 15.688  6.036   5.542   1.00 14.91 ? 159 GLN A CA  1 
ATOM   1047 C C   . GLN A 1 161 ? 15.554  4.518   5.465   1.00 15.16 ? 159 GLN A C   1 
ATOM   1048 O O   . GLN A 1 161 ? 14.538  4.010   4.941   1.00 13.44 ? 159 GLN A O   1 
ATOM   1049 C CB  . GLN A 1 161 ? 16.498  6.574   4.382   1.00 17.22 ? 159 GLN A CB  1 
ATOM   1050 C CG  . GLN A 1 161 ? 16.422  8.123   4.334   1.00 19.15 ? 159 GLN A CG  1 
ATOM   1051 C CD  . GLN A 1 161 ? 16.656  8.663   2.934   1.00 26.33 ? 159 GLN A CD  1 
ATOM   1052 O OE1 . GLN A 1 161 ? 17.568  9.478   2.714   1.00 25.78 ? 159 GLN A OE1 1 
ATOM   1053 N NE2 . GLN A 1 161 ? 15.862  8.208   1.982   1.00 21.53 ? 159 GLN A NE2 1 
ATOM   1054 N N   . ASP A 1 162 ? 16.563  3.753   5.869   1.00 13.92 ? 160 ASP A N   1 
ATOM   1055 C CA  . ASP A 1 162 ? 16.413  2.289   5.941   1.00 15.00 ? 160 ASP A CA  1 
ATOM   1056 C C   . ASP A 1 162 ? 15.275  1.896   6.880   1.00 14.73 ? 160 ASP A C   1 
ATOM   1057 O O   . ASP A 1 162 ? 14.509  0.937   6.610   1.00 12.71 ? 160 ASP A O   1 
ATOM   1058 C CB  . ASP A 1 162 ? 17.739  1.625   6.382   1.00 14.63 ? 160 ASP A CB  1 
ATOM   1059 C CG  . ASP A 1 162 ? 18.728  1.504   5.232   1.00 19.33 ? 160 ASP A CG  1 
ATOM   1060 O OD1 . ASP A 1 162 ? 18.375  1.707   4.059   1.00 20.58 ? 160 ASP A OD1 1 
ATOM   1061 O OD2 . ASP A 1 162 ? 19.928  1.259   5.464   1.00 20.08 ? 160 ASP A OD2 1 
ATOM   1062 N N   . MET A 1 163 ? 15.124  2.560   8.015   1.00 14.41 ? 161 MET A N   1 
ATOM   1063 C CA  . MET A 1 163 ? 14.017  2.268   8.908   1.00 15.53 ? 161 MET A CA  1 
ATOM   1064 C C   . MET A 1 163 ? 12.677  2.660   8.238   1.00 15.94 ? 161 MET A C   1 
ATOM   1065 O O   . MET A 1 163 ? 11.721  1.856   8.322   1.00 16.26 ? 161 MET A O   1 
ATOM   1066 C CB  . MET A 1 163 ? 14.124  3.025   10.228  1.00 19.45 ? 161 MET A CB  1 
ATOM   1067 C CG  . MET A 1 163 ? 15.101  2.387   11.192  1.00 30.00 ? 161 MET A CG  1 
ATOM   1068 S SD  . MET A 1 163 ? 14.514  0.787   11.827  1.00 39.02 ? 161 MET A SD  1 
ATOM   1069 C CE  . MET A 1 163 ? 13.150  1.334   12.858  1.00 39.52 ? 161 MET A CE  1 
ATOM   1070 N N   . THR A 1 164 ? 12.620  3.803   7.601   1.00 13.90 ? 162 THR A N   1 
ATOM   1071 C CA  . THR A 1 164 ? 11.393  4.227   6.869   1.00 15.10 ? 162 THR A CA  1 
ATOM   1072 C C   . THR A 1 164 ? 11.005  3.199   5.824   1.00 15.45 ? 162 THR A C   1 
ATOM   1073 O O   . THR A 1 164 ? 9.836   2.826   5.715   1.00 13.60 ? 162 THR A O   1 
ATOM   1074 C CB  . THR A 1 164 ? 11.646  5.589   6.166   1.00 14.57 ? 162 THR A CB  1 
ATOM   1075 O OG1 . THR A 1 164 ? 11.928  6.540   7.223   1.00 16.25 ? 162 THR A OG1 1 
ATOM   1076 C CG2 . THR A 1 164 ? 10.425  6.052   5.390   1.00 19.41 ? 162 THR A CG2 1 
ATOM   1077 N N   . THR A 1 165 ? 11.975  2.703   5.051   1.00 13.58 ? 163 THR A N   1 
ATOM   1078 C CA  . THR A 1 165 ? 11.720  1.745   3.972   1.00 15.25 ? 163 THR A CA  1 
ATOM   1079 C C   . THR A 1 165 ? 11.104  0.463   4.547   1.00 15.15 ? 163 THR A C   1 
ATOM   1080 O O   . THR A 1 165 ? 10.116  -0.050  4.001   1.00 12.86 ? 163 THR A O   1 
ATOM   1081 C CB  . THR A 1 165 ? 13.049  1.407   3.272   1.00 17.70 ? 163 THR A CB  1 
ATOM   1082 O OG1 . THR A 1 165 ? 13.506  2.624   2.683   1.00 17.50 ? 163 THR A OG1 1 
ATOM   1083 C CG2 . THR A 1 165 ? 12.931  0.335   2.164   1.00 15.39 ? 163 THR A CG2 1 
ATOM   1084 N N   . HIS A 1 166 ? 11.744  -0.008  5.617   1.00 15.07 ? 164 HIS A N   1 
ATOM   1085 C CA  . HIS A 1 166 ? 11.210  -1.264  6.233   1.00 16.09 ? 164 HIS A CA  1 
ATOM   1086 C C   . HIS A 1 166 ? 9.806   -1.072  6.740   1.00 15.41 ? 164 HIS A C   1 
ATOM   1087 O O   . HIS A 1 166 ? 8.969   -1.989  6.628   1.00 14.92 ? 164 HIS A O   1 
ATOM   1088 C CB  . HIS A 1 166 ? 12.175  -1.645  7.398   1.00 21.45 ? 164 HIS A CB  1 
ATOM   1089 C CG  . HIS A 1 166 ? 11.592  -2.718  8.292   1.00 23.19 ? 164 HIS A CG  1 
ATOM   1090 N ND1 . HIS A 1 166 ? 11.533  -2.609  9.653   1.00 30.91 ? 164 HIS A ND1 1 
ATOM   1091 C CD2 . HIS A 1 166 ? 11.026  -3.899  7.973   1.00 27.19 ? 164 HIS A CD2 1 
ATOM   1092 C CE1 . HIS A 1 166 ? 10.942  -3.674  10.158  1.00 30.86 ? 164 HIS A CE1 1 
ATOM   1093 N NE2 . HIS A 1 166 ? 10.619  -4.484  9.139   1.00 32.32 ? 164 HIS A NE2 1 
ATOM   1094 N N   . LEU A 1 167 ? 9.523   0.037   7.409   1.00 14.22 ? 165 LEU A N   1 
ATOM   1095 C CA  . LEU A 1 167 ? 8.191   0.291   7.994   1.00 13.58 ? 165 LEU A CA  1 
ATOM   1096 C C   . LEU A 1 167 ? 7.149   0.376   6.893   1.00 14.20 ? 165 LEU A C   1 
ATOM   1097 O O   . LEU A 1 167 ? 6.004   -0.062  7.092   1.00 12.42 ? 165 LEU A O   1 
ATOM   1098 C CB  . LEU A 1 167 ? 8.250   1.609   8.805   1.00 17.83 ? 165 LEU A CB  1 
ATOM   1099 C CG  . LEU A 1 167 ? 9.099   1.477   10.098  1.00 19.52 ? 165 LEU A CG  1 
ATOM   1100 C CD1 . LEU A 1 167 ? 9.121   2.836   10.824  1.00 25.70 ? 165 LEU A CD1 1 
ATOM   1101 C CD2 . LEU A 1 167 ? 8.547   0.409   11.030  1.00 26.23 ? 165 LEU A CD2 1 
ATOM   1102 N N   . ILE A 1 168 ? 7.476   1.116   5.841   1.00 11.55 ? 166 ILE A N   1 
ATOM   1103 C CA  . ILE A 1 168 ? 6.521   1.199   4.716   1.00 12.40 ? 166 ILE A CA  1 
ATOM   1104 C C   . ILE A 1 168 ? 6.224   -0.190  4.147   1.00 12.49 ? 166 ILE A C   1 
ATOM   1105 O O   . ILE A 1 168 ? 5.037   -0.538  3.959   1.00 12.02 ? 166 ILE A O   1 
ATOM   1106 C CB  . ILE A 1 168 ? 7.118   2.087   3.594   1.00 13.93 ? 166 ILE A CB  1 
ATOM   1107 C CG1 . ILE A 1 168 ? 7.122   3.555   4.079   1.00 12.72 ? 166 ILE A CG1 1 
ATOM   1108 C CG2 . ILE A 1 168 ? 6.261   1.919   2.314   1.00 10.69 ? 166 ILE A CG2 1 
ATOM   1109 C CD1 . ILE A 1 168 ? 8.009   4.424   3.205   1.00 14.18 ? 166 ILE A CD1 1 
ATOM   1110 N N   . LEU A 1 169 ? 7.273   -1.010  3.911   1.00 12.65 ? 167 LEU A N   1 
ATOM   1111 C CA  . LEU A 1 169 ? 6.993   -2.342  3.347   1.00 12.60 ? 167 LEU A CA  1 
ATOM   1112 C C   . LEU A 1 169 ? 6.158   -3.169  4.323   1.00 11.91 ? 167 LEU A C   1 
ATOM   1113 O O   . LEU A 1 169 ? 5.296   -3.901  3.873   1.00 10.51 ? 167 LEU A O   1 
ATOM   1114 C CB  . LEU A 1 169 ? 8.314   -3.093  3.072   1.00 13.64 ? 167 LEU A CB  1 
ATOM   1115 C CG  . LEU A 1 169 ? 9.138   -2.421  1.938   1.00 15.39 ? 167 LEU A CG  1 
ATOM   1116 C CD1 . LEU A 1 169 ? 10.530  -2.995  1.904   1.00 15.08 ? 167 LEU A CD1 1 
ATOM   1117 C CD2 . LEU A 1 169 ? 8.412   -2.576  0.592   1.00 14.96 ? 167 LEU A CD2 1 
ATOM   1118 N N   . ARG A 1 170 ? 6.473   -3.083  5.622   1.00 12.17 ? 168 ARG A N   1 
ATOM   1119 C CA  . ARG A 1 170 ? 5.653   -3.967  6.518   1.00 11.43 ? 168 ARG A CA  1 
ATOM   1120 C C   . ARG A 1 170 ? 4.229   -3.482  6.574   1.00 13.32 ? 168 ARG A C   1 
ATOM   1121 O O   . ARG A 1 170 ? 3.264   -4.272  6.596   1.00 13.09 ? 168 ARG A O   1 
ATOM   1122 C CB  . ARG A 1 170 ? 6.346   -3.841  7.897   1.00 15.58 ? 168 ARG A CB  1 
ATOM   1123 C CG  . ARG A 1 170 ? 5.410   -4.424  8.971   1.00 22.13 ? 168 ARG A CG  1 
ATOM   1124 C CD  . ARG A 1 170 ? 6.012   -4.119  10.354  1.00 31.04 ? 168 ARG A CD  1 
ATOM   1125 N NE  . ARG A 1 170 ? 7.013   -5.147  10.630  1.00 35.46 ? 168 ARG A NE  1 
ATOM   1126 C CZ  . ARG A 1 170 ? 7.872   -5.018  11.662  1.00 44.41 ? 168 ARG A CZ  1 
ATOM   1127 N NH1 . ARG A 1 170 ? 7.931   -3.900  12.363  1.00 43.54 ? 168 ARG A NH1 1 
ATOM   1128 N NH2 . ARG A 1 170 ? 8.756   -5.979  11.897  1.00 44.43 ? 168 ARG A NH2 1 
ATOM   1129 N N   . SER A 1 171 ? 4.077   -2.159  6.701   1.00 11.67 ? 169 SER A N   1 
ATOM   1130 C CA  . SER A 1 171 ? 2.664   -1.641  6.808   1.00 13.57 ? 169 SER A CA  1 
ATOM   1131 C C   . SER A 1 171 ? 1.887   -1.903  5.584   1.00 12.18 ? 169 SER A C   1 
ATOM   1132 O O   . SER A 1 171 ? 0.682   -2.245  5.653   1.00 12.09 ? 169 SER A O   1 
ATOM   1133 C CB  . SER A 1 171 ? 2.746   -0.138  7.149   1.00 16.16 ? 169 SER A CB  1 
ATOM   1134 O OG  . SER A 1 171 ? 1.492   0.502   7.004   1.00 25.20 ? 169 SER A OG  1 
ATOM   1135 N N   . PHE A 1 172 ? 2.489   -1.734  4.407   1.00 12.05 ? 170 PHE A N   1 
ATOM   1136 C CA  . PHE A 1 172 ? 1.819   -1.961  3.147   1.00 11.62 ? 170 PHE A CA  1 
ATOM   1137 C C   . PHE A 1 172 ? 1.508   -3.437  2.988   1.00 12.02 ? 170 PHE A C   1 
ATOM   1138 O O   . PHE A 1 172 ? 0.373   -3.810  2.576   1.00 11.02 ? 170 PHE A O   1 
ATOM   1139 C CB  . PHE A 1 172 ? 2.682   -1.445  1.984   1.00 9.48  ? 170 PHE A CB  1 
ATOM   1140 C CG  . PHE A 1 172 ? 1.967   -1.362  0.634   1.00 12.14 ? 170 PHE A CG  1 
ATOM   1141 C CD1 . PHE A 1 172 ? 0.664   -0.899  0.526   1.00 12.70 ? 170 PHE A CD1 1 
ATOM   1142 C CD2 . PHE A 1 172 ? 2.655   -1.763  -0.495  1.00 13.73 ? 170 PHE A CD2 1 
ATOM   1143 C CE1 . PHE A 1 172 ? 0.084   -0.801  -0.766  1.00 12.66 ? 170 PHE A CE1 1 
ATOM   1144 C CE2 . PHE A 1 172 ? 2.086   -1.652  -1.778  1.00 13.65 ? 170 PHE A CE2 1 
ATOM   1145 C CZ  . PHE A 1 172 ? 0.783   -1.179  -1.881  1.00 12.52 ? 170 PHE A CZ  1 
ATOM   1146 N N   . LYS A 1 173 ? 2.424   -4.312  3.369   1.00 10.33 ? 171 LYS A N   1 
ATOM   1147 C CA  . LYS A 1 173 ? 2.095   -5.734  3.375   1.00 10.92 ? 171 LYS A CA  1 
ATOM   1148 C C   . LYS A 1 173 ? 0.869   -6.001  4.248   1.00 10.42 ? 171 LYS A C   1 
ATOM   1149 O O   . LYS A 1 173 ? -0.055  -6.686  3.849   1.00 10.17 ? 171 LYS A O   1 
ATOM   1150 C CB  . LYS A 1 173 ? 3.297   -6.532  3.962   1.00 11.95 ? 171 LYS A CB  1 
ATOM   1151 C CG  . LYS A 1 173 ? 2.914   -8.039  3.925   1.00 15.57 ? 171 LYS A CG  1 
ATOM   1152 C CD  . LYS A 1 173 ? 3.873   -8.823  4.855   1.00 19.06 ? 171 LYS A CD  1 
ATOM   1153 C CE  . LYS A 1 173 ? 3.589   -8.432  6.305   1.00 19.61 ? 171 LYS A CE  1 
ATOM   1154 N NZ  . LYS A 1 173 ? 4.300   -9.316  7.249   1.00 23.67 ? 171 LYS A NZ  1 
ATOM   1155 N N   . GLU A 1 174 ? 0.870   -5.523  5.482   1.00 12.03 ? 172 GLU A N   1 
ATOM   1156 C CA  . GLU A 1 174 ? -0.239  -5.818  6.422   1.00 12.10 ? 172 GLU A CA  1 
ATOM   1157 C C   . GLU A 1 174 ? -1.542  -5.285  5.841   1.00 12.54 ? 172 GLU A C   1 
ATOM   1158 O O   . GLU A 1 174 ? -2.579  -5.953  5.987   1.00 11.24 ? 172 GLU A O   1 
ATOM   1159 C CB  . GLU A 1 174 ? 0.068   -5.169  7.801   1.00 16.01 ? 172 GLU A CB  1 
ATOM   1160 C CG  . GLU A 1 174 ? 1.217   -5.890  8.483   1.00 19.95 ? 172 GLU A CG  1 
ATOM   1161 C CD  . GLU A 1 174 ? 1.644   -5.287  9.820   1.00 26.62 ? 172 GLU A CD  1 
ATOM   1162 O OE1 . GLU A 1 174 ? 1.296   -4.128  10.113  1.00 29.02 ? 172 GLU A OE1 1 
ATOM   1163 O OE2 . GLU A 1 174 ? 2.475   -5.955  10.482  1.00 26.17 ? 172 GLU A OE2 1 
ATOM   1164 N N   . PHE A 1 175 ? -1.477  -4.045  5.293   1.00 10.79 ? 173 PHE A N   1 
ATOM   1165 C CA  . PHE A 1 175 ? -2.740  -3.504  4.698   1.00 10.84 ? 173 PHE A CA  1 
ATOM   1166 C C   . PHE A 1 175 ? -3.282  -4.368  3.599   1.00 11.06 ? 173 PHE A C   1 
ATOM   1167 O O   . PHE A 1 175 ? -4.506  -4.657  3.499   1.00 9.80  ? 173 PHE A O   1 
ATOM   1168 C CB  . PHE A 1 175 ? -2.462  -2.078  4.217   1.00 10.27 ? 173 PHE A CB  1 
ATOM   1169 C CG  . PHE A 1 175 ? -3.717  -1.266  3.914   1.00 11.02 ? 173 PHE A CG  1 
ATOM   1170 C CD1 . PHE A 1 175 ? -4.414  -0.668  4.945   1.00 18.25 ? 173 PHE A CD1 1 
ATOM   1171 C CD2 . PHE A 1 175 ? -4.194  -1.261  2.618   1.00 15.34 ? 173 PHE A CD2 1 
ATOM   1172 C CE1 . PHE A 1 175 ? -5.557  0.111   4.624   1.00 17.46 ? 173 PHE A CE1 1 
ATOM   1173 C CE2 . PHE A 1 175 ? -5.310  -0.451  2.286   1.00 15.94 ? 173 PHE A CE2 1 
ATOM   1174 C CZ  . PHE A 1 175 ? -6.001  0.125   3.326   1.00 14.83 ? 173 PHE A CZ  1 
ATOM   1175 N N   . LEU A 1 176 ? -2.415  -4.841  2.714   1.00 10.78 ? 174 LEU A N   1 
ATOM   1176 C CA  . LEU A 1 176 ? -2.884  -5.680  1.585   1.00 11.28 ? 174 LEU A CA  1 
ATOM   1177 C C   . LEU A 1 176 ? -3.315  -7.062  2.035   1.00 10.41 ? 174 LEU A C   1 
ATOM   1178 O O   . LEU A 1 176 ? -4.243  -7.601  1.411   1.00 11.11 ? 174 LEU A O   1 
ATOM   1179 C CB  . LEU A 1 176 ? -1.777  -5.848  0.518   1.00 11.57 ? 174 LEU A CB  1 
ATOM   1180 C CG  . LEU A 1 176 ? -1.437  -4.522  -0.259  1.00 10.12 ? 174 LEU A CG  1 
ATOM   1181 C CD1 . LEU A 1 176 ? -0.199  -4.795  -1.115  1.00 15.35 ? 174 LEU A CD1 1 
ATOM   1182 C CD2 . LEU A 1 176 ? -2.630  -4.143  -1.154  1.00 11.20 ? 174 LEU A CD2 1 
ATOM   1183 N N   . GLN A 1 177 ? -2.628  -7.637  3.044   1.00 10.65 ? 175 GLN A N   1 
ATOM   1184 C CA  . GLN A 1 177 ? -3.114  -8.929  3.577   1.00 10.03 ? 175 GLN A CA  1 
ATOM   1185 C C   . GLN A 1 177 ? -4.503  -8.813  4.152   1.00 10.20 ? 175 GLN A C   1 
ATOM   1186 O O   . GLN A 1 177 ? -5.373  -9.686  3.968   1.00 9.36  ? 175 GLN A O   1 
ATOM   1187 C CB  . GLN A 1 177 ? -2.106  -9.388  4.676   1.00 10.76 ? 175 GLN A CB  1 
ATOM   1188 C CG  . GLN A 1 177 ? -0.805  -9.897  4.008   1.00 10.44 ? 175 GLN A CG  1 
ATOM   1189 C CD  . GLN A 1 177 ? 0.153   -10.408 5.088   1.00 12.68 ? 175 GLN A CD  1 
ATOM   1190 O OE1 . GLN A 1 177 ? -0.017  -10.156 6.256   1.00 19.17 ? 175 GLN A OE1 1 
ATOM   1191 N NE2 . GLN A 1 177 ? 1.153   -11.157 4.629   1.00 14.92 ? 175 GLN A NE2 1 
ATOM   1192 N N   . SER A 1 178 ? -4.731  -7.748  4.932   1.00 11.03 ? 176 SER A N   1 
ATOM   1193 C CA  . SER A 1 178 ? -6.084  -7.543  5.503   1.00 12.03 ? 176 SER A CA  1 
ATOM   1194 C C   . SER A 1 178 ? -7.073  -7.263  4.365   1.00 13.33 ? 176 SER A C   1 
ATOM   1195 O O   . SER A 1 178 ? -8.254  -7.660  4.457   1.00 10.62 ? 176 SER A O   1 
ATOM   1196 C CB  . SER A 1 178 ? -6.062  -6.344  6.476   1.00 16.27 ? 176 SER A CB  1 
ATOM   1197 O OG  . SER A 1 178 ? -5.287  -6.702  7.633   1.00 17.79 ? 176 SER A OG  1 
ATOM   1198 N N   . SER A 1 179 ? -6.654  -6.533  3.332   1.00 11.12 ? 177 SER A N   1 
ATOM   1199 C CA  . SER A 1 179 ? -7.538  -6.266  2.197   1.00 11.39 ? 177 SER A CA  1 
ATOM   1200 C C   . SER A 1 179 ? -7.938  -7.542  1.490   1.00 13.27 ? 177 SER A C   1 
ATOM   1201 O O   . SER A 1 179 ? -9.119  -7.792  1.138   1.00 11.32 ? 177 SER A O   1 
ATOM   1202 C CB  . SER A 1 179 ? -6.867  -5.301  1.160   1.00 9.20  ? 177 SER A CB  1 
ATOM   1203 O OG  . SER A 1 179 ? -6.748  -4.023  1.759   1.00 12.50 ? 177 SER A OG  1 
ATOM   1204 N N   . LEU A 1 180 ? -6.937  -8.400  1.279   1.00 10.52 ? 178 LEU A N   1 
ATOM   1205 C CA  . LEU A 1 180 ? -7.275  -9.688  0.618   1.00 12.80 ? 178 LEU A CA  1 
ATOM   1206 C C   . LEU A 1 180 ? -8.279  -10.469 1.418   1.00 13.12 ? 178 LEU A C   1 
ATOM   1207 O O   . LEU A 1 180 ? -9.229  -11.020 0.854   1.00 12.03 ? 178 LEU A O   1 
ATOM   1208 C CB  . LEU A 1 180 ? -5.938  -10.418 0.472   1.00 15.58 ? 178 LEU A CB  1 
ATOM   1209 C CG  . LEU A 1 180 ? -5.708  -11.446 -0.576  1.00 19.34 ? 178 LEU A CG  1 
ATOM   1210 C CD1 . LEU A 1 180 ? -6.160  -11.126 -1.984  1.00 15.57 ? 178 LEU A CD1 1 
ATOM   1211 C CD2 . LEU A 1 180 ? -4.234  -11.888 -0.530  1.00 21.90 ? 178 LEU A CD2 1 
ATOM   1212 N N   . ARG A 1 181 ? -8.097  -10.527 2.755   1.00 12.77 ? 179 ARG A N   1 
ATOM   1213 C CA  . ARG A 1 181 ? -9.010  -11.227 3.634   1.00 15.45 ? 179 ARG A CA  1 
ATOM   1214 C C   . ARG A 1 181 ? -10.424 -10.647 3.595   1.00 16.77 ? 179 ARG A C   1 
ATOM   1215 O O   . ARG A 1 181 ? -11.397 -11.416 3.543   1.00 17.60 ? 179 ARG A O   1 
ATOM   1216 C CB  . ARG A 1 181 ? -8.494  -11.244 5.057   1.00 16.98 ? 179 ARG A CB  1 
ATOM   1217 C CG  . ARG A 1 181 ? -9.451  -11.794 6.118   1.00 17.29 ? 179 ARG A CG  1 
ATOM   1218 C CD  . ARG A 1 181 ? -8.787  -12.090 7.443   1.00 14.72 ? 179 ARG A CD  1 
ATOM   1219 N NE  . ARG A 1 181 ? -7.614  -12.991 7.338   1.00 15.74 ? 179 ARG A NE  1 
ATOM   1220 C CZ  . ARG A 1 181 ? -6.678  -13.077 8.254   1.00 17.16 ? 179 ARG A CZ  1 
ATOM   1221 N NH1 . ARG A 1 181 ? -6.794  -12.488 9.435   1.00 16.82 ? 179 ARG A NH1 1 
ATOM   1222 N NH2 . ARG A 1 181 ? -5.592  -13.869 8.094   1.00 16.12 ? 179 ARG A NH2 1 
ATOM   1223 N N   . ALA A 1 182 ? -10.551 -9.332  3.575   1.00 14.76 ? 180 ALA A N   1 
ATOM   1224 C CA  . ALA A 1 182 ? -11.879 -8.717  3.515   1.00 15.90 ? 180 ALA A CA  1 
ATOM   1225 C C   . ALA A 1 182 ? -12.534 -8.914  2.172   1.00 17.43 ? 180 ALA A C   1 
ATOM   1226 O O   . ALA A 1 182 ? -13.787 -9.211  2.116   1.00 18.16 ? 180 ALA A O   1 
ATOM   1227 C CB  . ALA A 1 182 ? -11.813 -7.221  3.869   1.00 15.56 ? 180 ALA A CB  1 
ATOM   1228 N N   . LEU A 1 183 ? -11.794 -8.738  1.084   1.00 16.53 ? 181 LEU A N   1 
ATOM   1229 C CA  . LEU A 1 183 ? -12.345 -8.868  -0.261  1.00 17.08 ? 181 LEU A CA  1 
ATOM   1230 C C   . LEU A 1 183 ? -12.858 -10.261 -0.539  1.00 21.66 ? 181 LEU A C   1 
ATOM   1231 O O   . LEU A 1 183 ? -13.924 -10.452 -1.201  1.00 19.89 ? 181 LEU A O   1 
ATOM   1232 C CB  . LEU A 1 183 ? -11.300 -8.497  -1.331  1.00 13.58 ? 181 LEU A CB  1 
ATOM   1233 C CG  . LEU A 1 183 ? -11.023 -6.979  -1.330  1.00 16.81 ? 181 LEU A CG  1 
ATOM   1234 C CD1 . LEU A 1 183 ? -9.666  -6.740  -2.037  1.00 18.72 ? 181 LEU A CD1 1 
ATOM   1235 C CD2 . LEU A 1 183 ? -12.162 -6.287  -2.054  1.00 17.56 ? 181 LEU A CD2 1 
ATOM   1236 N N   . ARG A 1 184 ? -12.276 -11.238 0.173   1.00 22.55 ? 182 ARG A N   1 
ATOM   1237 C CA  . ARG A 1 184 ? -12.810 -12.602 0.125   1.00 27.30 ? 182 ARG A CA  1 
ATOM   1238 C C   . ARG A 1 184 ? -14.237 -12.712 0.605   1.00 28.64 ? 182 ARG A C   1 
ATOM   1239 O O   . ARG A 1 184 ? -14.938 -13.682 0.242   1.00 31.15 ? 182 ARG A O   1 
ATOM   1240 C CB  . ARG A 1 184 ? -12.046 -13.502 1.167   1.00 25.25 ? 182 ARG A CB  1 
ATOM   1241 C CG  . ARG A 1 184 ? -10.876 -14.206 0.681   1.00 27.24 ? 182 ARG A CG  1 
ATOM   1242 C CD  . ARG A 1 184 ? -10.646 -15.549 1.416   1.00 23.46 ? 182 ARG A CD  1 
ATOM   1243 N NE  . ARG A 1 184 ? -10.329 -15.340 2.802   1.00 18.30 ? 182 ARG A NE  1 
ATOM   1244 C CZ  . ARG A 1 184 ? -10.993 -15.488 3.902   1.00 16.24 ? 182 ARG A CZ  1 
ATOM   1245 N NH1 . ARG A 1 184 ? -12.288 -15.884 3.999   1.00 18.60 ? 182 ARG A NH1 1 
ATOM   1246 N NH2 . ARG A 1 184 ? -10.404 -15.208 5.068   1.00 17.95 ? 182 ARG A NH2 1 
ATOM   1247 N N   . GLN A 1 185 ? -14.553 -11.991 1.658   1.00 30.95 ? 183 GLN A N   1 
ATOM   1248 C CA  . GLN A 1 185 ? -15.830 -12.039 2.316   1.00 33.90 ? 183 GLN A CA  1 
ATOM   1249 C C   . GLN A 1 185 ? -16.864 -11.132 1.662   1.00 34.29 ? 183 GLN A C   1 
ATOM   1250 O O   . GLN A 1 185 ? -17.913 -10.933 2.277   1.00 36.74 ? 183 GLN A O   1 
ATOM   1251 C CB  . GLN A 1 185 ? -15.658 -11.693 3.799   1.00 37.65 ? 183 GLN A CB  1 
ATOM   1252 C CG  . GLN A 1 185 ? -14.994 -12.795 4.626   1.00 41.51 ? 183 GLN A CG  1 
ATOM   1253 C CD  . GLN A 1 185 ? -14.268 -12.165 5.809   1.00 45.54 ? 183 GLN A CD  1 
ATOM   1254 O OE1 . GLN A 1 185 ? -14.863 -11.797 6.832   1.00 44.58 ? 183 GLN A OE1 1 
ATOM   1255 N NE2 . GLN A 1 185 ? -12.963 -12.017 5.637   1.00 41.93 ? 183 GLN A NE2 1 
ATOM   1256 N N   . MET A 1 186 ? -16.643 -10.593 0.474   1.00 35.34 ? 184 MET A N   1 
ATOM   1257 C CA  . MET A 1 186 ? -17.630 -9.708  -0.149  1.00 36.02 ? 184 MET A CA  1 
ATOM   1258 C C   . MET A 1 186 ? -18.321 -10.386 -1.342  1.00 39.00 ? 184 MET A C   1 
ATOM   1259 O O   . MET A 1 186 ? -17.818 -10.109 -2.486  1.00 40.49 ? 184 MET A O   1 
ATOM   1260 C CB  . MET A 1 186 ? -16.967 -8.433  -0.616  1.00 32.93 ? 184 MET A CB  1 
ATOM   1261 C CG  . MET A 1 186 ? -16.478 -7.518  0.500   1.00 27.77 ? 184 MET A CG  1 
ATOM   1262 S SD  . MET A 1 186 ? -15.588 -6.092  -0.220  1.00 26.50 ? 184 MET A SD  1 
ATOM   1263 C CE  . MET A 1 186 ? -14.715 -5.590  1.254   1.00 22.97 ? 184 MET A CE  1 
HETATM 1264 S S   . SO4 B 2 .   ? -10.601 -11.506 10.927  1.00 47.67 ? 290 SO4 A S   1 
HETATM 1265 O O1  . SO4 B 2 .   ? -10.923 -11.048 12.319  1.00 47.76 ? 290 SO4 A O1  1 
HETATM 1266 O O2  . SO4 B 2 .   ? -10.838 -13.003 10.808  1.00 48.26 ? 290 SO4 A O2  1 
HETATM 1267 O O3  . SO4 B 2 .   ? -11.498 -10.834 9.949   1.00 47.00 ? 290 SO4 A O3  1 
HETATM 1268 O O4  . SO4 B 2 .   ? -9.154  -11.215 10.686  1.00 47.00 ? 290 SO4 A O4  1 
HETATM 1269 S S   . SO4 C 2 .   ? -3.594  -11.564 11.409  0.50 50.18 ? 291 SO4 A S   1 
HETATM 1270 O O1  . SO4 C 2 .   ? -2.441  -12.467 11.738  0.50 50.50 ? 291 SO4 A O1  1 
HETATM 1271 O O2  . SO4 C 2 .   ? -4.835  -12.394 11.239  0.50 50.27 ? 291 SO4 A O2  1 
HETATM 1272 O O3  . SO4 C 2 .   ? -3.796  -10.586 12.530  0.50 50.51 ? 291 SO4 A O3  1 
HETATM 1273 O O4  . SO4 C 2 .   ? -3.311  -10.820 10.138  0.50 49.98 ? 291 SO4 A O4  1 
HETATM 1274 S S   . SO4 D 2 .   ? 23.907  10.283  5.450   1.00 44.40 ? 292 SO4 A S   1 
HETATM 1275 O O1  . SO4 D 2 .   ? 25.324  10.164  4.956   1.00 44.09 ? 292 SO4 A O1  1 
HETATM 1276 O O2  . SO4 D 2 .   ? 23.487  9.030   6.115   1.00 39.44 ? 292 SO4 A O2  1 
HETATM 1277 O O3  . SO4 D 2 .   ? 23.852  11.446  6.445   1.00 43.52 ? 292 SO4 A O3  1 
HETATM 1278 O O4  . SO4 D 2 .   ? 23.057  10.658  4.273   1.00 43.90 ? 292 SO4 A O4  1 
HETATM 1279 S S   . SO4 E 2 .   ? 9.285   -7.423  8.887   1.00 60.36 ? 293 SO4 A S   1 
HETATM 1280 O O1  . SO4 E 2 .   ? 10.125  -8.659  9.063   1.00 60.06 ? 293 SO4 A O1  1 
HETATM 1281 O O2  . SO4 E 2 .   ? 7.830   -7.801  8.993   1.00 60.04 ? 293 SO4 A O2  1 
HETATM 1282 O O3  . SO4 E 2 .   ? 9.631   -6.434  9.971   1.00 59.42 ? 293 SO4 A O3  1 
HETATM 1283 O O4  . SO4 E 2 .   ? 9.522   -6.830  7.531   1.00 59.88 ? 293 SO4 A O4  1 
HETATM 1284 O O1  . TLA F 3 .   ? -3.468  -14.317 2.140   0.50 14.01 ? 300 TLA A O1  1 
HETATM 1285 O O11 . TLA F 3 .   ? -2.767  -12.839 3.623   0.50 13.24 ? 300 TLA A O11 1 
HETATM 1286 C C1  . TLA F 3 .   ? -3.720  -13.523 3.011   0.50 13.52 ? 300 TLA A C1  1 
HETATM 1287 C C2  . TLA F 3 .   ? -5.114  -13.339 3.562   0.50 13.63 ? 300 TLA A C2  1 
HETATM 1288 O O2  . TLA F 3 .   ? -5.223  -12.412 4.596   0.50 13.19 ? 300 TLA A O2  1 
HETATM 1289 C C3  . TLA F 3 .   ? -5.608  -14.717 4.088   0.50 13.79 ? 300 TLA A C3  1 
HETATM 1290 O O3  . TLA F 3 .   ? -5.018  -14.983 5.323   0.50 13.75 ? 300 TLA A O3  1 
HETATM 1291 C C4  . TLA F 3 .   ? -7.117  -14.618 4.121   0.50 13.96 ? 300 TLA A C4  1 
HETATM 1292 O O4  . TLA F 3 .   ? -7.772  -14.293 3.160   0.50 14.55 ? 300 TLA A O4  1 
HETATM 1293 O O41 . TLA F 3 .   ? -7.692  -14.851 5.287   0.50 13.90 ? 300 TLA A O41 1 
HETATM 1294 O O   . HOH G 4 .   ? 8.484   -12.542 -4.237  1.00 15.39 ? 301 HOH A O   1 
HETATM 1295 O O   . HOH G 4 .   ? -2.240  -8.237  7.914   1.00 20.12 ? 302 HOH A O   1 
HETATM 1296 O O   . HOH G 4 .   ? 1.237   4.045   -6.468  1.00 18.74 ? 303 HOH A O   1 
HETATM 1297 O O   . HOH G 4 .   ? -13.739 -8.876  -4.348  1.00 42.49 ? 304 HOH A O   1 
HETATM 1298 O O   . HOH G 4 .   ? -0.477  -4.457  -12.967 1.00 29.60 ? 305 HOH A O   1 
HETATM 1299 O O   . HOH G 4 .   ? -5.640  -15.013 0.224   1.00 32.64 ? 306 HOH A O   1 
HETATM 1300 O O   . HOH G 4 .   ? 4.493   -9.277  1.075   1.00 16.58 ? 307 HOH A O   1 
HETATM 1301 O O   . HOH G 4 .   ? -1.129  -1.294  7.531   1.00 16.01 ? 308 HOH A O   1 
HETATM 1302 O O   . HOH G 4 .   ? 6.854   -8.779  2.523   1.00 17.18 ? 309 HOH A O   1 
HETATM 1303 O O   . HOH G 4 .   ? -9.305  -8.123  6.980   1.00 21.44 ? 310 HOH A O   1 
HETATM 1304 O O   . HOH G 4 .   ? 6.903   -6.447  4.053   1.00 16.20 ? 311 HOH A O   1 
HETATM 1305 O O   . HOH G 4 .   ? -3.628  -2.507  7.969   1.00 21.46 ? 312 HOH A O   1 
HETATM 1306 O O   . HOH G 4 .   ? 15.510  -1.586  5.644   1.00 22.18 ? 313 HOH A O   1 
HETATM 1307 O O   . HOH G 4 .   ? -0.778  9.792   2.447   1.00 33.55 ? 314 HOH A O   1 
HETATM 1308 O O   . HOH G 4 .   ? -6.903  -8.573  8.692   1.00 27.86 ? 315 HOH A O   1 
HETATM 1309 O O   . HOH G 4 .   ? -14.403 -4.601  11.150  1.00 32.95 ? 316 HOH A O   1 
HETATM 1310 O O   . HOH G 4 .   ? 4.613   -12.887 -1.153  1.00 35.04 ? 317 HOH A O   1 
HETATM 1311 O O   . HOH G 4 .   ? -0.285  9.404   -1.281  1.00 16.83 ? 318 HOH A O   1 
HETATM 1312 O O   . HOH G 4 .   ? -0.345  -2.001  9.881   1.00 30.89 ? 319 HOH A O   1 
HETATM 1313 O O   . HOH G 4 .   ? -5.497  4.376   8.706   1.00 30.10 ? 320 HOH A O   1 
HETATM 1314 O O   . HOH G 4 .   ? -3.837  -5.012  9.154   1.00 23.82 ? 321 HOH A O   1 
HETATM 1315 O O   . HOH G 4 .   ? -4.312  -9.925  8.710   1.00 27.38 ? 322 HOH A O   1 
HETATM 1316 O O   . HOH G 4 .   ? -2.848  8.763   -4.426  1.00 21.63 ? 323 HOH A O   1 
HETATM 1317 O O   . HOH G 4 .   ? 1.466   -13.298 -2.715  1.00 21.86 ? 324 HOH A O   1 
HETATM 1318 O O   . HOH G 4 .   ? 16.382  2.131   2.176   1.00 27.10 ? 325 HOH A O   1 
HETATM 1319 O O   . HOH G 4 .   ? 14.680  -9.741  -3.451  1.00 25.59 ? 326 HOH A O   1 
HETATM 1320 O O   . HOH G 4 .   ? 14.521  15.278  -2.339  1.00 43.36 ? 327 HOH A O   1 
HETATM 1321 O O   . HOH G 4 .   ? -0.718  -12.965 -8.821  1.00 22.25 ? 328 HOH A O   1 
HETATM 1322 O O   . HOH G 4 .   ? 10.952  -11.115 1.990   1.00 26.38 ? 329 HOH A O   1 
HETATM 1323 O O   . HOH G 4 .   ? 11.329  -12.799 -3.626  1.00 32.97 ? 330 HOH A O   1 
HETATM 1324 O O   . HOH G 4 .   ? 15.894  8.634   -0.618  1.00 28.26 ? 331 HOH A O   1 
HETATM 1325 O O   . HOH G 4 .   ? -7.140  5.455   4.926   1.00 37.54 ? 332 HOH A O   1 
HETATM 1326 O O   . HOH G 4 .   ? -7.934  -14.856 -8.412  1.00 29.21 ? 333 HOH A O   1 
HETATM 1327 O O   . HOH G 4 .   ? -8.962  -13.787 12.231  1.00 24.93 ? 334 HOH A O   1 
HETATM 1328 O O   . HOH G 4 .   ? -2.833  -6.561  -14.173 1.00 42.52 ? 335 HOH A O   1 
HETATM 1329 O O   . HOH G 4 .   ? -1.822  -6.971  10.506  1.00 40.99 ? 336 HOH A O   1 
HETATM 1330 O O   . HOH G 4 .   ? -9.992  5.054   9.421   1.00 52.31 ? 337 HOH A O   1 
HETATM 1331 O O   . HOH G 4 .   ? -2.855  0.943   15.750  1.00 73.42 ? 338 HOH A O   1 
HETATM 1332 O O   . HOH G 4 .   ? 3.108   -1.830  10.668  1.00 45.08 ? 339 HOH A O   1 
HETATM 1333 O O   . HOH G 4 .   ? 13.836  15.194  7.247   1.00 41.78 ? 340 HOH A O   1 
HETATM 1334 O O   . HOH G 4 .   ? 12.544  -13.210 6.223   1.00 52.12 ? 341 HOH A O   1 
HETATM 1335 O O   . HOH G 4 .   ? 4.471   9.945   7.384   1.00 40.45 ? 342 HOH A O   1 
HETATM 1336 O O   . HOH G 4 .   ? -21.683 -5.896  4.461   1.00 38.12 ? 343 HOH A O   1 
HETATM 1337 O O   . HOH G 4 .   ? -12.763 -4.426  -11.384 1.00 31.99 ? 344 HOH A O   1 
HETATM 1338 O O   . HOH G 4 .   ? -13.348 -16.275 6.811   1.00 27.57 ? 345 HOH A O   1 
HETATM 1339 O O   . HOH G 4 .   ? 7.016   1.490   -4.767  1.00 24.14 ? 346 HOH A O   1 
HETATM 1340 O O   . HOH G 4 .   ? -5.275  4.449   -9.946  1.00 30.04 ? 347 HOH A O   1 
HETATM 1341 O O   . HOH G 4 .   ? -11.434 -9.729  -4.823  1.00 26.56 ? 348 HOH A O   1 
HETATM 1342 O O   . HOH G 4 .   ? -11.374 -3.245  9.655   1.00 30.04 ? 349 HOH A O   1 
HETATM 1343 O O   . HOH G 4 .   ? 3.318   6.074   -6.102  1.00 31.49 ? 350 HOH A O   1 
HETATM 1344 O O   . HOH G 4 .   ? -13.777 3.641   7.632   1.00 39.84 ? 351 HOH A O   1 
HETATM 1345 O O   . HOH G 4 .   ? 13.143  8.553   -2.069  1.00 30.47 ? 352 HOH A O   1 
HETATM 1346 O O   . HOH G 4 .   ? -6.853  8.657   0.104   1.00 38.88 ? 353 HOH A O   1 
HETATM 1347 O O   . HOH G 4 .   ? -12.495 -12.617 -3.608  1.00 35.30 ? 354 HOH A O   1 
HETATM 1348 O O   . HOH G 4 .   ? -3.866  7.656   -10.607 1.00 46.01 ? 355 HOH A O   1 
HETATM 1349 O O   . HOH G 4 .   ? 22.428  12.322  10.952  1.00 36.06 ? 356 HOH A O   1 
HETATM 1350 O O   . HOH G 4 .   ? 2.119   -15.978 -5.101  1.00 36.18 ? 357 HOH A O   1 
HETATM 1351 O O   . HOH G 4 .   ? -11.755 0.795   15.603  1.00 37.71 ? 358 HOH A O   1 
HETATM 1352 O O   . HOH G 4 .   ? -4.882  -9.515  -11.953 1.00 34.60 ? 359 HOH A O   1 
HETATM 1353 O O   . HOH G 4 .   ? -7.146  10.377  2.225   1.00 45.40 ? 360 HOH A O   1 
HETATM 1354 O O   . HOH G 4 .   ? 24.501  7.026   7.650   1.00 33.54 ? 361 HOH A O   1 
HETATM 1355 O O   . HOH G 4 .   ? -1.940  8.266   -12.285 1.00 31.24 ? 362 HOH A O   1 
HETATM 1356 O O   . HOH G 4 .   ? -2.255  -9.767  -12.015 1.00 54.28 ? 363 HOH A O   1 
HETATM 1357 O O   . HOH G 4 .   ? 1.002   0.686   9.767   1.00 46.13 ? 364 HOH A O   1 
HETATM 1358 O O   . HOH G 4 .   ? -4.001  6.629   -8.253  1.00 32.77 ? 365 HOH A O   1 
HETATM 1359 O O   . HOH G 4 .   ? -4.789  -3.849  11.433  1.00 45.22 ? 366 HOH A O   1 
HETATM 1360 O O   . HOH G 4 .   ? 7.344   -7.421  7.104   1.00 38.83 ? 367 HOH A O   1 
HETATM 1361 O O   . HOH G 4 .   ? -0.663  -16.380 -5.152  1.00 34.88 ? 368 HOH A O   1 
HETATM 1362 O O   . HOH G 4 .   ? 3.717   -8.292  9.668   1.00 30.91 ? 369 HOH A O   1 
HETATM 1363 O O   . HOH G 4 .   ? 19.775  14.084  8.249   1.00 48.06 ? 370 HOH A O   1 
HETATM 1364 O O   . HOH G 4 .   ? 19.197  12.836  12.132  1.00 38.27 ? 371 HOH A O   1 
HETATM 1365 O O   . HOH G 4 .   ? 0.957   10.856  4.538   1.00 46.47 ? 372 HOH A O   1 
HETATM 1366 O O   . HOH G 4 .   ? 14.790  15.970  0.894   1.00 41.12 ? 373 HOH A O   1 
HETATM 1367 O O   . HOH G 4 .   ? 2.564   -4.474  12.692  1.00 57.97 ? 374 HOH A O   1 
HETATM 1368 O O   . HOH G 4 .   ? 18.397  12.515  9.763   1.00 24.70 ? 375 HOH A O   1 
HETATM 1369 O O   . HOH G 4 .   ? 0.169   -8.392  -13.466 1.00 50.01 ? 376 HOH A O   1 
HETATM 1370 O O   . HOH G 4 .   ? 13.646  -11.500 -4.801  1.00 37.79 ? 377 HOH A O   1 
HETATM 1371 O O   . HOH G 4 .   ? -18.101 -2.299  11.366  1.00 47.31 ? 378 HOH A O   1 
HETATM 1372 O O   . HOH G 4 .   ? 2.803   4.384   10.977  1.00 36.48 ? 379 HOH A O   1 
HETATM 1373 O O   . HOH G 4 .   ? -4.934  5.356   -12.282 1.00 38.34 ? 380 HOH A O   1 
HETATM 1374 O O   . HOH G 4 .   ? -7.408  -9.289  11.246  1.00 55.45 ? 381 HOH A O   1 
HETATM 1375 O O   . HOH G 4 .   ? 9.783   18.489  -4.075  1.00 56.98 ? 382 HOH A O   1 
HETATM 1376 O O   . HOH G 4 .   ? 17.159  15.077  0.015   1.00 57.83 ? 383 HOH A O   1 
HETATM 1377 O O   . HOH G 4 .   ? -16.138 -15.020 10.540  1.00 29.77 ? 384 HOH A O   1 
HETATM 1378 O O   . HOH G 4 .   ? -0.400  -12.497 -11.352 1.00 37.09 ? 385 HOH A O   1 
HETATM 1379 O O   . HOH G 4 .   ? -22.159 -2.348  3.366   1.00 45.23 ? 386 HOH A O   1 
HETATM 1380 O O   . HOH G 4 .   ? 0.133   2.512   10.841  1.00 37.75 ? 387 HOH A O   1 
HETATM 1381 O O   . HOH G 4 .   ? -14.393 3.725   5.278   1.00 30.15 ? 388 HOH A O   1 
HETATM 1382 O O   . HOH G 4 .   ? 15.695  5.452   -7.337  1.00 41.39 ? 389 HOH A O   1 
HETATM 1383 O O   . HOH G 4 .   ? 12.702  -9.481  -7.311  1.00 46.68 ? 390 HOH A O   1 
HETATM 1384 O O   . HOH G 4 .   ? 16.078  13.511  10.047  1.00 49.89 ? 391 HOH A O   1 
HETATM 1385 O O   . HOH G 4 .   ? 9.426   19.883  -1.469  1.00 46.56 ? 392 HOH A O   1 
HETATM 1386 O O   . HOH G 4 .   ? -16.043 3.412   9.633   1.00 48.87 ? 393 HOH A O   1 
HETATM 1387 O O   . HOH G 4 .   ? 18.081  -1.483  -5.042  1.00 40.21 ? 394 HOH A O   1 
HETATM 1388 O O   . HOH G 4 .   ? -16.569 5.195   5.082   1.00 37.35 ? 395 HOH A O   1 
HETATM 1389 O O   . HOH G 4 .   ? 5.251   -0.469  10.004  1.00 34.97 ? 396 HOH A O   1 
HETATM 1390 O O   . HOH G 4 .   ? -17.230 0.389   10.121  1.00 69.93 ? 397 HOH A O   1 
HETATM 1391 O O   . HOH G 4 .   ? -9.616  -12.095 -1.571  1.00 33.92 ? 398 HOH A O   1 
HETATM 1392 O O   . HOH G 4 .   ? 25.469  -4.814  5.309   1.00 54.54 ? 399 HOH A O   1 
HETATM 1393 O O   . HOH G 4 .   ? 9.028   5.672   -10.592 1.00 49.62 ? 400 HOH A O   1 
HETATM 1394 O O   . HOH G 4 .   ? 16.154  -6.309  12.850  1.00 44.45 ? 401 HOH A O   1 
HETATM 1395 O O   . HOH G 4 .   ? -12.006 -9.782  7.592   1.00 44.62 ? 402 HOH A O   1 
HETATM 1396 O O   . HOH G 4 .   ? -19.118 3.816   3.028   1.00 41.37 ? 403 HOH A O   1 
HETATM 1397 O O   . HOH G 4 .   ? 11.065  -13.118 -1.014  1.00 51.78 ? 404 HOH A O   1 
HETATM 1398 O O   . HOH G 4 .   ? 21.282  13.243  6.121   1.00 44.99 ? 405 HOH A O   1 
HETATM 1399 O O   . HOH G 4 .   ? 20.177  -7.550  -0.881  1.00 51.90 ? 406 HOH A O   1 
HETATM 1400 O O   . HOH G 4 .   ? 19.639  16.454  5.128   1.00 56.40 ? 407 HOH A O   1 
HETATM 1401 O O   . HOH G 4 .   ? -4.833  5.001   11.059  1.00 48.45 ? 408 HOH A O   1 
HETATM 1402 O O   . HOH G 4 .   ? -9.545  3.025   15.524  1.00 50.66 ? 409 HOH A O   1 
HETATM 1403 O O   . HOH G 4 .   ? -4.273  6.921   6.936   1.00 43.54 ? 410 HOH A O   1 
HETATM 1404 O O   . HOH G 4 .   ? -10.579 14.025  -5.025  1.00 45.29 ? 411 HOH A O   1 
HETATM 1405 O O   . HOH G 4 .   ? 6.265   14.500  -5.456  1.00 48.23 ? 412 HOH A O   1 
HETATM 1406 O O   . HOH G 4 .   ? 9.162   16.041  -3.700  1.00 43.66 ? 413 HOH A O   1 
HETATM 1407 O O   . HOH G 4 .   ? 21.674  1.443   3.746   1.00 42.95 ? 414 HOH A O   1 
HETATM 1408 O O   . HOH G 4 .   ? 3.053   9.870   -5.580  1.00 47.09 ? 415 HOH A O   1 
HETATM 1409 O O   . HOH G 4 .   ? 16.012  -1.225  -11.773 1.00 46.31 ? 416 HOH A O   1 
HETATM 1410 O O   . HOH G 4 .   ? 9.657   -4.670  5.863   1.00 42.48 ? 417 HOH A O   1 
HETATM 1411 O O   . HOH G 4 .   ? -12.908 -10.200 13.644  1.00 37.20 ? 418 HOH A O   1 
HETATM 1412 O O   . HOH G 4 .   ? -1.142  10.619  -4.453  1.00 50.57 ? 419 HOH A O   1 
HETATM 1413 O O   . HOH G 4 .   ? -16.200 -14.022 -8.111  1.00 61.54 ? 420 HOH A O   1 
# 
